data_3RV8
#
_entry.id   3RV8
#
_cell.length_a   87.152
_cell.length_b   115.939
_cell.length_c   95.852
_cell.angle_alpha   90.00
_cell.angle_beta   91.44
_cell.angle_gamma   90.00
#
_symmetry.space_group_name_H-M   'P 1 21 1'
#
loop_
_entity.id
_entity.type
_entity.pdbx_description
1 polymer 'Isochorismate synthase/isochorismate-pyruvate lyase mbtI'
2 non-polymer '3-{[(Z)-1-carboxy-2-cyclopropylethenyl]oxy}-2-hydroxybenzoic acid'
3 non-polymer '3-{[(E)-1-carboxy-2-cyclopropylethenyl]oxy}-2-hydroxybenzoic acid'
4 water water
#
_entity_poly.entity_id   1
_entity_poly.type   'polypeptide(L)'
_entity_poly.pdbx_seq_one_letter_code
;MSELSVATGAVSTASSSIPMPAGVNPADLAAELAAVVTESVDEDYLLYECDGQWVLAAGVQAMVELDSDELRVIRDGVTR
RQQWSGRPGAALGEAVDRLLLETDQAFGWVAFEFGVHRYGLQQRLAPHTPLARVFSPRTRIMVSEKEIRLFDAGIRHREA
IDRLLATGVREVPQSRSVDVSDDPSGFRRRVAVAVDEIAAGRYHKVILSRCVEVPFAIDFPLTYRLGRRHNTPVRSFLLQ
LGGIRALGYSPELVTAVRADGVVITEPLAGTRALGRGPAIDRLARDDLESNSKEIVEHAISVRSSLEEITDIAEPGSAAV
IDFMTVRERGSVQHLGSTIRARLDPSSDRMAALEALFPAVTASGIPKAAGVEAIFRLDECPRGLYSGAVVMLSADGGLDA
ALTLRAAYQVGGRTWLRAGAGIIEESEPEREFEETCEKLSTLTPYLVARQ
;
_entity_poly.pdbx_strand_id   A,B,C,D
#
# COMPACT_ATOMS: atom_id res chain seq x y z
N SER A 15 -6.24 -26.96 -48.73
CA SER A 15 -7.39 -27.81 -48.52
C SER A 15 -7.85 -27.72 -47.09
N SER A 16 -9.10 -28.06 -46.90
CA SER A 16 -9.77 -28.19 -45.62
C SER A 16 -9.19 -29.26 -44.73
N SER A 17 -8.69 -30.31 -45.32
CA SER A 17 -8.36 -31.51 -44.61
C SER A 17 -6.92 -31.89 -44.76
N ILE A 18 -6.34 -32.34 -43.67
CA ILE A 18 -5.00 -32.81 -43.67
C ILE A 18 -5.01 -34.18 -43.05
N PRO A 19 -4.21 -35.08 -43.58
CA PRO A 19 -4.08 -36.39 -42.98
C PRO A 19 -3.32 -36.34 -41.67
N MET A 20 -3.78 -37.02 -40.65
CA MET A 20 -3.08 -37.07 -39.40
C MET A 20 -1.74 -37.82 -39.51
N PRO A 21 -0.67 -37.24 -38.99
CA PRO A 21 0.62 -37.90 -39.02
C PRO A 21 0.69 -39.14 -38.12
N ALA A 22 1.36 -40.16 -38.66
CA ALA A 22 1.49 -41.43 -37.98
C ALA A 22 2.28 -41.26 -36.72
N GLY A 23 1.88 -42.02 -35.74
CA GLY A 23 2.53 -42.02 -34.45
C GLY A 23 2.16 -40.85 -33.56
N VAL A 24 1.28 -39.97 -34.01
CA VAL A 24 1.00 -38.79 -33.23
C VAL A 24 -0.40 -38.84 -32.62
N ASN A 25 -0.43 -38.84 -31.30
CA ASN A 25 -1.62 -38.77 -30.53
C ASN A 25 -2.26 -37.45 -30.86
N PRO A 26 -3.57 -37.45 -30.93
CA PRO A 26 -4.36 -36.26 -31.20
C PRO A 26 -4.27 -35.20 -30.11
N ALA A 27 -4.26 -35.61 -28.86
CA ALA A 27 -4.13 -34.68 -27.76
C ALA A 27 -2.84 -33.97 -27.82
N ASP A 28 -1.78 -34.69 -28.12
CA ASP A 28 -0.50 -34.06 -28.24
C ASP A 28 -0.42 -33.08 -29.38
N LEU A 29 -0.89 -33.43 -30.55
CA LEU A 29 -0.88 -32.48 -31.64
C LEU A 29 -1.74 -31.24 -31.47
N ALA A 30 -2.95 -31.40 -30.99
CA ALA A 30 -3.83 -30.28 -30.73
C ALA A 30 -3.30 -29.29 -29.69
N ALA A 31 -2.73 -29.83 -28.62
CA ALA A 31 -2.06 -29.04 -27.62
C ALA A 31 -0.85 -28.30 -28.17
N GLU A 32 -0.10 -28.94 -29.03
CA GLU A 32 0.98 -28.30 -29.73
C GLU A 32 0.50 -27.19 -30.64
N LEU A 33 -0.59 -27.41 -31.35
CA LEU A 33 -1.15 -26.40 -32.19
C LEU A 33 -1.60 -25.22 -31.38
N ALA A 34 -2.19 -25.53 -30.23
CA ALA A 34 -2.68 -24.54 -29.33
C ALA A 34 -1.58 -23.64 -28.82
N ALA A 35 -0.46 -24.22 -28.43
CA ALA A 35 0.66 -23.40 -28.02
C ALA A 35 1.34 -22.62 -29.12
N VAL A 36 1.83 -23.32 -30.13
CA VAL A 36 2.58 -22.71 -31.19
C VAL A 36 1.86 -21.77 -32.16
N VAL A 37 0.77 -22.21 -32.74
CA VAL A 37 0.00 -21.43 -33.71
C VAL A 37 -0.64 -20.16 -33.21
N THR A 38 -1.22 -20.21 -32.03
CA THR A 38 -1.81 -19.08 -31.36
C THR A 38 -0.83 -17.99 -30.92
N GLU A 39 0.32 -18.37 -30.43
CA GLU A 39 1.31 -17.40 -30.05
C GLU A 39 1.79 -16.63 -31.26
N SER A 40 1.87 -17.34 -32.36
CA SER A 40 2.33 -16.82 -33.61
C SER A 40 1.48 -15.71 -34.12
N VAL A 41 0.17 -15.87 -33.99
CA VAL A 41 -0.78 -14.91 -34.52
C VAL A 41 -1.40 -14.00 -33.47
N ASP A 42 -0.80 -14.00 -32.29
CA ASP A 42 -1.24 -13.20 -31.16
C ASP A 42 -2.69 -13.45 -30.75
N GLU A 43 -3.03 -14.70 -30.55
CA GLU A 43 -4.39 -14.95 -30.18
C GLU A 43 -4.64 -15.87 -29.00
N ASP A 44 -5.74 -15.59 -28.33
CA ASP A 44 -6.36 -16.42 -27.34
C ASP A 44 -6.99 -17.65 -27.96
N TYR A 45 -7.20 -18.68 -27.15
CA TYR A 45 -7.70 -19.97 -27.59
C TYR A 45 -8.42 -20.76 -26.49
N LEU A 46 -9.28 -21.66 -26.90
CA LEU A 46 -9.78 -22.75 -26.10
C LEU A 46 -9.73 -24.06 -26.88
N LEU A 47 -9.16 -25.08 -26.29
CA LEU A 47 -9.17 -26.40 -26.86
C LEU A 47 -10.08 -27.28 -26.06
N TYR A 48 -10.99 -27.94 -26.75
CA TYR A 48 -11.94 -28.82 -26.11
C TYR A 48 -11.94 -30.22 -26.67
N GLU A 49 -11.79 -31.21 -25.82
CA GLU A 49 -11.91 -32.60 -26.20
C GLU A 49 -13.31 -33.15 -25.95
N CYS A 50 -13.97 -33.55 -27.02
CA CYS A 50 -15.25 -34.20 -26.96
C CYS A 50 -15.31 -35.40 -27.89
N ASP A 51 -15.49 -36.59 -27.36
CA ASP A 51 -15.76 -37.79 -28.16
C ASP A 51 -14.80 -38.05 -29.34
N GLY A 52 -13.52 -38.01 -29.06
CA GLY A 52 -12.47 -38.26 -30.01
C GLY A 52 -12.08 -37.09 -30.88
N GLN A 53 -12.73 -35.97 -30.72
CA GLN A 53 -12.38 -34.77 -31.44
C GLN A 53 -11.76 -33.76 -30.52
N TRP A 54 -10.66 -33.20 -30.90
CA TRP A 54 -10.09 -32.14 -30.15
C TRP A 54 -10.31 -30.91 -30.97
N VAL A 55 -11.11 -29.99 -30.49
CA VAL A 55 -11.39 -28.78 -31.23
C VAL A 55 -10.60 -27.62 -30.68
N LEU A 56 -9.79 -27.01 -31.52
CA LEU A 56 -9.08 -25.84 -31.13
C LEU A 56 -9.82 -24.64 -31.70
N ALA A 57 -10.41 -23.87 -30.82
CA ALA A 57 -11.00 -22.63 -31.22
C ALA A 57 -10.01 -21.50 -31.02
N ALA A 58 -9.47 -21.01 -32.10
CA ALA A 58 -8.37 -20.06 -32.08
C ALA A 58 -8.76 -18.67 -32.50
N GLY A 59 -8.52 -17.72 -31.63
CA GLY A 59 -8.70 -16.32 -31.90
C GLY A 59 -10.05 -15.84 -31.48
N VAL A 60 -10.12 -14.71 -30.80
CA VAL A 60 -11.39 -14.24 -30.36
C VAL A 60 -11.99 -13.32 -31.39
N GLN A 61 -12.85 -13.85 -32.23
CA GLN A 61 -13.59 -13.07 -33.18
C GLN A 61 -14.56 -12.09 -32.58
N ALA A 62 -15.36 -12.56 -31.65
CA ALA A 62 -16.29 -11.77 -30.87
C ALA A 62 -16.40 -12.41 -29.51
N MET A 63 -16.67 -11.64 -28.48
CA MET A 63 -16.71 -12.12 -27.12
C MET A 63 -17.94 -11.70 -26.34
N VAL A 64 -18.54 -12.64 -25.67
CA VAL A 64 -19.56 -12.36 -24.73
C VAL A 64 -19.07 -12.54 -23.29
N GLU A 65 -19.11 -11.47 -22.53
CA GLU A 65 -18.79 -11.51 -21.14
C GLU A 65 -20.02 -11.22 -20.34
N LEU A 66 -20.48 -12.20 -19.59
CA LEU A 66 -21.58 -12.03 -18.72
C LEU A 66 -21.11 -11.98 -17.30
N ASP A 67 -21.27 -10.84 -16.68
CA ASP A 67 -20.92 -10.59 -15.30
C ASP A 67 -22.17 -10.43 -14.48
N SER A 68 -22.02 -10.39 -13.19
CA SER A 68 -23.15 -10.29 -12.31
C SER A 68 -23.96 -9.02 -12.54
N ASP A 69 -23.27 -7.92 -12.75
CA ASP A 69 -23.83 -6.63 -12.95
C ASP A 69 -23.84 -6.09 -14.38
N GLU A 70 -23.32 -6.81 -15.34
CA GLU A 70 -23.24 -6.30 -16.70
C GLU A 70 -23.10 -7.38 -17.74
N LEU A 71 -23.51 -7.09 -18.95
CA LEU A 71 -23.23 -7.94 -20.08
C LEU A 71 -22.51 -7.17 -21.18
N ARG A 72 -21.40 -7.70 -21.62
CA ARG A 72 -20.58 -7.07 -22.60
C ARG A 72 -20.44 -7.93 -23.79
N VAL A 73 -20.61 -7.30 -24.93
CA VAL A 73 -20.30 -7.92 -26.17
C VAL A 73 -19.26 -7.09 -26.87
N ILE A 74 -18.12 -7.70 -27.17
CA ILE A 74 -17.04 -7.00 -27.77
C ILE A 74 -16.79 -7.50 -29.17
N ARG A 75 -17.07 -6.68 -30.16
CA ARG A 75 -16.82 -7.05 -31.53
C ARG A 75 -16.12 -6.01 -32.33
N ASP A 76 -15.04 -6.39 -32.98
CA ASP A 76 -14.41 -5.49 -33.92
C ASP A 76 -13.79 -4.36 -33.18
N GLY A 77 -13.56 -4.54 -31.90
CA GLY A 77 -12.96 -3.52 -31.10
C GLY A 77 -13.96 -2.63 -30.44
N VAL A 78 -15.23 -2.88 -30.65
CA VAL A 78 -16.26 -2.13 -29.98
C VAL A 78 -16.97 -2.91 -28.85
N THR A 79 -16.94 -2.36 -27.66
CA THR A 79 -17.53 -2.98 -26.50
C THR A 79 -18.86 -2.35 -26.21
N ARG A 80 -19.91 -3.15 -26.18
N ARG A 80 -19.89 -3.17 -26.21
CA ARG A 80 -21.22 -2.65 -26.03
CA ARG A 80 -21.22 -2.70 -26.01
C ARG A 80 -21.80 -3.30 -24.80
C ARG A 80 -21.74 -3.32 -24.76
N ARG A 81 -22.10 -2.47 -23.83
CA ARG A 81 -22.40 -2.75 -22.47
C ARG A 81 -23.86 -2.67 -22.27
N GLN A 82 -24.40 -3.63 -21.56
CA GLN A 82 -25.79 -3.67 -21.20
C GLN A 82 -26.01 -4.15 -19.78
N GLN A 83 -27.02 -3.60 -19.15
CA GLN A 83 -27.59 -4.15 -17.97
C GLN A 83 -28.54 -5.28 -18.32
N TRP A 84 -28.70 -6.22 -17.41
CA TRP A 84 -29.53 -7.36 -17.63
C TRP A 84 -30.21 -7.74 -16.34
N SER A 85 -31.35 -8.39 -16.45
CA SER A 85 -32.12 -8.84 -15.32
C SER A 85 -32.67 -10.21 -15.60
N GLY A 86 -33.25 -10.84 -14.60
CA GLY A 86 -33.78 -12.16 -14.79
C GLY A 86 -32.75 -13.23 -14.74
N ARG A 87 -32.97 -14.29 -15.50
CA ARG A 87 -32.11 -15.45 -15.49
C ARG A 87 -30.83 -15.24 -16.26
N PRO A 88 -29.71 -15.70 -15.73
CA PRO A 88 -28.45 -15.58 -16.43
C PRO A 88 -28.40 -16.34 -17.74
N GLY A 89 -29.03 -17.50 -17.81
CA GLY A 89 -29.11 -18.29 -19.02
C GLY A 89 -29.82 -17.62 -20.17
N ALA A 90 -30.90 -16.94 -19.88
CA ALA A 90 -31.59 -16.15 -20.87
C ALA A 90 -30.75 -15.02 -21.37
N ALA A 91 -30.06 -14.34 -20.48
CA ALA A 91 -29.15 -13.31 -20.89
C ALA A 91 -28.01 -13.80 -21.76
N LEU A 92 -27.39 -14.88 -21.34
CA LEU A 92 -26.32 -15.50 -22.06
C LEU A 92 -26.78 -16.08 -23.36
N GLY A 93 -27.94 -16.70 -23.36
CA GLY A 93 -28.48 -17.32 -24.54
C GLY A 93 -28.75 -16.34 -25.66
N GLU A 94 -29.29 -15.20 -25.33
CA GLU A 94 -29.57 -14.23 -26.34
C GLU A 94 -28.34 -13.74 -27.03
N ALA A 95 -27.32 -13.38 -26.27
CA ALA A 95 -26.05 -12.95 -26.82
C ALA A 95 -25.26 -13.98 -27.63
N VAL A 96 -25.25 -15.20 -27.15
CA VAL A 96 -24.62 -16.30 -27.82
C VAL A 96 -25.29 -16.69 -29.13
N ASP A 97 -26.60 -16.57 -29.18
CA ASP A 97 -27.39 -16.82 -30.37
C ASP A 97 -26.99 -15.87 -31.48
N ARG A 98 -26.73 -14.63 -31.13
CA ARG A 98 -26.24 -13.67 -32.08
C ARG A 98 -24.90 -13.99 -32.71
N LEU A 99 -23.94 -14.48 -31.92
CA LEU A 99 -22.66 -14.92 -32.41
C LEU A 99 -22.78 -16.06 -33.38
N LEU A 100 -23.69 -16.96 -33.06
CA LEU A 100 -23.89 -18.14 -33.84
C LEU A 100 -24.59 -17.93 -35.21
N LEU A 101 -25.18 -16.77 -35.43
CA LEU A 101 -25.64 -16.37 -36.74
C LEU A 101 -24.49 -16.13 -37.65
N GLU A 102 -23.51 -15.43 -37.13
CA GLU A 102 -22.24 -15.22 -37.79
C GLU A 102 -21.27 -16.40 -37.97
N THR A 103 -21.05 -17.20 -36.94
CA THR A 103 -20.22 -18.41 -37.07
C THR A 103 -20.80 -19.68 -36.41
N ASP A 104 -20.34 -20.84 -36.87
CA ASP A 104 -20.88 -22.15 -36.58
C ASP A 104 -20.83 -22.58 -35.12
N GLN A 105 -19.79 -22.20 -34.41
CA GLN A 105 -19.55 -22.66 -33.07
C GLN A 105 -19.04 -21.58 -32.14
N ALA A 106 -19.34 -21.72 -30.86
CA ALA A 106 -18.91 -20.84 -29.82
C ALA A 106 -18.39 -21.61 -28.64
N PHE A 107 -17.43 -21.07 -27.96
CA PHE A 107 -16.73 -21.75 -26.92
C PHE A 107 -16.54 -20.85 -25.74
N GLY A 108 -16.39 -21.46 -24.59
CA GLY A 108 -16.26 -20.73 -23.37
C GLY A 108 -16.24 -21.52 -22.11
N TRP A 109 -16.37 -20.80 -21.02
CA TRP A 109 -16.49 -21.33 -19.69
C TRP A 109 -17.57 -20.60 -18.93
N VAL A 110 -18.17 -21.28 -17.99
CA VAL A 110 -19.25 -20.78 -17.18
C VAL A 110 -18.83 -20.96 -15.73
N ALA A 111 -18.94 -19.92 -14.94
CA ALA A 111 -18.61 -19.97 -13.54
C ALA A 111 -19.63 -20.71 -12.69
N PHE A 112 -19.19 -21.11 -11.52
CA PHE A 112 -20.04 -21.69 -10.51
C PHE A 112 -21.10 -20.68 -10.17
N GLU A 113 -20.73 -19.43 -10.20
CA GLU A 113 -21.56 -18.35 -9.81
C GLU A 113 -22.77 -18.13 -10.74
N PHE A 114 -22.72 -18.71 -11.93
CA PHE A 114 -23.78 -18.71 -12.91
C PHE A 114 -25.05 -19.39 -12.41
N GLY A 115 -24.87 -20.40 -11.58
CA GLY A 115 -25.93 -21.18 -11.01
C GLY A 115 -26.54 -20.73 -9.70
N VAL A 116 -26.12 -19.60 -9.17
CA VAL A 116 -26.69 -19.07 -7.94
C VAL A 116 -28.00 -18.23 -8.02
N HIS A 117 -28.30 -17.66 -9.16
CA HIS A 117 -29.49 -16.85 -9.36
C HIS A 117 -30.81 -17.60 -9.23
N ARG A 118 -30.81 -18.84 -9.65
CA ARG A 118 -31.96 -19.70 -9.60
C ARG A 118 -32.34 -19.97 -8.17
N TYR A 119 -31.39 -19.82 -7.28
CA TYR A 119 -31.66 -19.96 -5.88
C TYR A 119 -31.77 -18.63 -5.18
N GLY A 120 -31.84 -17.57 -5.96
CA GLY A 120 -31.94 -16.24 -5.42
C GLY A 120 -30.78 -15.80 -4.55
N LEU A 121 -29.60 -16.29 -4.82
CA LEU A 121 -28.41 -15.94 -4.07
C LEU A 121 -27.54 -14.85 -4.70
N GLN A 122 -28.00 -14.23 -5.76
CA GLN A 122 -27.19 -13.32 -6.55
C GLN A 122 -26.72 -12.08 -5.84
N GLN A 123 -27.45 -11.68 -4.81
CA GLN A 123 -27.14 -10.50 -4.04
C GLN A 123 -25.85 -10.64 -3.28
N ARG A 124 -25.48 -11.86 -2.99
CA ARG A 124 -24.21 -12.17 -2.39
C ARG A 124 -22.97 -11.84 -3.23
N LEU A 125 -23.11 -11.81 -4.56
CA LEU A 125 -22.01 -11.57 -5.46
C LEU A 125 -21.54 -10.14 -5.53
N ALA A 126 -20.23 -9.96 -5.49
CA ALA A 126 -19.65 -8.66 -5.67
C ALA A 126 -19.86 -8.25 -7.10
N PRO A 127 -19.79 -6.96 -7.33
CA PRO A 127 -19.91 -6.42 -8.68
C PRO A 127 -18.73 -6.85 -9.51
N HIS A 128 -18.93 -6.98 -10.79
CA HIS A 128 -17.96 -7.51 -11.72
C HIS A 128 -17.59 -8.94 -11.40
N THR A 129 -18.48 -9.71 -10.81
CA THR A 129 -18.26 -11.14 -10.69
C THR A 129 -18.57 -11.82 -12.01
N PRO A 130 -17.60 -12.49 -12.58
CA PRO A 130 -17.82 -13.18 -13.83
C PRO A 130 -18.73 -14.39 -13.67
N LEU A 131 -19.65 -14.55 -14.60
CA LEU A 131 -20.53 -15.68 -14.69
C LEU A 131 -20.23 -16.61 -15.86
N ALA A 132 -19.96 -16.02 -17.01
CA ALA A 132 -19.58 -16.70 -18.21
C ALA A 132 -18.74 -15.90 -19.22
N ARG A 133 -17.86 -16.57 -19.93
CA ARG A 133 -17.17 -16.02 -21.05
C ARG A 133 -17.35 -16.92 -22.26
N VAL A 134 -18.03 -16.44 -23.28
CA VAL A 134 -18.25 -17.21 -24.47
C VAL A 134 -17.84 -16.47 -25.71
N PHE A 135 -17.06 -17.10 -26.54
CA PHE A 135 -16.52 -16.50 -27.71
C PHE A 135 -16.70 -17.29 -29.00
N SER A 136 -16.69 -16.60 -30.10
CA SER A 136 -16.61 -17.24 -31.36
C SER A 136 -15.23 -17.07 -31.98
N PRO A 137 -14.67 -18.16 -32.41
CA PRO A 137 -13.32 -18.20 -32.92
C PRO A 137 -13.12 -17.64 -34.30
N ARG A 138 -11.99 -17.02 -34.50
CA ARG A 138 -11.51 -16.69 -35.81
C ARG A 138 -11.20 -17.93 -36.69
N THR A 139 -10.54 -18.93 -36.14
CA THR A 139 -10.23 -20.16 -36.84
C THR A 139 -10.57 -21.36 -35.99
N ARG A 140 -10.90 -22.48 -36.61
CA ARG A 140 -11.03 -23.75 -35.94
C ARG A 140 -10.19 -24.86 -36.50
N ILE A 141 -9.52 -25.60 -35.64
CA ILE A 141 -8.83 -26.77 -36.04
C ILE A 141 -9.32 -27.98 -35.27
N MET A 142 -9.73 -29.02 -35.97
CA MET A 142 -10.22 -30.21 -35.31
C MET A 142 -9.32 -31.39 -35.49
N VAL A 143 -8.82 -31.89 -34.38
CA VAL A 143 -7.91 -32.99 -34.39
C VAL A 143 -8.55 -34.26 -33.84
N SER A 144 -8.45 -35.29 -34.64
CA SER A 144 -8.88 -36.60 -34.27
C SER A 144 -7.82 -37.62 -34.70
N GLU A 145 -8.10 -38.90 -34.50
CA GLU A 145 -7.14 -39.95 -34.82
C GLU A 145 -6.80 -39.98 -36.30
N LYS A 146 -7.84 -39.83 -37.12
CA LYS A 146 -7.73 -39.90 -38.56
C LYS A 146 -7.33 -38.59 -39.25
N GLU A 147 -7.95 -37.47 -38.85
CA GLU A 147 -7.71 -36.26 -39.61
C GLU A 147 -7.68 -34.93 -38.90
N ILE A 148 -7.23 -33.93 -39.63
CA ILE A 148 -7.19 -32.58 -39.18
C ILE A 148 -8.06 -31.80 -40.12
N ARG A 149 -9.02 -31.09 -39.57
CA ARG A 149 -9.92 -30.29 -40.35
C ARG A 149 -9.78 -28.83 -40.02
N LEU A 150 -9.77 -28.01 -41.04
CA LEU A 150 -9.55 -26.61 -40.87
C LEU A 150 -10.78 -25.83 -41.27
N PHE A 151 -11.11 -24.84 -40.47
CA PHE A 151 -12.23 -24.00 -40.68
C PHE A 151 -11.77 -22.57 -40.55
N ASP A 152 -12.03 -21.76 -41.55
CA ASP A 152 -11.71 -20.35 -41.52
C ASP A 152 -10.26 -20.08 -41.20
N ALA A 153 -9.37 -20.85 -41.79
CA ALA A 153 -7.99 -20.68 -41.54
C ALA A 153 -7.34 -19.95 -42.69
N GLY A 154 -6.74 -18.82 -42.35
CA GLY A 154 -6.00 -17.98 -43.25
C GLY A 154 -4.64 -18.58 -43.47
N ILE A 155 -3.86 -17.94 -44.33
CA ILE A 155 -2.56 -18.46 -44.67
C ILE A 155 -1.73 -18.47 -43.43
N ARG A 156 -1.90 -17.44 -42.62
CA ARG A 156 -1.14 -17.26 -41.43
C ARG A 156 -1.27 -18.45 -40.50
N HIS A 157 -2.51 -18.82 -40.22
CA HIS A 157 -2.81 -20.00 -39.43
C HIS A 157 -2.37 -21.24 -40.12
N ARG A 158 -2.66 -21.29 -41.41
CA ARG A 158 -2.39 -22.44 -42.25
C ARG A 158 -0.92 -22.70 -42.38
N GLU A 159 -0.16 -21.64 -42.58
CA GLU A 159 1.27 -21.74 -42.61
C GLU A 159 1.81 -22.22 -41.27
N ALA A 160 1.26 -21.71 -40.19
CA ALA A 160 1.69 -22.13 -38.86
C ALA A 160 1.41 -23.59 -38.54
N ILE A 161 0.25 -24.08 -38.91
CA ILE A 161 -0.09 -25.46 -38.69
C ILE A 161 0.89 -26.31 -39.46
N ASP A 162 1.14 -25.88 -40.69
CA ASP A 162 2.04 -26.53 -41.62
C ASP A 162 3.46 -26.61 -41.08
N ARG A 163 3.96 -25.53 -40.50
CA ARG A 163 5.26 -25.55 -39.88
C ARG A 163 5.39 -26.51 -38.69
N LEU A 164 4.37 -26.54 -37.85
CA LEU A 164 4.32 -27.43 -36.73
C LEU A 164 4.26 -28.88 -37.15
N LEU A 165 3.46 -29.14 -38.15
CA LEU A 165 3.18 -30.49 -38.55
C LEU A 165 4.47 -31.14 -39.00
N ALA A 166 5.29 -30.35 -39.71
CA ALA A 166 6.62 -30.73 -40.10
C ALA A 166 7.58 -30.94 -38.94
N THR A 167 7.56 -30.00 -38.00
CA THR A 167 8.44 -30.07 -36.86
C THR A 167 8.14 -31.26 -35.98
N GLY A 168 6.87 -31.55 -35.78
CA GLY A 168 6.49 -32.63 -34.90
C GLY A 168 6.33 -32.10 -33.51
N VAL A 169 5.83 -32.91 -32.61
CA VAL A 169 5.60 -32.42 -31.25
C VAL A 169 6.84 -32.39 -30.40
N ARG A 170 6.90 -31.43 -29.50
CA ARG A 170 7.94 -31.32 -28.50
C ARG A 170 7.93 -32.48 -27.52
N GLU A 171 9.09 -32.88 -27.05
CA GLU A 171 9.17 -33.84 -25.96
C GLU A 171 8.74 -33.18 -24.67
N VAL A 172 7.95 -33.87 -23.86
CA VAL A 172 7.54 -33.32 -22.60
C VAL A 172 8.64 -33.51 -21.58
N PRO A 173 8.96 -32.42 -20.93
CA PRO A 173 10.00 -32.35 -19.94
C PRO A 173 9.57 -33.03 -18.70
N GLN A 174 10.49 -33.22 -17.83
CA GLN A 174 10.15 -33.83 -16.59
C GLN A 174 9.31 -32.91 -15.74
N SER A 175 8.36 -33.47 -15.04
CA SER A 175 7.50 -32.74 -14.15
C SER A 175 8.14 -32.28 -12.85
N ARG A 176 7.52 -31.32 -12.19
CA ARG A 176 8.04 -30.75 -10.97
C ARG A 176 7.00 -30.87 -9.88
N SER A 177 7.43 -31.38 -8.75
CA SER A 177 6.52 -31.66 -7.67
C SER A 177 6.09 -30.49 -6.82
N VAL A 178 4.98 -30.68 -6.14
CA VAL A 178 4.38 -29.68 -5.28
C VAL A 178 3.84 -30.35 -4.03
N ASP A 179 3.87 -29.67 -2.90
CA ASP A 179 3.36 -30.25 -1.68
C ASP A 179 1.95 -29.84 -1.38
N VAL A 180 1.07 -30.82 -1.26
CA VAL A 180 -0.32 -30.57 -0.95
C VAL A 180 -0.74 -30.76 0.50
N SER A 181 0.20 -31.05 1.39
CA SER A 181 -0.08 -31.32 2.81
C SER A 181 -0.53 -30.19 3.71
N ASP A 182 -0.21 -28.97 3.38
CA ASP A 182 -0.64 -27.83 4.15
C ASP A 182 -2.13 -27.60 4.09
N ASP A 183 -2.69 -27.03 5.14
CA ASP A 183 -4.07 -26.65 5.12
C ASP A 183 -4.28 -25.19 5.60
N PRO A 184 -3.86 -24.26 4.77
CA PRO A 184 -3.96 -22.83 5.00
C PRO A 184 -5.37 -22.30 5.10
N SER A 185 -6.30 -22.86 4.36
CA SER A 185 -7.69 -22.44 4.39
C SER A 185 -8.52 -23.18 5.43
N GLY A 186 -7.86 -24.03 6.20
CA GLY A 186 -8.55 -24.79 7.19
C GLY A 186 -9.68 -25.66 6.74
N PHE A 187 -9.39 -26.50 5.76
CA PHE A 187 -10.39 -27.32 5.17
C PHE A 187 -10.97 -28.22 6.24
N ARG A 188 -10.14 -28.76 7.11
CA ARG A 188 -10.60 -29.67 8.12
C ARG A 188 -11.60 -29.05 9.06
N ARG A 189 -11.31 -27.86 9.55
CA ARG A 189 -12.24 -27.19 10.42
C ARG A 189 -13.54 -26.84 9.73
N ARG A 190 -13.44 -26.42 8.49
CA ARG A 190 -14.61 -26.11 7.69
C ARG A 190 -15.47 -27.33 7.48
N VAL A 191 -14.84 -28.48 7.38
CA VAL A 191 -15.58 -29.70 7.23
C VAL A 191 -16.46 -29.94 8.45
N ALA A 192 -15.90 -29.71 9.61
CA ALA A 192 -16.56 -30.00 10.84
C ALA A 192 -17.82 -29.19 10.90
N VAL A 193 -17.71 -27.95 10.50
CA VAL A 193 -18.82 -27.07 10.57
C VAL A 193 -19.95 -27.60 9.71
N ALA A 194 -19.63 -28.15 8.55
CA ALA A 194 -20.61 -28.70 7.66
C ALA A 194 -21.32 -29.92 8.25
N VAL A 195 -20.55 -30.76 8.91
CA VAL A 195 -21.07 -31.92 9.56
C VAL A 195 -22.09 -31.52 10.61
N ASP A 196 -21.82 -30.46 11.37
CA ASP A 196 -22.73 -29.98 12.40
C ASP A 196 -24.01 -29.49 11.80
N GLU A 197 -23.90 -28.78 10.69
CA GLU A 197 -25.06 -28.27 10.00
C GLU A 197 -25.91 -29.37 9.41
N ILE A 198 -25.26 -30.41 8.94
CA ILE A 198 -25.94 -31.58 8.43
C ILE A 198 -26.69 -32.30 9.55
N ALA A 199 -26.02 -32.49 10.66
CA ALA A 199 -26.58 -33.13 11.83
C ALA A 199 -27.74 -32.34 12.37
N ALA A 200 -27.68 -31.04 12.22
CA ALA A 200 -28.74 -30.16 12.63
C ALA A 200 -29.82 -30.09 11.60
N GLY A 201 -29.65 -30.87 10.55
CA GLY A 201 -30.64 -30.99 9.50
C GLY A 201 -30.82 -29.85 8.56
N ARG A 202 -29.81 -29.01 8.41
CA ARG A 202 -29.86 -27.92 7.45
C ARG A 202 -29.86 -28.33 5.98
N TYR A 203 -29.04 -29.33 5.66
CA TYR A 203 -28.91 -29.97 4.34
C TYR A 203 -28.33 -31.37 4.50
N HIS A 204 -28.56 -32.24 3.53
CA HIS A 204 -27.96 -33.57 3.43
C HIS A 204 -26.50 -33.65 3.09
N LYS A 205 -26.08 -32.89 2.09
CA LYS A 205 -24.73 -32.94 1.57
C LYS A 205 -24.20 -31.57 1.11
N VAL A 206 -22.89 -31.34 1.27
CA VAL A 206 -22.16 -30.25 0.62
C VAL A 206 -20.80 -30.69 0.19
N ILE A 207 -20.32 -30.10 -0.88
CA ILE A 207 -18.96 -30.31 -1.32
C ILE A 207 -18.19 -29.06 -0.96
N LEU A 208 -17.10 -29.24 -0.24
CA LEU A 208 -16.24 -28.16 0.15
C LEU A 208 -14.86 -28.45 -0.39
N SER A 209 -14.11 -27.41 -0.68
CA SER A 209 -12.86 -27.56 -1.40
C SER A 209 -11.77 -26.70 -0.81
N ARG A 210 -10.56 -26.97 -1.23
CA ARG A 210 -9.42 -26.16 -0.89
C ARG A 210 -8.54 -25.87 -2.12
N CYS A 211 -7.93 -24.72 -2.10
CA CYS A 211 -7.01 -24.30 -3.13
C CYS A 211 -5.61 -24.64 -2.71
N VAL A 212 -4.78 -25.06 -3.65
CA VAL A 212 -3.40 -25.28 -3.40
C VAL A 212 -2.58 -24.46 -4.36
N GLU A 213 -1.80 -23.54 -3.84
CA GLU A 213 -0.95 -22.76 -4.69
C GLU A 213 0.23 -23.52 -5.18
N VAL A 214 0.58 -23.31 -6.43
CA VAL A 214 1.72 -23.91 -7.02
C VAL A 214 2.72 -22.79 -7.06
N PRO A 215 3.91 -23.02 -6.52
CA PRO A 215 4.87 -21.96 -6.24
C PRO A 215 5.79 -21.63 -7.37
N PHE A 216 5.54 -22.23 -8.52
CA PHE A 216 6.26 -21.99 -9.73
C PHE A 216 5.28 -21.85 -10.87
N ALA A 217 5.67 -21.18 -11.93
CA ALA A 217 4.84 -21.12 -13.12
C ALA A 217 4.90 -22.42 -13.89
N ILE A 218 3.78 -22.82 -14.47
CA ILE A 218 3.75 -24.00 -15.27
C ILE A 218 3.51 -23.68 -16.75
N ASP A 219 3.91 -24.59 -17.61
CA ASP A 219 3.59 -24.49 -19.01
C ASP A 219 2.27 -25.23 -19.19
N PHE A 220 1.22 -24.50 -19.53
CA PHE A 220 -0.09 -25.11 -19.63
C PHE A 220 -0.29 -26.17 -20.72
N PRO A 221 0.12 -25.92 -21.94
CA PRO A 221 -0.01 -26.95 -22.94
C PRO A 221 0.80 -28.21 -22.67
N LEU A 222 2.03 -28.08 -22.24
CA LEU A 222 2.86 -29.22 -21.83
C LEU A 222 2.36 -29.99 -20.61
N THR A 223 1.86 -29.33 -19.61
CA THR A 223 1.19 -29.99 -18.53
C THR A 223 -0.08 -30.70 -19.02
N TYR A 224 -0.84 -30.10 -19.91
CA TYR A 224 -2.01 -30.74 -20.40
C TYR A 224 -1.68 -32.06 -21.10
N ARG A 225 -0.63 -32.09 -21.90
CA ARG A 225 -0.18 -33.30 -22.52
C ARG A 225 0.28 -34.38 -21.56
N LEU A 226 1.08 -34.03 -20.58
CA LEU A 226 1.52 -34.98 -19.63
C LEU A 226 0.37 -35.58 -18.85
N GLY A 227 -0.53 -34.75 -18.37
CA GLY A 227 -1.68 -35.21 -17.67
C GLY A 227 -2.65 -36.06 -18.44
N ARG A 228 -2.82 -35.75 -19.72
CA ARG A 228 -3.75 -36.43 -20.57
C ARG A 228 -3.35 -37.88 -20.79
N ARG A 229 -2.05 -38.11 -20.77
CA ARG A 229 -1.40 -39.40 -20.88
C ARG A 229 -1.76 -40.33 -19.74
N HIS A 230 -2.02 -39.76 -18.59
CA HIS A 230 -2.31 -40.53 -17.42
C HIS A 230 -3.71 -40.36 -16.89
N ASN A 231 -4.58 -39.75 -17.69
CA ASN A 231 -5.95 -39.52 -17.32
C ASN A 231 -6.86 -39.86 -18.48
N THR A 232 -7.98 -40.50 -18.22
CA THR A 232 -8.97 -40.72 -19.25
C THR A 232 -10.29 -40.09 -18.81
N PRO A 233 -10.51 -38.85 -19.21
CA PRO A 233 -11.62 -38.06 -18.73
C PRO A 233 -12.86 -38.06 -19.62
N VAL A 234 -13.97 -37.66 -19.08
CA VAL A 234 -15.19 -37.52 -19.85
C VAL A 234 -15.05 -36.48 -20.96
N ARG A 235 -14.43 -35.36 -20.63
CA ARG A 235 -14.09 -34.31 -21.56
C ARG A 235 -12.83 -33.67 -21.04
N SER A 236 -12.12 -32.94 -21.87
CA SER A 236 -11.00 -32.17 -21.39
C SER A 236 -10.84 -30.82 -22.07
N PHE A 237 -10.04 -29.95 -21.47
CA PHE A 237 -9.83 -28.62 -21.97
C PHE A 237 -8.46 -28.02 -21.70
N LEU A 238 -8.06 -27.12 -22.56
CA LEU A 238 -6.96 -26.23 -22.33
C LEU A 238 -7.25 -24.86 -22.92
N LEU A 239 -7.09 -23.82 -22.15
CA LEU A 239 -7.39 -22.50 -22.62
C LEU A 239 -6.42 -21.40 -22.23
N GLN A 240 -6.38 -20.38 -23.06
CA GLN A 240 -5.87 -19.08 -22.72
C GLN A 240 -6.86 -18.03 -23.14
N LEU A 241 -7.57 -17.49 -22.18
CA LEU A 241 -8.64 -16.57 -22.45
C LEU A 241 -8.77 -15.44 -21.47
N GLY A 242 -8.66 -14.24 -21.95
CA GLY A 242 -8.84 -13.07 -21.12
C GLY A 242 -8.00 -12.96 -19.87
N GLY A 243 -6.73 -13.29 -19.98
CA GLY A 243 -5.82 -13.32 -18.87
C GLY A 243 -5.82 -14.58 -18.06
N ILE A 244 -6.61 -15.56 -18.41
CA ILE A 244 -6.68 -16.80 -17.68
C ILE A 244 -6.10 -17.93 -18.47
N ARG A 245 -5.21 -18.68 -17.84
CA ARG A 245 -4.83 -19.99 -18.29
C ARG A 245 -5.48 -21.07 -17.43
N ALA A 246 -6.03 -22.09 -18.08
CA ALA A 246 -6.57 -23.23 -17.42
C ALA A 246 -6.48 -24.51 -18.21
N LEU A 247 -6.50 -25.62 -17.52
CA LEU A 247 -6.55 -26.93 -18.11
C LEU A 247 -7.34 -27.81 -17.20
N GLY A 248 -7.93 -28.86 -17.70
CA GLY A 248 -8.62 -29.79 -16.85
C GLY A 248 -9.00 -31.13 -17.44
N TYR A 249 -9.23 -32.10 -16.59
CA TYR A 249 -9.79 -33.36 -17.01
C TYR A 249 -11.17 -33.55 -16.37
N SER A 250 -12.21 -33.20 -17.11
CA SER A 250 -13.56 -33.21 -16.58
C SER A 250 -14.12 -34.59 -16.34
N PRO A 251 -14.57 -34.82 -15.12
CA PRO A 251 -15.02 -36.14 -14.72
C PRO A 251 -16.49 -36.42 -14.97
N GLU A 252 -17.25 -35.43 -15.39
CA GLU A 252 -18.66 -35.57 -15.58
C GLU A 252 -19.15 -34.65 -16.67
N LEU A 253 -20.23 -35.04 -17.33
CA LEU A 253 -20.93 -34.19 -18.26
C LEU A 253 -22.12 -33.60 -17.58
N VAL A 254 -22.16 -32.29 -17.49
CA VAL A 254 -23.31 -31.61 -16.99
C VAL A 254 -24.49 -31.70 -17.92
N THR A 255 -24.29 -31.34 -19.17
CA THR A 255 -25.33 -31.41 -20.13
C THR A 255 -24.86 -31.57 -21.56
N ALA A 256 -25.54 -32.38 -22.34
CA ALA A 256 -25.39 -32.36 -23.76
C ALA A 256 -26.76 -32.20 -24.36
N VAL A 257 -26.93 -31.21 -25.21
CA VAL A 257 -28.17 -30.96 -25.90
C VAL A 257 -27.87 -31.16 -27.37
N ARG A 258 -28.62 -31.99 -28.05
CA ARG A 258 -28.44 -32.17 -29.48
C ARG A 258 -29.29 -31.24 -30.35
N ALA A 259 -28.95 -31.21 -31.63
CA ALA A 259 -29.64 -30.39 -32.61
C ALA A 259 -31.09 -30.80 -32.68
N ASP A 260 -31.33 -32.08 -32.46
CA ASP A 260 -32.67 -32.65 -32.49
C ASP A 260 -33.53 -32.36 -31.28
N GLY A 261 -32.93 -31.82 -30.23
CA GLY A 261 -33.60 -31.52 -29.00
C GLY A 261 -33.47 -32.50 -27.87
N VAL A 262 -32.69 -33.54 -28.08
CA VAL A 262 -32.46 -34.48 -27.01
C VAL A 262 -31.43 -33.93 -26.04
N VAL A 263 -31.82 -33.92 -24.77
CA VAL A 263 -31.00 -33.51 -23.66
C VAL A 263 -30.59 -34.71 -22.83
N ILE A 264 -29.35 -34.70 -22.41
CA ILE A 264 -28.73 -35.76 -21.69
C ILE A 264 -28.00 -35.12 -20.55
N THR A 265 -27.98 -35.79 -19.42
CA THR A 265 -27.08 -35.50 -18.34
C THR A 265 -26.64 -36.83 -17.82
N GLU A 266 -25.41 -36.94 -17.38
CA GLU A 266 -24.91 -38.22 -16.91
C GLU A 266 -24.21 -38.20 -15.58
N PRO A 267 -24.94 -38.18 -14.50
CA PRO A 267 -24.28 -38.13 -13.21
C PRO A 267 -23.56 -39.44 -12.84
N LEU A 268 -22.33 -39.29 -12.40
CA LEU A 268 -21.48 -40.41 -12.06
C LEU A 268 -21.31 -40.55 -10.54
N ALA A 269 -21.12 -41.78 -10.10
CA ALA A 269 -21.09 -42.10 -8.70
C ALA A 269 -19.74 -41.96 -8.07
N GLY A 270 -18.68 -42.22 -8.82
CA GLY A 270 -17.36 -42.05 -8.27
C GLY A 270 -16.85 -43.35 -7.71
N THR A 271 -15.97 -43.24 -6.70
CA THR A 271 -15.36 -44.40 -6.06
C THR A 271 -14.81 -45.39 -7.06
N ASP A 286 -17.70 -54.09 -8.56
CA ASP A 286 -17.95 -55.19 -7.63
C ASP A 286 -18.58 -54.72 -6.32
N ASP A 287 -17.77 -54.03 -5.52
CA ASP A 287 -18.27 -53.39 -4.32
C ASP A 287 -18.74 -51.96 -4.59
N LEU A 288 -18.47 -51.41 -5.77
CA LEU A 288 -19.14 -50.22 -6.22
C LEU A 288 -20.61 -50.51 -6.50
N GLU A 289 -20.85 -51.60 -7.18
CA GLU A 289 -22.21 -52.03 -7.45
C GLU A 289 -23.01 -52.36 -6.17
N SER A 290 -22.37 -52.81 -5.11
CA SER A 290 -23.13 -53.17 -3.92
C SER A 290 -23.09 -52.20 -2.76
N ASN A 291 -22.14 -51.30 -2.77
CA ASN A 291 -21.98 -50.43 -1.64
C ASN A 291 -23.14 -49.47 -1.44
N SER A 292 -23.69 -49.49 -0.25
CA SER A 292 -24.84 -48.67 0.08
C SER A 292 -24.64 -47.15 0.04
N LYS A 293 -23.50 -46.68 0.49
CA LYS A 293 -23.33 -45.26 0.61
C LYS A 293 -23.42 -44.65 -0.75
N GLU A 294 -22.78 -45.29 -1.71
CA GLU A 294 -22.78 -44.78 -3.05
C GLU A 294 -24.16 -44.80 -3.66
N ILE A 295 -24.86 -45.92 -3.47
CA ILE A 295 -26.15 -46.16 -4.08
C ILE A 295 -27.16 -45.19 -3.63
N VAL A 296 -27.21 -44.92 -2.34
CA VAL A 296 -28.11 -43.93 -1.83
C VAL A 296 -27.83 -42.57 -2.43
N GLU A 297 -26.58 -42.19 -2.47
CA GLU A 297 -26.18 -40.91 -3.01
C GLU A 297 -26.41 -40.76 -4.51
N HIS A 298 -26.11 -41.79 -5.25
CA HIS A 298 -26.33 -41.80 -6.68
C HIS A 298 -27.81 -41.71 -7.02
N ALA A 299 -28.63 -42.44 -6.28
CA ALA A 299 -30.07 -42.44 -6.46
C ALA A 299 -30.69 -41.11 -6.18
N ILE A 300 -30.22 -40.48 -5.13
CA ILE A 300 -30.67 -39.16 -4.77
C ILE A 300 -30.36 -38.15 -5.83
N SER A 301 -29.16 -38.25 -6.40
CA SER A 301 -28.73 -37.42 -7.51
C SER A 301 -29.56 -37.65 -8.75
N VAL A 302 -29.84 -38.90 -9.02
CA VAL A 302 -30.62 -39.29 -10.17
C VAL A 302 -31.99 -38.70 -10.03
N ARG A 303 -32.54 -38.74 -8.85
CA ARG A 303 -33.80 -38.13 -8.63
C ARG A 303 -33.74 -36.64 -8.86
N SER A 304 -32.67 -36.00 -8.43
CA SER A 304 -32.52 -34.56 -8.59
C SER A 304 -32.44 -34.11 -10.03
N SER A 305 -31.65 -34.80 -10.81
CA SER A 305 -31.48 -34.50 -12.20
C SER A 305 -32.75 -34.66 -12.98
N LEU A 306 -33.49 -35.71 -12.66
CA LEU A 306 -34.72 -36.04 -13.31
C LEU A 306 -35.72 -35.00 -13.04
N GLU A 307 -35.78 -34.55 -11.80
CA GLU A 307 -36.65 -33.48 -11.42
C GLU A 307 -36.32 -32.17 -12.12
N GLU A 308 -35.03 -31.87 -12.24
CA GLU A 308 -34.59 -30.64 -12.89
C GLU A 308 -34.85 -30.67 -14.39
N ILE A 309 -34.51 -31.80 -15.02
CA ILE A 309 -34.67 -31.96 -16.43
C ILE A 309 -36.14 -31.86 -16.83
N THR A 310 -37.01 -32.32 -15.94
CA THR A 310 -38.44 -32.34 -16.17
C THR A 310 -39.05 -30.96 -16.34
N ASP A 311 -38.55 -29.98 -15.60
CA ASP A 311 -39.01 -28.62 -15.72
C ASP A 311 -38.79 -28.09 -17.14
N ILE A 312 -37.74 -28.55 -17.82
CA ILE A 312 -37.43 -28.09 -19.17
C ILE A 312 -37.82 -29.01 -20.30
N ALA A 313 -38.42 -30.12 -19.95
CA ALA A 313 -38.72 -31.15 -20.91
C ALA A 313 -40.19 -31.18 -21.33
N GLU A 314 -40.42 -31.68 -22.55
CA GLU A 314 -41.72 -32.07 -23.00
C GLU A 314 -42.24 -33.11 -22.08
N PRO A 315 -43.49 -32.99 -21.70
CA PRO A 315 -44.08 -33.85 -20.69
C PRO A 315 -44.02 -35.24 -21.20
N GLY A 316 -43.59 -36.16 -20.35
CA GLY A 316 -43.42 -37.54 -20.72
C GLY A 316 -42.22 -37.89 -21.56
N SER A 317 -41.29 -36.97 -21.70
CA SER A 317 -40.08 -37.30 -22.42
C SER A 317 -38.96 -37.72 -21.50
N ALA A 318 -39.01 -37.33 -20.25
CA ALA A 318 -37.96 -37.71 -19.32
C ALA A 318 -37.89 -39.17 -18.90
N ALA A 319 -36.74 -39.76 -19.03
CA ALA A 319 -36.49 -41.12 -18.59
C ALA A 319 -35.07 -41.30 -18.09
N VAL A 320 -34.85 -42.29 -17.25
CA VAL A 320 -33.52 -42.70 -16.92
C VAL A 320 -33.27 -43.92 -17.75
N ILE A 321 -32.35 -43.84 -18.70
CA ILE A 321 -32.08 -44.97 -19.54
C ILE A 321 -31.03 -46.02 -19.19
N ASP A 322 -29.98 -45.69 -18.49
CA ASP A 322 -29.08 -46.75 -18.12
C ASP A 322 -28.81 -46.60 -16.68
N PHE A 323 -29.75 -46.96 -15.82
CA PHE A 323 -29.68 -46.75 -14.40
C PHE A 323 -28.62 -47.59 -13.70
N MET A 324 -27.79 -46.93 -12.92
CA MET A 324 -26.87 -47.55 -12.00
C MET A 324 -26.04 -48.59 -12.69
N THR A 325 -25.68 -48.31 -13.90
CA THR A 325 -24.79 -49.16 -14.62
C THR A 325 -23.35 -48.81 -14.32
N VAL A 326 -22.48 -49.81 -14.34
CA VAL A 326 -21.06 -49.60 -14.17
C VAL A 326 -20.41 -49.24 -15.50
N ARG A 327 -19.73 -48.09 -15.56
CA ARG A 327 -19.12 -47.62 -16.79
C ARG A 327 -17.59 -47.48 -16.74
N VAL A 332 -10.23 -46.63 -15.01
CA VAL A 332 -11.20 -46.47 -13.94
C VAL A 332 -12.64 -46.84 -14.28
N GLN A 333 -13.33 -47.36 -13.28
CA GLN A 333 -14.69 -47.79 -13.43
C GLN A 333 -15.55 -46.94 -12.52
N HIS A 334 -16.70 -46.52 -13.03
CA HIS A 334 -17.61 -45.64 -12.33
C HIS A 334 -19.06 -46.17 -12.37
N LEU A 335 -19.87 -45.75 -11.42
CA LEU A 335 -21.29 -46.00 -11.45
C LEU A 335 -21.94 -44.75 -12.00
N GLY A 336 -22.86 -44.91 -12.93
CA GLY A 336 -23.53 -43.79 -13.52
C GLY A 336 -24.88 -44.08 -14.10
N SER A 337 -25.65 -43.04 -14.33
CA SER A 337 -26.95 -43.12 -14.92
C SER A 337 -27.12 -42.09 -16.05
N THR A 338 -27.87 -42.42 -17.07
CA THR A 338 -28.13 -41.51 -18.15
C THR A 338 -29.55 -40.98 -18.10
N ILE A 339 -29.71 -39.70 -17.94
CA ILE A 339 -31.01 -39.10 -17.85
C ILE A 339 -31.26 -38.37 -19.14
N ARG A 340 -32.39 -38.63 -19.76
CA ARG A 340 -32.63 -38.13 -21.07
C ARG A 340 -33.98 -37.54 -21.17
N ALA A 341 -34.16 -36.64 -22.11
CA ALA A 341 -35.43 -35.96 -22.30
C ALA A 341 -35.48 -35.27 -23.63
N ARG A 342 -36.61 -34.69 -23.95
CA ARG A 342 -36.72 -33.88 -25.13
C ARG A 342 -36.96 -32.45 -24.76
N LEU A 343 -36.14 -31.57 -25.31
CA LEU A 343 -36.21 -30.19 -24.94
C LEU A 343 -37.49 -29.62 -25.44
N ASP A 344 -38.26 -29.07 -24.53
CA ASP A 344 -39.49 -28.48 -24.88
C ASP A 344 -39.32 -27.24 -25.69
N PRO A 345 -40.29 -26.95 -26.52
CA PRO A 345 -40.24 -25.81 -27.43
C PRO A 345 -40.18 -24.50 -26.71
N SER A 346 -40.82 -24.42 -25.56
CA SER A 346 -40.76 -23.25 -24.72
C SER A 346 -39.36 -22.97 -24.19
N SER A 347 -38.53 -23.99 -24.05
CA SER A 347 -37.18 -23.85 -23.51
C SER A 347 -36.03 -24.07 -24.50
N ASP A 348 -34.85 -23.75 -24.04
CA ASP A 348 -33.66 -23.66 -24.88
C ASP A 348 -32.51 -24.26 -24.13
N ARG A 349 -31.37 -24.34 -24.78
CA ARG A 349 -30.22 -25.01 -24.23
C ARG A 349 -29.66 -24.38 -22.95
N MET A 350 -29.61 -23.06 -22.92
CA MET A 350 -29.15 -22.37 -21.75
C MET A 350 -30.05 -22.61 -20.59
N ALA A 351 -31.34 -22.69 -20.84
CA ALA A 351 -32.29 -23.02 -19.82
C ALA A 351 -32.05 -24.41 -19.32
N ALA A 352 -31.75 -25.31 -20.21
CA ALA A 352 -31.37 -26.63 -19.79
C ALA A 352 -30.09 -26.63 -18.97
N LEU A 353 -29.11 -25.85 -19.38
CA LEU A 353 -27.93 -25.78 -18.58
C LEU A 353 -28.18 -25.16 -17.21
N GLU A 354 -28.97 -24.10 -17.13
CA GLU A 354 -29.34 -23.49 -15.86
C GLU A 354 -30.15 -24.43 -14.97
N ALA A 355 -31.03 -25.23 -15.54
CA ALA A 355 -31.79 -26.20 -14.80
C ALA A 355 -30.90 -27.22 -14.14
N LEU A 356 -29.80 -27.57 -14.79
CA LEU A 356 -28.90 -28.59 -14.31
C LEU A 356 -27.67 -28.07 -13.60
N PHE A 357 -27.59 -26.78 -13.40
CA PHE A 357 -26.41 -26.11 -12.90
C PHE A 357 -26.65 -25.56 -11.51
N PRO A 358 -25.70 -25.69 -10.61
CA PRO A 358 -24.47 -26.42 -10.80
C PRO A 358 -24.66 -27.89 -10.61
N ALA A 359 -23.73 -28.70 -11.03
CA ALA A 359 -23.87 -30.10 -10.84
C ALA A 359 -23.89 -30.47 -9.37
N VAL A 360 -24.69 -31.46 -9.02
CA VAL A 360 -24.86 -31.93 -7.68
C VAL A 360 -23.54 -32.43 -7.16
N THR A 361 -22.76 -32.95 -8.07
CA THR A 361 -21.50 -33.56 -7.80
C THR A 361 -20.52 -32.61 -7.15
N ALA A 362 -20.61 -31.34 -7.45
CA ALA A 362 -19.75 -30.36 -6.86
C ALA A 362 -20.47 -29.31 -6.05
N SER A 363 -21.74 -29.54 -5.75
CA SER A 363 -22.49 -28.61 -4.96
C SER A 363 -23.06 -29.20 -3.64
N GLY A 364 -24.28 -29.66 -3.68
CA GLY A 364 -24.89 -30.32 -2.56
C GLY A 364 -26.28 -30.85 -2.76
N ILE A 365 -26.80 -31.52 -1.75
CA ILE A 365 -28.20 -31.91 -1.68
C ILE A 365 -28.80 -31.49 -0.37
N PRO A 366 -29.91 -30.78 -0.39
CA PRO A 366 -30.52 -30.24 -1.57
C PRO A 366 -29.69 -29.11 -2.11
N LYS A 367 -29.79 -28.88 -3.40
CA LYS A 367 -28.92 -27.99 -4.10
C LYS A 367 -28.96 -26.57 -3.61
N ALA A 368 -30.12 -26.06 -3.33
CA ALA A 368 -30.22 -24.68 -2.94
C ALA A 368 -29.50 -24.45 -1.63
N ALA A 369 -29.71 -25.34 -0.70
CA ALA A 369 -29.04 -25.29 0.56
C ALA A 369 -27.56 -25.56 0.49
N GLY A 370 -27.13 -26.47 -0.34
CA GLY A 370 -25.72 -26.76 -0.50
C GLY A 370 -24.92 -25.60 -1.05
N VAL A 371 -25.50 -24.95 -2.01
CA VAL A 371 -24.96 -23.77 -2.60
C VAL A 371 -24.90 -22.60 -1.64
N GLU A 372 -25.89 -22.51 -0.77
CA GLU A 372 -25.96 -21.45 0.21
C GLU A 372 -24.79 -21.54 1.17
N ALA A 373 -24.56 -22.76 1.60
CA ALA A 373 -23.50 -23.14 2.50
C ALA A 373 -22.14 -22.92 1.94
N ILE A 374 -22.01 -23.13 0.65
CA ILE A 374 -20.78 -22.93 -0.05
C ILE A 374 -20.34 -21.44 0.00
N PHE A 375 -21.26 -20.52 -0.05
CA PHE A 375 -20.93 -19.14 0.10
C PHE A 375 -20.30 -18.89 1.46
N ARG A 376 -20.89 -19.45 2.50
CA ARG A 376 -20.38 -19.42 3.86
C ARG A 376 -19.14 -20.22 4.24
N LEU A 377 -19.01 -21.41 3.72
CA LEU A 377 -17.98 -22.32 4.17
C LEU A 377 -16.84 -22.60 3.21
N ASP A 378 -16.88 -22.04 2.03
CA ASP A 378 -15.85 -22.28 1.05
C ASP A 378 -15.30 -20.96 0.59
N GLU A 379 -14.14 -20.94 -0.02
CA GLU A 379 -13.64 -19.70 -0.58
C GLU A 379 -14.37 -19.34 -1.85
N CYS A 380 -15.02 -18.19 -1.84
CA CYS A 380 -15.82 -17.72 -2.94
C CYS A 380 -15.29 -16.39 -3.46
N PRO A 381 -15.49 -16.09 -4.74
CA PRO A 381 -16.16 -16.96 -5.69
C PRO A 381 -15.33 -18.11 -6.19
N ARG A 382 -15.97 -19.19 -6.55
CA ARG A 382 -15.33 -20.32 -7.12
C ARG A 382 -14.73 -20.12 -8.50
N GLY A 383 -15.38 -19.31 -9.31
CA GLY A 383 -15.02 -19.15 -10.68
C GLY A 383 -15.12 -20.40 -11.49
N LEU A 384 -14.07 -20.74 -12.17
CA LEU A 384 -14.07 -21.87 -13.02
C LEU A 384 -14.30 -23.18 -12.31
N TYR A 385 -13.74 -23.36 -11.13
CA TYR A 385 -13.91 -24.58 -10.41
C TYR A 385 -15.37 -24.85 -10.03
N SER A 386 -15.83 -26.02 -10.39
CA SER A 386 -17.18 -26.50 -10.18
C SER A 386 -18.21 -25.88 -11.14
N GLY A 387 -17.72 -25.09 -12.07
CA GLY A 387 -18.46 -24.58 -13.20
C GLY A 387 -18.34 -25.54 -14.35
N ALA A 388 -18.48 -25.05 -15.56
CA ALA A 388 -18.39 -25.82 -16.78
C ALA A 388 -17.55 -25.18 -17.87
N VAL A 389 -17.06 -25.99 -18.78
CA VAL A 389 -16.49 -25.55 -20.01
C VAL A 389 -17.45 -25.99 -21.10
N VAL A 390 -17.76 -25.09 -22.01
CA VAL A 390 -18.79 -25.26 -23.01
C VAL A 390 -18.42 -25.15 -24.49
N MET A 391 -19.06 -25.99 -25.29
CA MET A 391 -19.06 -25.89 -26.73
C MET A 391 -20.48 -25.86 -27.24
N LEU A 392 -20.79 -24.85 -28.00
CA LEU A 392 -22.10 -24.63 -28.52
C LEU A 392 -22.08 -24.59 -30.03
N SER A 393 -23.19 -24.99 -30.64
CA SER A 393 -23.34 -24.96 -32.09
C SER A 393 -24.55 -24.21 -32.56
N ALA A 394 -24.46 -23.70 -33.77
CA ALA A 394 -25.48 -22.92 -34.42
C ALA A 394 -26.74 -23.74 -34.66
N ASP A 395 -26.52 -25.05 -34.78
CA ASP A 395 -27.53 -26.07 -34.94
C ASP A 395 -28.32 -26.32 -33.69
N GLY A 396 -27.98 -25.63 -32.63
CA GLY A 396 -28.60 -25.82 -31.35
C GLY A 396 -27.86 -26.69 -30.38
N GLY A 397 -26.75 -27.24 -30.77
CA GLY A 397 -25.95 -28.06 -29.91
C GLY A 397 -25.36 -27.42 -28.68
N LEU A 398 -25.32 -28.16 -27.59
CA LEU A 398 -24.59 -27.79 -26.40
C LEU A 398 -23.83 -28.94 -25.74
N ASP A 399 -22.56 -28.75 -25.45
CA ASP A 399 -21.82 -29.67 -24.65
C ASP A 399 -21.17 -28.98 -23.49
N ALA A 400 -21.50 -29.38 -22.28
CA ALA A 400 -20.99 -28.75 -21.10
C ALA A 400 -20.36 -29.75 -20.12
N ALA A 401 -19.08 -29.59 -19.87
CA ALA A 401 -18.31 -30.46 -19.02
C ALA A 401 -17.98 -29.86 -17.69
N LEU A 402 -18.22 -30.59 -16.63
CA LEU A 402 -17.96 -30.12 -15.30
C LEU A 402 -16.47 -29.93 -14.99
N THR A 403 -16.10 -28.75 -14.53
CA THR A 403 -14.73 -28.41 -14.27
C THR A 403 -14.27 -28.81 -12.88
N LEU A 404 -13.54 -29.89 -12.84
CA LEU A 404 -12.89 -30.44 -11.69
C LEU A 404 -11.61 -31.01 -12.23
N ARG A 405 -10.66 -31.30 -11.37
CA ARG A 405 -9.36 -31.79 -11.76
C ARG A 405 -8.67 -30.89 -12.77
N ALA A 406 -8.58 -29.66 -12.37
CA ALA A 406 -8.11 -28.62 -13.22
C ALA A 406 -7.10 -27.73 -12.53
N ALA A 407 -6.31 -27.05 -13.32
CA ALA A 407 -5.32 -26.09 -12.93
C ALA A 407 -5.59 -24.74 -13.54
N TYR A 408 -5.27 -23.70 -12.81
CA TYR A 408 -5.58 -22.34 -13.15
C TYR A 408 -4.41 -21.38 -12.97
N GLN A 409 -4.26 -20.45 -13.89
CA GLN A 409 -3.39 -19.31 -13.72
C GLN A 409 -4.06 -17.99 -14.07
N VAL A 410 -4.18 -17.14 -13.10
CA VAL A 410 -4.67 -15.80 -13.25
C VAL A 410 -3.77 -14.87 -12.51
N GLY A 411 -3.38 -13.81 -13.16
CA GLY A 411 -2.46 -12.86 -12.60
C GLY A 411 -1.16 -13.54 -12.36
N GLY A 412 -0.57 -13.33 -11.22
CA GLY A 412 0.66 -14.00 -10.93
C GLY A 412 0.46 -15.33 -10.26
N ARG A 413 -0.77 -15.76 -10.13
CA ARG A 413 -1.11 -16.88 -9.29
C ARG A 413 -1.42 -18.17 -10.02
N THR A 414 -0.77 -19.25 -9.63
CA THR A 414 -1.06 -20.56 -10.17
C THR A 414 -1.60 -21.45 -9.08
N TRP A 415 -2.70 -22.11 -9.35
CA TRP A 415 -3.34 -22.92 -8.37
C TRP A 415 -4.13 -24.12 -8.87
N LEU A 416 -4.33 -25.06 -7.96
CA LEU A 416 -5.10 -26.24 -8.17
C LEU A 416 -6.22 -26.17 -7.15
N ARG A 417 -7.34 -26.83 -7.39
CA ARG A 417 -8.44 -26.91 -6.46
C ARG A 417 -9.13 -28.26 -6.47
N ALA A 418 -9.27 -28.86 -5.30
CA ALA A 418 -9.99 -30.09 -5.13
C ALA A 418 -10.86 -30.11 -3.87
N GLY A 419 -11.91 -30.91 -3.89
CA GLY A 419 -12.92 -30.91 -2.88
C GLY A 419 -13.48 -32.28 -2.62
N ALA A 420 -14.35 -32.37 -1.64
CA ALA A 420 -15.00 -33.62 -1.27
C ALA A 420 -16.43 -33.43 -0.83
N GLY A 421 -17.28 -34.41 -1.11
CA GLY A 421 -18.61 -34.44 -0.59
C GLY A 421 -18.63 -34.73 0.89
N ILE A 422 -19.43 -33.98 1.61
CA ILE A 422 -19.49 -34.08 3.03
C ILE A 422 -20.89 -34.42 3.46
N ILE A 423 -21.01 -35.48 4.23
CA ILE A 423 -22.30 -35.97 4.68
C ILE A 423 -22.15 -36.23 6.16
N GLU A 424 -23.21 -36.63 6.82
CA GLU A 424 -23.26 -36.65 8.28
C GLU A 424 -22.18 -37.50 8.91
N GLU A 425 -21.75 -38.53 8.22
CA GLU A 425 -20.78 -39.45 8.77
C GLU A 425 -19.36 -39.07 8.46
N SER A 426 -19.18 -37.94 7.80
CA SER A 426 -17.88 -37.58 7.27
C SER A 426 -16.87 -37.19 8.33
N GLU A 427 -15.61 -37.52 8.11
CA GLU A 427 -14.56 -37.18 9.03
C GLU A 427 -13.58 -36.21 8.38
N PRO A 428 -13.20 -35.16 9.10
CA PRO A 428 -12.36 -34.11 8.54
C PRO A 428 -11.04 -34.59 8.07
N GLU A 429 -10.39 -35.47 8.78
CA GLU A 429 -9.17 -36.03 8.29
C GLU A 429 -9.31 -36.90 7.05
N ARG A 430 -10.40 -37.63 6.94
CA ARG A 430 -10.57 -38.49 5.79
C ARG A 430 -10.88 -37.70 4.57
N GLU A 431 -11.66 -36.65 4.75
CA GLU A 431 -11.98 -35.74 3.71
C GLU A 431 -10.76 -35.02 3.19
N PHE A 432 -9.81 -34.68 4.04
CA PHE A 432 -8.59 -34.05 3.60
C PHE A 432 -7.83 -34.99 2.70
N GLU A 433 -7.80 -36.24 3.08
CA GLU A 433 -7.10 -37.25 2.32
C GLU A 433 -7.71 -37.41 0.95
N GLU A 434 -9.02 -37.30 0.88
CA GLU A 434 -9.75 -37.43 -0.35
C GLU A 434 -9.30 -36.35 -1.33
N THR A 435 -9.08 -35.15 -0.82
CA THR A 435 -8.67 -34.03 -1.63
C THR A 435 -7.35 -34.28 -2.23
N CYS A 436 -6.46 -34.90 -1.47
CA CYS A 436 -5.12 -35.23 -1.89
C CYS A 436 -5.11 -36.21 -3.01
N GLU A 437 -6.03 -37.15 -2.97
CA GLU A 437 -6.20 -38.13 -4.00
C GLU A 437 -6.64 -37.51 -5.29
N LYS A 438 -7.61 -36.63 -5.22
CA LYS A 438 -8.08 -35.88 -6.37
C LYS A 438 -7.02 -34.97 -6.96
N LEU A 439 -6.20 -34.39 -6.11
CA LEU A 439 -5.13 -33.55 -6.54
C LEU A 439 -4.11 -34.29 -7.33
N SER A 440 -4.02 -35.58 -7.07
CA SER A 440 -3.03 -36.47 -7.66
C SER A 440 -3.29 -36.78 -9.12
N THR A 441 -4.43 -36.40 -9.61
CA THR A 441 -4.72 -36.41 -11.01
C THR A 441 -3.77 -35.43 -11.72
N LEU A 442 -3.47 -34.32 -11.07
CA LEU A 442 -2.54 -33.33 -11.62
C LEU A 442 -1.14 -33.19 -11.01
N THR A 443 -0.98 -33.50 -9.74
CA THR A 443 0.23 -33.17 -8.97
C THR A 443 1.54 -33.78 -9.48
N PRO A 444 1.48 -34.94 -10.10
CA PRO A 444 2.66 -35.58 -10.65
C PRO A 444 3.00 -35.13 -12.03
N TYR A 445 2.16 -34.33 -12.66
CA TYR A 445 2.30 -33.98 -14.06
C TYR A 445 2.52 -32.52 -14.35
N LEU A 446 3.02 -31.79 -13.38
CA LEU A 446 3.21 -30.37 -13.56
C LEU A 446 4.51 -29.99 -14.23
N VAL A 447 4.42 -29.43 -15.41
CA VAL A 447 5.59 -29.05 -16.14
C VAL A 447 5.87 -27.58 -16.00
N ALA A 448 7.01 -27.25 -15.45
CA ALA A 448 7.40 -25.88 -15.22
C ALA A 448 7.65 -25.09 -16.47
N ARG A 449 7.36 -23.81 -16.38
CA ARG A 449 7.39 -22.87 -17.48
C ARG A 449 8.71 -22.84 -18.19
N GLN A 450 8.61 -22.76 -19.50
CA GLN A 450 9.75 -22.85 -20.39
C GLN A 450 10.22 -21.51 -20.94
N SER B 15 4.36 1.19 -37.59
CA SER B 15 2.96 1.18 -37.95
C SER B 15 2.20 2.30 -37.27
N SER B 16 1.17 1.96 -36.52
CA SER B 16 0.27 2.93 -35.92
C SER B 16 0.74 3.73 -34.71
N SER B 17 0.01 4.77 -34.34
CA SER B 17 0.42 5.66 -33.29
C SER B 17 -0.66 6.24 -32.40
N ILE B 18 -0.31 6.54 -31.17
CA ILE B 18 -1.28 7.01 -30.21
C ILE B 18 -0.70 8.16 -29.41
N PRO B 19 -1.49 9.17 -29.11
CA PRO B 19 -0.93 10.33 -28.43
C PRO B 19 -0.60 10.05 -27.01
N MET B 20 0.52 10.54 -26.52
CA MET B 20 0.81 10.34 -25.13
C MET B 20 -0.11 11.18 -24.29
N PRO B 21 -0.79 10.54 -23.38
CA PRO B 21 -1.75 11.18 -22.53
C PRO B 21 -1.09 12.18 -21.64
N ALA B 22 -1.75 13.31 -21.46
CA ALA B 22 -1.20 14.40 -20.69
C ALA B 22 -1.04 14.00 -19.25
N GLY B 23 0.01 14.50 -18.62
CA GLY B 23 0.18 14.36 -17.20
C GLY B 23 0.79 13.05 -16.80
N VAL B 24 1.17 12.26 -17.80
CA VAL B 24 1.61 10.91 -17.56
C VAL B 24 3.06 10.77 -17.90
N ASN B 25 3.88 10.33 -16.97
CA ASN B 25 5.27 10.05 -17.24
C ASN B 25 5.46 8.83 -18.11
N PRO B 26 6.32 8.90 -19.10
CA PRO B 26 6.57 7.77 -20.01
C PRO B 26 7.15 6.55 -19.34
N ALA B 27 8.01 6.74 -18.35
CA ALA B 27 8.54 5.64 -17.64
C ALA B 27 7.44 4.89 -16.96
N ASP B 28 6.53 5.60 -16.36
CA ASP B 28 5.41 4.96 -15.71
C ASP B 28 4.49 4.24 -16.65
N LEU B 29 4.13 4.86 -17.75
CA LEU B 29 3.29 4.23 -18.71
C LEU B 29 3.91 3.01 -19.35
N ALA B 30 5.19 3.11 -19.67
CA ALA B 30 5.87 2.01 -20.30
C ALA B 30 5.97 0.78 -19.41
N ALA B 31 6.27 1.01 -18.16
CA ALA B 31 6.28 -0.02 -17.16
C ALA B 31 4.92 -0.65 -16.89
N GLU B 32 3.88 0.15 -16.87
CA GLU B 32 2.51 -0.32 -16.72
C GLU B 32 2.10 -1.18 -17.88
N LEU B 33 2.52 -0.77 -19.06
CA LEU B 33 2.24 -1.54 -20.24
C LEU B 33 2.91 -2.88 -20.19
N ALA B 34 4.15 -2.89 -19.75
CA ALA B 34 4.85 -4.12 -19.58
C ALA B 34 4.19 -4.97 -18.56
N ALA B 35 3.80 -4.42 -17.42
CA ALA B 35 3.15 -5.26 -16.45
C ALA B 35 1.79 -5.76 -16.85
N VAL B 36 0.88 -4.86 -17.14
CA VAL B 36 -0.43 -5.28 -17.51
C VAL B 36 -0.52 -6.01 -18.84
N VAL B 37 0.03 -5.47 -19.88
CA VAL B 37 -0.16 -6.13 -21.15
C VAL B 37 0.47 -7.50 -21.28
N THR B 38 1.71 -7.64 -20.83
CA THR B 38 2.39 -8.92 -20.86
C THR B 38 1.74 -9.96 -19.97
N GLU B 39 1.28 -9.58 -18.82
CA GLU B 39 0.65 -10.47 -17.90
C GLU B 39 -0.59 -11.07 -18.51
N SER B 40 -1.36 -10.27 -19.24
CA SER B 40 -2.58 -10.71 -19.90
C SER B 40 -2.36 -11.75 -20.98
N VAL B 41 -1.31 -11.64 -21.73
CA VAL B 41 -0.95 -12.65 -22.70
C VAL B 41 0.14 -13.61 -22.24
N ASP B 42 0.61 -13.46 -21.01
CA ASP B 42 1.63 -14.30 -20.40
C ASP B 42 2.96 -14.43 -21.17
N GLU B 43 3.55 -13.31 -21.53
CA GLU B 43 4.69 -13.30 -22.40
C GLU B 43 5.91 -12.65 -21.80
N ASP B 44 7.05 -13.10 -22.24
CA ASP B 44 8.30 -12.50 -21.87
C ASP B 44 8.54 -11.15 -22.52
N TYR B 45 9.36 -10.33 -21.90
CA TYR B 45 9.62 -8.99 -22.38
C TYR B 45 10.93 -8.37 -21.91
N LEU B 46 11.35 -7.34 -22.61
CA LEU B 46 12.38 -6.45 -22.16
C LEU B 46 12.02 -4.98 -22.41
N LEU B 47 12.07 -4.16 -21.38
CA LEU B 47 11.94 -2.74 -21.57
C LEU B 47 13.29 -2.00 -21.48
N TYR B 48 13.60 -1.23 -22.50
CA TYR B 48 14.81 -0.44 -22.55
C TYR B 48 14.56 1.06 -22.67
N GLU B 49 15.17 1.82 -21.79
CA GLU B 49 15.15 3.26 -21.88
C GLU B 49 16.46 3.77 -22.45
N CYS B 50 16.38 4.40 -23.61
CA CYS B 50 17.50 5.05 -24.24
C CYS B 50 17.10 6.42 -24.72
N ASP B 51 17.69 7.43 -24.16
CA ASP B 51 17.53 8.80 -24.63
C ASP B 51 16.09 9.29 -24.74
N GLY B 52 15.33 9.12 -23.69
CA GLY B 52 13.98 9.60 -23.65
C GLY B 52 12.99 8.72 -24.35
N GLN B 53 13.43 7.58 -24.81
CA GLN B 53 12.55 6.71 -25.53
C GLN B 53 12.52 5.34 -24.86
N TRP B 54 11.34 4.86 -24.53
CA TRP B 54 11.20 3.62 -23.83
C TRP B 54 10.72 2.58 -24.78
N VAL B 55 11.55 1.62 -25.08
CA VAL B 55 11.17 0.60 -25.99
C VAL B 55 10.85 -0.67 -25.26
N LEU B 56 9.63 -1.14 -25.46
CA LEU B 56 9.15 -2.36 -24.88
C LEU B 56 9.15 -3.40 -25.94
N ALA B 57 10.00 -4.37 -25.77
CA ALA B 57 10.08 -5.46 -26.69
C ALA B 57 9.25 -6.60 -26.13
N ALA B 58 8.14 -6.89 -26.78
CA ALA B 58 7.17 -7.77 -26.19
C ALA B 58 7.00 -9.03 -26.95
N GLY B 59 7.22 -10.12 -26.26
CA GLY B 59 7.06 -11.44 -26.80
C GLY B 59 8.33 -11.91 -27.43
N VAL B 60 8.50 -13.21 -27.56
CA VAL B 60 9.71 -13.71 -28.11
C VAL B 60 9.44 -14.43 -29.41
N GLN B 61 9.77 -13.79 -30.51
CA GLN B 61 9.72 -14.45 -31.80
C GLN B 61 10.79 -15.51 -32.06
N ALA B 62 12.04 -15.18 -31.83
CA ALA B 62 13.12 -16.13 -31.77
C ALA B 62 14.12 -15.72 -30.72
N MET B 63 14.82 -16.68 -30.14
CA MET B 63 15.78 -16.45 -29.08
C MET B 63 17.19 -17.04 -29.28
N VAL B 64 18.21 -16.22 -29.16
CA VAL B 64 19.58 -16.69 -29.23
C VAL B 64 20.19 -16.87 -27.84
N GLU B 65 20.60 -18.08 -27.53
CA GLU B 65 21.29 -18.34 -26.29
C GLU B 65 22.71 -18.70 -26.58
N LEU B 66 23.63 -17.92 -26.08
CA LEU B 66 25.02 -18.23 -26.21
C LEU B 66 25.63 -18.62 -24.88
N ASP B 67 26.14 -19.82 -24.84
CA ASP B 67 26.69 -20.39 -23.64
C ASP B 67 28.11 -20.65 -23.96
N SER B 68 28.89 -20.91 -22.95
CA SER B 68 30.30 -21.10 -23.07
C SER B 68 30.64 -22.28 -23.98
N ASP B 69 29.78 -23.26 -24.00
CA ASP B 69 30.01 -24.48 -24.71
C ASP B 69 29.04 -24.76 -25.85
N GLU B 70 28.03 -23.94 -26.03
CA GLU B 70 27.07 -24.20 -27.08
C GLU B 70 26.32 -22.96 -27.49
N LEU B 71 25.82 -22.93 -28.71
CA LEU B 71 24.94 -21.87 -29.12
C LEU B 71 23.65 -22.40 -29.62
N ARG B 72 22.55 -21.87 -29.14
CA ARG B 72 21.26 -22.34 -29.48
C ARG B 72 20.42 -21.24 -30.01
N VAL B 73 19.61 -21.54 -31.00
CA VAL B 73 18.58 -20.65 -31.48
C VAL B 73 17.24 -21.34 -31.32
N ILE B 74 16.28 -20.69 -30.70
CA ILE B 74 15.02 -21.30 -30.41
C ILE B 74 13.86 -20.51 -30.94
N ARG B 75 13.13 -21.08 -31.87
CA ARG B 75 12.03 -20.41 -32.52
C ARG B 75 10.80 -21.30 -32.54
N ASP B 76 9.74 -20.90 -31.88
CA ASP B 76 8.49 -21.65 -31.91
C ASP B 76 8.55 -23.08 -31.40
N GLY B 77 9.30 -23.32 -30.34
CA GLY B 77 9.42 -24.64 -29.74
C GLY B 77 10.51 -25.53 -30.28
N VAL B 78 11.20 -25.06 -31.31
CA VAL B 78 12.27 -25.79 -31.96
C VAL B 78 13.61 -25.18 -31.63
N THR B 79 14.53 -26.00 -31.15
CA THR B 79 15.87 -25.59 -30.73
C THR B 79 16.95 -26.06 -31.68
N ARG B 80 17.79 -25.17 -32.14
CA ARG B 80 18.91 -25.55 -32.97
C ARG B 80 20.20 -25.39 -32.17
N ARG B 81 21.05 -26.39 -32.19
CA ARG B 81 22.23 -26.37 -31.38
C ARG B 81 23.45 -26.45 -32.22
N GLN B 82 24.38 -25.57 -31.99
CA GLN B 82 25.61 -25.54 -32.72
C GLN B 82 26.73 -25.42 -31.77
N GLN B 83 27.90 -25.79 -32.20
CA GLN B 83 29.06 -25.62 -31.39
C GLN B 83 29.84 -24.47 -31.98
N TRP B 84 30.60 -23.77 -31.15
CA TRP B 84 31.31 -22.61 -31.60
C TRP B 84 32.69 -22.55 -31.00
N SER B 85 33.55 -21.82 -31.67
CA SER B 85 34.90 -21.54 -31.25
C SER B 85 35.27 -20.18 -31.77
N GLY B 86 36.44 -19.71 -31.41
CA GLY B 86 36.78 -18.33 -31.63
C GLY B 86 36.20 -17.37 -30.62
N ARG B 87 36.03 -16.14 -31.06
CA ARG B 87 35.51 -15.07 -30.26
C ARG B 87 34.05 -15.21 -30.02
N PRO B 88 33.62 -15.02 -28.79
CA PRO B 88 32.20 -15.09 -28.46
C PRO B 88 31.40 -14.04 -29.18
N GLY B 89 32.00 -12.91 -29.47
CA GLY B 89 31.38 -11.87 -30.21
C GLY B 89 31.02 -12.22 -31.62
N ALA B 90 31.88 -12.96 -32.28
CA ALA B 90 31.62 -13.44 -33.60
C ALA B 90 30.47 -14.39 -33.64
N ALA B 91 30.43 -15.33 -32.72
CA ALA B 91 29.32 -16.25 -32.63
C ALA B 91 28.04 -15.56 -32.32
N LEU B 92 28.07 -14.62 -31.38
CA LEU B 92 26.89 -13.90 -31.06
C LEU B 92 26.43 -13.04 -32.23
N GLY B 93 27.37 -12.37 -32.85
CA GLY B 93 27.06 -11.46 -33.91
C GLY B 93 26.41 -12.14 -35.08
N GLU B 94 26.92 -13.29 -35.45
CA GLU B 94 26.32 -14.04 -36.51
C GLU B 94 24.88 -14.48 -36.24
N ALA B 95 24.58 -15.01 -35.08
CA ALA B 95 23.23 -15.39 -34.75
C ALA B 95 22.28 -14.22 -34.67
N VAL B 96 22.76 -13.13 -34.12
CA VAL B 96 22.03 -11.88 -33.98
C VAL B 96 21.72 -11.22 -35.31
N ASP B 97 22.67 -11.29 -36.21
CA ASP B 97 22.54 -10.76 -37.53
C ASP B 97 21.39 -11.46 -38.25
N ARG B 98 21.25 -12.75 -38.03
CA ARG B 98 20.14 -13.49 -38.58
C ARG B 98 18.76 -13.08 -38.06
N LEU B 99 18.64 -12.82 -36.77
CA LEU B 99 17.38 -12.42 -36.22
C LEU B 99 16.96 -11.14 -36.89
N LEU B 100 17.93 -10.33 -37.22
CA LEU B 100 17.67 -9.03 -37.72
C LEU B 100 17.34 -8.98 -39.20
N LEU B 101 17.48 -10.07 -39.91
CA LEU B 101 16.85 -10.17 -41.21
C LEU B 101 15.33 -10.17 -41.14
N GLU B 102 14.82 -10.94 -40.20
CA GLU B 102 13.41 -11.01 -39.88
C GLU B 102 12.77 -9.79 -39.20
N THR B 103 13.47 -9.15 -38.28
CA THR B 103 12.90 -8.03 -37.54
C THR B 103 13.85 -6.85 -37.37
N ASP B 104 13.29 -5.68 -37.16
CA ASP B 104 14.07 -4.47 -36.99
C ASP B 104 14.98 -4.37 -35.77
N GLN B 105 14.58 -4.92 -34.65
CA GLN B 105 15.36 -4.78 -33.44
C GLN B 105 15.47 -6.05 -32.67
N ALA B 106 16.54 -6.19 -31.93
CA ALA B 106 16.78 -7.30 -31.03
C ALA B 106 17.29 -6.80 -29.71
N PHE B 107 16.94 -7.50 -28.64
CA PHE B 107 17.19 -7.08 -27.29
C PHE B 107 17.69 -8.23 -26.46
N GLY B 108 18.42 -7.94 -25.42
CA GLY B 108 18.98 -8.96 -24.58
C GLY B 108 19.94 -8.50 -23.52
N TRP B 109 20.62 -9.44 -22.94
CA TRP B 109 21.62 -9.13 -22.00
C TRP B 109 22.91 -9.89 -22.29
N VAL B 110 24.01 -9.33 -21.88
CA VAL B 110 25.28 -9.95 -22.04
C VAL B 110 25.92 -10.12 -20.67
N ALA B 111 26.36 -11.30 -20.35
CA ALA B 111 27.02 -11.57 -19.11
C ALA B 111 28.41 -11.00 -18.96
N PHE B 112 28.86 -10.88 -17.74
CA PHE B 112 30.20 -10.47 -17.41
C PHE B 112 31.16 -11.46 -18.05
N GLU B 113 30.75 -12.70 -18.09
CA GLU B 113 31.50 -13.84 -18.56
C GLU B 113 31.86 -13.76 -20.05
N PHE B 114 31.10 -13.04 -20.83
CA PHE B 114 31.30 -12.83 -22.25
C PHE B 114 32.65 -12.18 -22.50
N GLY B 115 33.08 -11.37 -21.56
CA GLY B 115 34.34 -10.68 -21.63
C GLY B 115 35.62 -11.36 -21.19
N VAL B 116 35.53 -12.57 -20.70
CA VAL B 116 36.70 -13.32 -20.26
C VAL B 116 37.66 -13.84 -21.29
N HIS B 117 37.13 -14.19 -22.46
CA HIS B 117 37.83 -14.81 -23.55
C HIS B 117 38.92 -13.94 -24.09
N ARG B 118 38.70 -12.64 -24.04
CA ARG B 118 39.58 -11.64 -24.56
C ARG B 118 40.89 -11.73 -23.86
N TYR B 119 40.82 -12.17 -22.63
CA TYR B 119 41.94 -12.22 -21.75
C TYR B 119 42.49 -13.64 -21.57
N GLY B 120 41.99 -14.57 -22.36
CA GLY B 120 42.40 -15.94 -22.30
C GLY B 120 41.98 -16.75 -21.09
N LEU B 121 40.90 -16.37 -20.46
CA LEU B 121 40.44 -16.96 -19.22
C LEU B 121 39.27 -17.90 -19.39
N GLN B 122 38.96 -18.23 -20.62
CA GLN B 122 37.77 -18.97 -20.93
C GLN B 122 37.72 -20.36 -20.34
N GLN B 123 38.88 -20.91 -20.04
CA GLN B 123 39.02 -22.24 -19.47
C GLN B 123 38.46 -22.32 -18.05
N ARG B 124 38.42 -21.18 -17.39
CA ARG B 124 37.88 -21.05 -16.07
C ARG B 124 36.37 -21.24 -15.94
N LEU B 125 35.65 -21.09 -17.04
CA LEU B 125 34.22 -21.22 -17.02
C LEU B 125 33.74 -22.61 -16.96
N ALA B 126 32.70 -22.82 -16.19
CA ALA B 126 32.06 -24.09 -16.13
C ALA B 126 31.25 -24.30 -17.36
N PRO B 127 30.92 -25.54 -17.59
CA PRO B 127 30.07 -25.93 -18.69
C PRO B 127 28.71 -25.34 -18.52
N HIS B 128 28.09 -25.00 -19.63
CA HIS B 128 26.85 -24.28 -19.71
C HIS B 128 26.82 -22.93 -19.04
N THR B 129 27.90 -22.18 -19.02
CA THR B 129 27.88 -20.86 -18.45
C THR B 129 27.23 -19.93 -19.44
N PRO B 130 26.17 -19.25 -19.04
CA PRO B 130 25.53 -18.29 -19.93
C PRO B 130 26.44 -17.09 -20.26
N LEU B 131 26.54 -16.75 -21.53
CA LEU B 131 27.27 -15.60 -21.97
C LEU B 131 26.39 -14.47 -22.48
N ALA B 132 25.35 -14.80 -23.22
CA ALA B 132 24.38 -13.83 -23.70
C ALA B 132 23.02 -14.43 -24.01
N ARG B 133 21.98 -13.67 -23.79
CA ARG B 133 20.68 -14.01 -24.28
C ARG B 133 20.11 -12.87 -25.09
N VAL B 134 19.93 -13.08 -26.38
CA VAL B 134 19.35 -12.07 -27.25
C VAL B 134 18.12 -12.56 -28.00
N PHE B 135 17.07 -11.80 -27.97
CA PHE B 135 15.84 -12.17 -28.65
C PHE B 135 15.31 -11.11 -29.59
N SER B 136 14.56 -11.56 -30.57
CA SER B 136 13.74 -10.69 -31.36
C SER B 136 12.26 -10.80 -30.98
N PRO B 137 11.63 -9.68 -30.69
CA PRO B 137 10.25 -9.60 -30.26
C PRO B 137 9.20 -9.76 -31.34
N ARG B 138 8.04 -10.22 -30.95
CA ARG B 138 6.86 -10.16 -31.77
C ARG B 138 6.33 -8.76 -31.98
N THR B 139 6.37 -7.96 -30.94
CA THR B 139 5.80 -6.63 -30.93
C THR B 139 6.74 -5.65 -30.25
N ARG B 140 6.71 -4.40 -30.69
CA ARG B 140 7.40 -3.30 -30.04
C ARG B 140 6.51 -2.11 -29.78
N ILE B 141 6.56 -1.59 -28.57
CA ILE B 141 5.83 -0.41 -28.23
C ILE B 141 6.81 0.61 -27.75
N MET B 142 6.87 1.74 -28.42
CA MET B 142 7.75 2.79 -28.00
C MET B 142 7.01 3.91 -27.33
N VAL B 143 7.48 4.27 -26.16
CA VAL B 143 6.86 5.28 -25.35
C VAL B 143 7.84 6.42 -25.05
N SER B 144 7.44 7.62 -25.39
CA SER B 144 8.22 8.82 -25.20
C SER B 144 7.26 9.89 -24.75
N GLU B 145 7.78 11.06 -24.46
CA GLU B 145 6.94 12.13 -23.97
C GLU B 145 5.91 12.53 -25.02
N LYS B 146 6.31 12.49 -26.28
CA LYS B 146 5.42 12.79 -27.37
C LYS B 146 4.30 11.83 -27.65
N GLU B 147 4.63 10.55 -27.82
CA GLU B 147 3.70 9.59 -28.37
C GLU B 147 4.00 8.16 -28.03
N ILE B 148 3.09 7.29 -28.42
CA ILE B 148 3.21 5.86 -28.29
C ILE B 148 3.12 5.30 -29.68
N ARG B 149 4.12 4.55 -30.10
CA ARG B 149 4.12 3.98 -31.41
C ARG B 149 4.18 2.46 -31.36
N LEU B 150 3.38 1.83 -32.18
CA LEU B 150 3.21 0.40 -32.18
C LEU B 150 3.75 -0.25 -33.44
N PHE B 151 4.55 -1.28 -33.29
CA PHE B 151 5.01 -2.03 -34.41
C PHE B 151 4.61 -3.48 -34.29
N ASP B 152 3.96 -4.01 -35.30
CA ASP B 152 3.63 -5.41 -35.34
C ASP B 152 2.78 -5.87 -34.19
N ALA B 153 1.90 -5.00 -33.71
CA ALA B 153 0.99 -5.31 -32.65
C ALA B 153 -0.28 -5.94 -33.20
N GLY B 154 -0.61 -7.10 -32.66
CA GLY B 154 -1.79 -7.84 -32.98
C GLY B 154 -2.98 -7.21 -32.33
N ILE B 155 -4.16 -7.64 -32.71
CA ILE B 155 -5.39 -7.09 -32.16
C ILE B 155 -5.48 -7.32 -30.67
N ARG B 156 -5.06 -8.49 -30.21
CA ARG B 156 -5.14 -8.82 -28.80
C ARG B 156 -4.29 -7.86 -28.01
N HIS B 157 -3.10 -7.61 -28.51
CA HIS B 157 -2.20 -6.65 -27.90
C HIS B 157 -2.73 -5.25 -27.93
N ARG B 158 -3.28 -4.84 -29.05
CA ARG B 158 -3.77 -3.50 -29.21
C ARG B 158 -4.91 -3.18 -28.25
N GLU B 159 -5.76 -4.17 -28.04
CA GLU B 159 -6.84 -4.10 -27.11
C GLU B 159 -6.39 -3.96 -25.69
N ALA B 160 -5.37 -4.71 -25.35
CA ALA B 160 -4.82 -4.70 -24.02
C ALA B 160 -4.24 -3.38 -23.68
N ILE B 161 -3.56 -2.78 -24.64
CA ILE B 161 -3.02 -1.45 -24.52
C ILE B 161 -4.11 -0.42 -24.38
N ASP B 162 -5.16 -0.50 -25.18
CA ASP B 162 -6.23 0.47 -25.08
C ASP B 162 -6.83 0.37 -23.72
N ARG B 163 -6.94 -0.84 -23.21
CA ARG B 163 -7.51 -1.03 -21.91
C ARG B 163 -6.68 -0.38 -20.85
N LEU B 164 -5.37 -0.41 -21.04
CA LEU B 164 -4.45 0.18 -20.11
C LEU B 164 -4.62 1.66 -20.04
N LEU B 165 -4.72 2.28 -21.19
CA LEU B 165 -4.85 3.72 -21.27
C LEU B 165 -6.11 4.15 -20.57
N ALA B 166 -7.18 3.39 -20.70
CA ALA B 166 -8.38 3.68 -20.00
C ALA B 166 -8.27 3.56 -18.51
N THR B 167 -7.65 2.51 -18.05
CA THR B 167 -7.50 2.29 -16.64
C THR B 167 -6.64 3.32 -15.97
N GLY B 168 -5.62 3.77 -16.68
CA GLY B 168 -4.60 4.63 -16.11
C GLY B 168 -3.51 3.85 -15.42
N VAL B 169 -2.53 4.53 -14.86
CA VAL B 169 -1.47 3.85 -14.16
C VAL B 169 -1.71 3.76 -12.68
N ARG B 170 -1.28 2.68 -12.10
CA ARG B 170 -1.50 2.39 -10.72
C ARG B 170 -0.71 3.30 -9.84
N GLU B 171 -1.25 3.61 -8.68
CA GLU B 171 -0.49 4.28 -7.67
C GLU B 171 0.54 3.29 -7.18
N VAL B 172 1.73 3.78 -6.89
CA VAL B 172 2.81 2.95 -6.47
C VAL B 172 2.76 2.79 -4.95
N PRO B 173 2.72 1.56 -4.50
CA PRO B 173 2.57 1.27 -3.11
C PRO B 173 3.81 1.67 -2.34
N GLN B 174 3.66 1.72 -1.05
CA GLN B 174 4.79 2.00 -0.25
C GLN B 174 5.70 0.84 -0.31
N SER B 175 6.98 1.13 -0.35
CA SER B 175 8.04 0.17 -0.45
C SER B 175 8.16 -0.61 0.82
N ARG B 176 8.88 -1.72 0.76
CA ARG B 176 9.21 -2.53 1.91
C ARG B 176 10.70 -2.69 2.03
N SER B 177 11.19 -2.41 3.20
CA SER B 177 12.57 -2.26 3.47
C SER B 177 13.35 -3.54 3.75
N VAL B 178 14.66 -3.45 3.64
CA VAL B 178 15.53 -4.61 3.69
C VAL B 178 16.84 -4.39 4.46
N ASP B 179 17.28 -5.43 5.15
CA ASP B 179 18.51 -5.48 5.91
C ASP B 179 19.70 -5.81 5.03
N VAL B 180 20.65 -4.92 4.92
CA VAL B 180 21.87 -5.16 4.18
C VAL B 180 23.12 -5.37 5.04
N SER B 181 22.97 -5.53 6.34
CA SER B 181 24.11 -5.51 7.23
C SER B 181 24.85 -6.81 7.46
N ASP B 182 24.28 -7.91 7.05
CA ASP B 182 24.93 -9.19 7.16
C ASP B 182 25.99 -9.36 6.09
N ASP B 183 26.97 -10.21 6.33
CA ASP B 183 28.00 -10.45 5.36
C ASP B 183 28.23 -11.93 5.19
N PRO B 184 27.24 -12.63 4.70
CA PRO B 184 27.31 -14.08 4.55
C PRO B 184 28.43 -14.53 3.63
N SER B 185 28.75 -13.72 2.62
CA SER B 185 29.77 -13.99 1.63
C SER B 185 31.17 -13.57 1.99
N GLY B 186 31.34 -12.94 3.13
CA GLY B 186 32.64 -12.52 3.55
C GLY B 186 33.32 -11.49 2.69
N PHE B 187 32.58 -10.47 2.33
CA PHE B 187 33.04 -9.41 1.51
C PHE B 187 34.22 -8.74 2.17
N ARG B 188 34.17 -8.56 3.47
CA ARG B 188 35.23 -7.89 4.18
C ARG B 188 36.55 -8.63 4.11
N ARG B 189 36.49 -9.93 4.29
CA ARG B 189 37.59 -10.83 4.13
C ARG B 189 38.17 -10.90 2.71
N ARG B 190 37.31 -10.94 1.72
CA ARG B 190 37.68 -10.90 0.35
C ARG B 190 38.36 -9.60 -0.02
N VAL B 191 37.93 -8.50 0.56
CA VAL B 191 38.56 -7.23 0.35
C VAL B 191 39.98 -7.20 0.85
N ALA B 192 40.21 -7.78 2.00
CA ALA B 192 41.53 -7.84 2.57
C ALA B 192 42.49 -8.65 1.70
N VAL B 193 42.03 -9.74 1.12
CA VAL B 193 42.89 -10.54 0.29
C VAL B 193 43.31 -9.71 -0.89
N ALA B 194 42.38 -8.98 -1.47
CA ALA B 194 42.63 -8.14 -2.62
C ALA B 194 43.61 -7.03 -2.34
N VAL B 195 43.47 -6.40 -1.20
CA VAL B 195 44.36 -5.35 -0.79
C VAL B 195 45.79 -5.88 -0.69
N ASP B 196 45.96 -7.08 -0.17
CA ASP B 196 47.26 -7.71 -0.07
C ASP B 196 47.83 -7.96 -1.43
N GLU B 197 47.02 -8.46 -2.33
CA GLU B 197 47.41 -8.71 -3.69
C GLU B 197 47.78 -7.43 -4.38
N ILE B 198 47.07 -6.35 -4.10
CA ILE B 198 47.45 -5.06 -4.59
C ILE B 198 48.76 -4.55 -4.01
N ALA B 199 48.96 -4.73 -2.72
CA ALA B 199 50.21 -4.37 -2.09
C ALA B 199 51.33 -5.19 -2.71
N ALA B 200 51.05 -6.42 -3.07
CA ALA B 200 52.07 -7.26 -3.63
C ALA B 200 52.28 -6.98 -5.12
N GLY B 201 51.62 -5.97 -5.65
CA GLY B 201 51.84 -5.56 -7.02
C GLY B 201 51.17 -6.37 -8.09
N ARG B 202 50.26 -7.23 -7.70
CA ARG B 202 49.54 -8.03 -8.65
C ARG B 202 48.64 -7.25 -9.59
N TYR B 203 47.99 -6.25 -9.06
CA TYR B 203 47.22 -5.30 -9.83
C TYR B 203 47.04 -4.06 -9.02
N HIS B 204 46.72 -2.97 -9.69
CA HIS B 204 46.28 -1.72 -9.13
C HIS B 204 44.89 -1.67 -8.45
N LYS B 205 43.87 -2.17 -9.15
CA LYS B 205 42.48 -2.08 -8.70
C LYS B 205 41.61 -3.26 -9.11
N VAL B 206 40.66 -3.62 -8.28
CA VAL B 206 39.61 -4.57 -8.58
C VAL B 206 38.29 -4.18 -7.92
N ILE B 207 37.19 -4.42 -8.61
CA ILE B 207 35.90 -4.25 -8.04
C ILE B 207 35.41 -5.60 -7.53
N LEU B 208 35.11 -5.65 -6.25
CA LEU B 208 34.54 -6.82 -5.64
C LEU B 208 33.18 -6.49 -5.13
N SER B 209 32.35 -7.49 -5.05
CA SER B 209 30.92 -7.35 -4.82
C SER B 209 30.32 -8.36 -3.86
N ARG B 210 29.11 -8.11 -3.43
CA ARG B 210 28.34 -9.00 -2.59
C ARG B 210 26.89 -9.03 -2.96
N CYS B 211 26.31 -10.19 -2.91
CA CYS B 211 24.91 -10.36 -3.17
C CYS B 211 24.13 -10.12 -1.89
N VAL B 212 22.99 -9.47 -1.99
CA VAL B 212 22.11 -9.34 -0.85
C VAL B 212 20.76 -9.94 -1.16
N GLU B 213 20.36 -10.95 -0.42
CA GLU B 213 19.03 -11.51 -0.58
C GLU B 213 17.87 -10.64 -0.11
N VAL B 214 16.82 -10.58 -0.88
CA VAL B 214 15.59 -9.94 -0.50
C VAL B 214 14.65 -11.07 -0.11
N PRO B 215 14.16 -11.04 1.12
CA PRO B 215 13.42 -12.16 1.70
C PRO B 215 11.96 -12.20 1.32
N PHE B 216 11.54 -11.29 0.49
CA PHE B 216 10.20 -11.27 -0.04
C PHE B 216 10.27 -11.11 -1.54
N ALA B 217 9.26 -11.59 -2.23
CA ALA B 217 9.12 -11.32 -3.63
C ALA B 217 8.71 -9.89 -3.86
N ILE B 218 9.24 -9.30 -4.89
CA ILE B 218 8.96 -7.95 -5.19
C ILE B 218 8.24 -7.90 -6.51
N ASP B 219 7.52 -6.82 -6.71
CA ASP B 219 6.89 -6.58 -7.96
C ASP B 219 7.86 -5.78 -8.79
N PHE B 220 8.36 -6.37 -9.87
CA PHE B 220 9.35 -5.74 -10.69
C PHE B 220 8.96 -4.47 -11.43
N PRO B 221 7.86 -4.43 -12.14
CA PRO B 221 7.46 -3.20 -12.81
C PRO B 221 7.17 -2.05 -11.87
N LEU B 222 6.50 -2.29 -10.78
CA LEU B 222 6.23 -1.27 -9.78
C LEU B 222 7.45 -0.76 -9.07
N THR B 223 8.36 -1.65 -8.74
CA THR B 223 9.65 -1.32 -8.17
C THR B 223 10.42 -0.49 -9.15
N TYR B 224 10.35 -0.85 -10.42
CA TYR B 224 11.03 -0.11 -11.42
C TYR B 224 10.56 1.31 -11.50
N ARG B 225 9.27 1.51 -11.44
CA ARG B 225 8.70 2.82 -11.43
C ARG B 225 9.14 3.62 -10.21
N LEU B 226 9.13 3.01 -9.04
CA LEU B 226 9.54 3.75 -7.87
C LEU B 226 11.00 4.22 -7.91
N GLY B 227 11.89 3.31 -8.21
CA GLY B 227 13.30 3.60 -8.34
C GLY B 227 13.64 4.61 -9.42
N ARG B 228 12.91 4.59 -10.51
CA ARG B 228 13.12 5.51 -11.59
C ARG B 228 12.84 6.96 -11.18
N ARG B 229 11.86 7.18 -10.32
CA ARG B 229 11.55 8.49 -9.78
C ARG B 229 12.70 8.99 -8.97
N HIS B 230 13.47 8.09 -8.41
CA HIS B 230 14.58 8.48 -7.60
C HIS B 230 15.97 8.25 -8.15
N ASN B 231 16.08 7.86 -9.40
CA ASN B 231 17.37 7.64 -10.02
C ASN B 231 17.41 8.36 -11.34
N THR B 232 18.52 8.95 -11.71
CA THR B 232 18.65 9.51 -13.04
C THR B 232 19.80 8.80 -13.74
N PRO B 233 19.47 7.79 -14.53
CA PRO B 233 20.44 6.86 -15.07
C PRO B 233 20.80 7.11 -16.54
N VAL B 234 21.95 6.63 -16.96
CA VAL B 234 22.35 6.74 -18.35
C VAL B 234 21.39 5.95 -19.23
N ARG B 235 21.07 4.75 -18.78
CA ARG B 235 20.08 3.89 -19.39
C ARG B 235 19.34 3.14 -18.30
N SER B 236 18.20 2.57 -18.61
CA SER B 236 17.46 1.71 -17.71
C SER B 236 16.79 0.55 -18.40
N PHE B 237 16.51 -0.48 -17.64
CA PHE B 237 15.85 -1.67 -18.10
C PHE B 237 14.88 -2.30 -17.10
N LEU B 238 13.86 -2.90 -17.62
CA LEU B 238 13.04 -3.85 -16.91
C LEU B 238 12.74 -5.09 -17.78
N LEU B 239 12.99 -6.28 -17.26
CA LEU B 239 12.81 -7.48 -18.06
C LEU B 239 12.19 -8.71 -17.39
N GLN B 240 11.50 -9.51 -18.17
CA GLN B 240 11.23 -10.89 -17.85
C GLN B 240 11.57 -11.80 -19.01
N LEU B 241 12.65 -12.53 -18.86
CA LEU B 241 13.21 -13.31 -19.90
C LEU B 241 13.84 -14.62 -19.48
N GLY B 242 13.25 -15.71 -19.94
CA GLY B 242 13.76 -17.02 -19.67
C GLY B 242 13.91 -17.44 -18.24
N GLY B 243 12.95 -17.08 -17.42
CA GLY B 243 13.00 -17.31 -16.01
C GLY B 243 13.68 -16.26 -15.17
N ILE B 244 14.18 -15.23 -15.80
CA ILE B 244 14.86 -14.17 -15.13
C ILE B 244 14.03 -12.92 -15.11
N ARG B 245 13.98 -12.29 -13.97
CA ARG B 245 13.42 -11.00 -13.81
C ARG B 245 14.53 -10.08 -13.38
N ALA B 246 14.60 -8.92 -14.01
CA ALA B 246 15.60 -7.95 -13.68
C ALA B 246 15.15 -6.55 -13.98
N LEU B 247 15.64 -5.62 -13.21
CA LEU B 247 15.56 -4.22 -13.49
C LEU B 247 16.83 -3.55 -13.02
N GLY B 248 17.19 -2.45 -13.63
CA GLY B 248 18.34 -1.72 -13.21
C GLY B 248 18.46 -0.33 -13.72
N TYR B 249 19.25 0.47 -13.04
CA TYR B 249 19.49 1.83 -13.44
C TYR B 249 20.96 1.98 -13.82
N SER B 250 21.28 1.74 -15.09
CA SER B 250 22.65 1.73 -15.56
C SER B 250 23.37 3.05 -15.48
N PRO B 251 24.54 3.03 -14.87
CA PRO B 251 25.31 4.22 -14.63
C PRO B 251 26.34 4.58 -15.70
N GLU B 252 26.47 3.81 -16.76
CA GLU B 252 27.47 4.04 -17.77
C GLU B 252 27.06 3.41 -19.09
N LEU B 253 27.48 3.99 -20.20
CA LEU B 253 27.35 3.39 -21.50
C LEU B 253 28.62 2.68 -21.88
N VAL B 254 28.55 1.40 -22.08
CA VAL B 254 29.66 0.63 -22.57
C VAL B 254 30.03 0.91 -24.01
N THR B 255 29.03 0.84 -24.88
CA THR B 255 29.16 1.15 -26.27
C THR B 255 27.89 1.56 -26.93
N ALA B 256 28.00 2.46 -27.86
CA ALA B 256 26.95 2.76 -28.80
C ALA B 256 27.50 2.76 -30.19
N VAL B 257 26.90 2.01 -31.10
CA VAL B 257 27.32 2.01 -32.49
C VAL B 257 26.16 2.47 -33.34
N ARG B 258 26.39 3.50 -34.13
CA ARG B 258 25.39 4.02 -35.04
C ARG B 258 25.37 3.31 -36.36
N ALA B 259 24.30 3.53 -37.11
CA ALA B 259 24.11 3.00 -38.45
C ALA B 259 25.16 3.50 -39.44
N ASP B 260 25.62 4.72 -39.20
CA ASP B 260 26.60 5.38 -40.04
C ASP B 260 28.00 4.99 -39.68
N GLY B 261 28.14 4.13 -38.69
CA GLY B 261 29.41 3.61 -38.24
C GLY B 261 30.16 4.26 -37.10
N VAL B 262 29.65 5.34 -36.55
CA VAL B 262 30.33 5.95 -35.45
C VAL B 262 30.20 5.16 -34.17
N VAL B 263 31.31 4.92 -33.51
CA VAL B 263 31.37 4.24 -32.26
C VAL B 263 31.67 5.18 -31.09
N ILE B 264 30.92 5.03 -30.02
CA ILE B 264 31.00 5.87 -28.84
C ILE B 264 31.23 4.99 -27.62
N THR B 265 32.02 5.45 -26.67
CA THR B 265 32.07 4.85 -25.36
C THR B 265 32.29 5.93 -24.35
N GLU B 266 31.66 5.83 -23.20
CA GLU B 266 31.73 6.88 -22.21
C GLU B 266 32.08 6.45 -20.80
N PRO B 267 33.34 6.17 -20.53
CA PRO B 267 33.74 5.83 -19.18
C PRO B 267 33.59 6.97 -18.20
N LEU B 268 33.09 6.66 -17.02
CA LEU B 268 32.92 7.67 -16.02
C LEU B 268 33.75 7.30 -14.84
N ALA B 269 34.22 8.27 -14.10
CA ALA B 269 34.92 7.98 -12.88
C ALA B 269 34.69 9.05 -11.84
N GLY B 270 34.56 8.62 -10.59
CA GLY B 270 34.49 9.48 -9.44
C GLY B 270 33.08 9.88 -9.12
N THR B 271 32.78 10.01 -7.85
CA THR B 271 31.44 10.39 -7.47
C THR B 271 31.36 11.49 -6.41
N ARG B 272 30.54 12.50 -6.66
CA ARG B 272 30.21 13.55 -5.70
C ARG B 272 28.74 13.91 -5.81
N ALA B 273 28.18 14.51 -4.77
CA ALA B 273 26.77 14.86 -4.72
C ALA B 273 26.35 16.00 -5.63
N LEU B 274 25.08 16.00 -6.04
CA LEU B 274 24.50 17.09 -6.82
C LEU B 274 23.58 18.08 -6.07
N GLY B 275 22.63 17.56 -5.29
CA GLY B 275 21.63 18.40 -4.67
C GLY B 275 21.98 19.35 -3.53
N ARG B 276 21.73 20.64 -3.75
CA ARG B 276 21.92 21.73 -2.77
C ARG B 276 23.09 22.69 -2.99
N GLY B 277 22.91 23.63 -3.91
CA GLY B 277 23.94 24.61 -4.18
C GLY B 277 23.39 25.71 -5.06
N ARG B 282 25.93 21.97 -6.21
CA ARG B 282 26.67 21.61 -5.01
C ARG B 282 28.18 21.69 -5.26
N LEU B 283 28.87 22.66 -4.66
CA LEU B 283 30.28 22.82 -5.03
C LEU B 283 31.27 21.94 -4.28
N ALA B 284 31.08 20.64 -4.51
CA ALA B 284 32.03 19.59 -4.31
C ALA B 284 32.41 19.12 -5.70
N ARG B 285 31.92 19.84 -6.69
CA ARG B 285 32.32 19.65 -8.06
C ARG B 285 33.78 19.97 -8.10
N ASP B 286 34.15 20.97 -7.33
CA ASP B 286 35.52 21.43 -7.25
C ASP B 286 36.50 20.39 -6.73
N ASP B 287 36.11 19.67 -5.69
CA ASP B 287 36.94 18.64 -5.11
C ASP B 287 37.23 17.46 -6.02
N LEU B 288 36.20 16.88 -6.63
CA LEU B 288 36.41 15.78 -7.56
C LEU B 288 37.16 16.17 -8.83
N GLU B 289 36.93 17.38 -9.28
CA GLU B 289 37.66 17.95 -10.40
C GLU B 289 39.13 18.08 -10.06
N SER B 290 39.43 18.36 -8.81
CA SER B 290 40.81 18.56 -8.42
C SER B 290 41.45 17.33 -7.83
N ASN B 291 40.67 16.30 -7.60
CA ASN B 291 41.20 15.14 -6.91
C ASN B 291 42.18 14.35 -7.75
N SER B 292 43.37 14.17 -7.22
CA SER B 292 44.40 13.46 -7.92
C SER B 292 44.07 12.00 -8.18
N LYS B 293 43.52 11.33 -7.19
CA LYS B 293 43.20 9.95 -7.39
C LYS B 293 42.18 9.73 -8.48
N GLU B 294 41.09 10.47 -8.52
CA GLU B 294 40.13 10.29 -9.59
C GLU B 294 40.70 10.60 -10.94
N ILE B 295 41.51 11.65 -11.03
CA ILE B 295 42.09 12.09 -12.28
C ILE B 295 43.00 11.04 -12.91
N VAL B 296 43.87 10.43 -12.14
CA VAL B 296 44.66 9.35 -12.65
C VAL B 296 43.85 8.17 -13.06
N GLU B 297 42.84 7.83 -12.28
CA GLU B 297 42.02 6.73 -12.63
C GLU B 297 41.28 6.95 -13.91
N HIS B 298 40.73 8.13 -14.07
CA HIS B 298 40.02 8.45 -15.26
C HIS B 298 40.92 8.45 -16.46
N ALA B 299 42.09 9.04 -16.30
CA ALA B 299 43.03 9.18 -17.39
C ALA B 299 43.47 7.85 -17.91
N ILE B 300 43.74 6.94 -17.00
CA ILE B 300 44.10 5.59 -17.30
C ILE B 300 43.01 4.82 -18.02
N SER B 301 41.78 4.97 -17.56
CA SER B 301 40.66 4.36 -18.17
C SER B 301 40.47 4.89 -19.54
N VAL B 302 40.58 6.20 -19.70
CA VAL B 302 40.36 6.80 -20.97
C VAL B 302 41.37 6.26 -21.94
N ARG B 303 42.61 6.10 -21.49
CA ARG B 303 43.67 5.54 -22.30
C ARG B 303 43.45 4.08 -22.63
N SER B 304 42.91 3.31 -21.70
CA SER B 304 42.58 1.94 -21.95
C SER B 304 41.47 1.86 -22.98
N SER B 305 40.49 2.70 -22.82
CA SER B 305 39.38 2.73 -23.70
C SER B 305 39.83 3.08 -25.11
N LEU B 306 40.69 4.06 -25.23
CA LEU B 306 41.17 4.53 -26.51
C LEU B 306 41.97 3.49 -27.26
N GLU B 307 42.81 2.76 -26.58
CA GLU B 307 43.50 1.67 -27.18
C GLU B 307 42.59 0.59 -27.69
N GLU B 308 41.60 0.18 -26.91
CA GLU B 308 40.66 -0.86 -27.31
C GLU B 308 39.84 -0.45 -28.51
N ILE B 309 39.36 0.77 -28.53
CA ILE B 309 38.58 1.28 -29.61
C ILE B 309 39.39 1.28 -30.89
N THR B 310 40.68 1.53 -30.75
CA THR B 310 41.63 1.67 -31.83
C THR B 310 41.76 0.40 -32.61
N ASP B 311 41.68 -0.72 -31.92
CA ASP B 311 41.78 -2.02 -32.52
C ASP B 311 40.67 -2.28 -33.52
N ILE B 312 39.53 -1.63 -33.37
CA ILE B 312 38.41 -1.83 -34.27
C ILE B 312 38.02 -0.65 -35.19
N ALA B 313 38.83 0.40 -35.20
CA ALA B 313 38.50 1.62 -35.89
C ALA B 313 39.34 1.87 -37.11
N GLU B 314 38.75 2.54 -38.09
CA GLU B 314 39.50 3.06 -39.19
C GLU B 314 40.65 3.84 -38.62
N PRO B 315 41.83 3.69 -39.19
CA PRO B 315 42.97 4.43 -38.68
C PRO B 315 42.72 5.93 -38.75
N GLY B 316 43.07 6.64 -37.68
CA GLY B 316 42.81 8.05 -37.60
C GLY B 316 41.46 8.51 -37.06
N SER B 317 40.51 7.61 -36.89
CA SER B 317 39.19 8.01 -36.48
C SER B 317 39.06 8.15 -35.02
N ALA B 318 39.93 7.53 -34.25
CA ALA B 318 39.79 7.54 -32.80
C ALA B 318 40.27 8.80 -32.08
N ALA B 319 39.37 9.43 -31.35
CA ALA B 319 39.59 10.66 -30.68
C ALA B 319 38.88 10.68 -29.32
N VAL B 320 39.34 11.50 -28.39
CA VAL B 320 38.61 11.74 -27.16
C VAL B 320 37.92 13.06 -27.31
N ILE B 321 36.62 13.07 -27.12
CA ILE B 321 35.83 14.21 -27.54
C ILE B 321 35.31 15.18 -26.49
N ASP B 322 35.05 14.77 -25.26
CA ASP B 322 34.83 15.75 -24.19
C ASP B 322 35.57 15.31 -22.96
N PHE B 323 36.88 15.44 -22.94
CA PHE B 323 37.71 14.88 -21.89
C PHE B 323 37.51 15.47 -20.51
N MET B 324 37.25 14.59 -19.57
CA MET B 324 37.23 14.86 -18.16
C MET B 324 36.31 16.01 -17.84
N THR B 325 35.18 16.06 -18.52
CA THR B 325 34.14 17.02 -18.26
C THR B 325 33.30 16.54 -17.10
N VAL B 326 32.69 17.42 -16.34
CA VAL B 326 31.88 16.95 -15.25
C VAL B 326 30.47 16.61 -15.71
N ARG B 327 30.00 15.43 -15.31
CA ARG B 327 28.70 14.98 -15.72
C ARG B 327 27.79 14.67 -14.55
N GLU B 328 26.58 15.20 -14.64
CA GLU B 328 25.66 15.22 -13.52
C GLU B 328 24.47 14.29 -13.66
N ARG B 329 24.07 13.71 -12.55
CA ARG B 329 22.96 12.80 -12.55
C ARG B 329 21.75 13.43 -11.89
N GLY B 330 21.71 13.41 -10.58
CA GLY B 330 20.64 14.10 -9.91
C GLY B 330 21.20 14.52 -8.60
N SER B 331 21.35 13.52 -7.76
CA SER B 331 21.81 13.65 -6.41
C SER B 331 23.27 13.34 -6.35
N VAL B 332 23.90 13.34 -7.53
CA VAL B 332 25.29 12.93 -7.67
C VAL B 332 25.92 13.48 -8.96
N GLN B 333 27.25 13.49 -9.03
CA GLN B 333 27.96 13.84 -10.26
C GLN B 333 29.24 13.01 -10.47
N HIS B 334 29.67 12.85 -11.71
CA HIS B 334 30.92 12.17 -12.06
C HIS B 334 31.71 12.91 -13.14
N LEU B 335 33.01 12.70 -13.18
CA LEU B 335 33.85 13.06 -14.31
C LEU B 335 33.60 12.08 -15.41
N GLY B 336 33.58 12.52 -16.65
CA GLY B 336 33.47 11.61 -17.77
C GLY B 336 34.21 12.04 -19.01
N SER B 337 34.45 11.11 -19.91
CA SER B 337 35.01 11.38 -21.21
C SER B 337 34.28 10.60 -22.28
N THR B 338 34.27 11.13 -23.48
CA THR B 338 33.63 10.47 -24.59
C THR B 338 34.67 10.03 -25.62
N ILE B 339 34.76 8.75 -25.90
CA ILE B 339 35.70 8.23 -26.88
C ILE B 339 34.97 7.91 -28.17
N ARG B 340 35.38 8.51 -29.28
CA ARG B 340 34.68 8.35 -30.55
C ARG B 340 35.60 7.78 -31.61
N ALA B 341 35.06 7.01 -32.53
CA ALA B 341 35.82 6.39 -33.57
C ALA B 341 34.90 6.05 -34.71
N ARG B 342 35.45 5.52 -35.77
CA ARG B 342 34.65 5.02 -36.84
C ARG B 342 35.02 3.58 -37.08
N LEU B 343 34.01 2.76 -37.09
CA LEU B 343 34.23 1.36 -37.16
C LEU B 343 34.88 1.01 -38.49
N ASP B 344 35.99 0.31 -38.43
CA ASP B 344 36.63 -0.19 -39.62
C ASP B 344 35.72 -1.18 -40.25
N PRO B 345 35.70 -1.19 -41.56
CA PRO B 345 34.80 -2.03 -42.33
C PRO B 345 35.12 -3.47 -42.17
N SER B 346 36.30 -3.78 -41.64
CA SER B 346 36.70 -5.14 -41.38
C SER B 346 36.27 -5.60 -40.01
N SER B 347 35.50 -4.78 -39.32
CA SER B 347 35.02 -5.02 -37.97
C SER B 347 33.54 -4.86 -37.95
N ASP B 348 32.96 -5.13 -36.80
CA ASP B 348 31.54 -5.17 -36.63
C ASP B 348 31.23 -4.72 -35.23
N ARG B 349 29.96 -4.54 -34.95
CA ARG B 349 29.47 -4.05 -33.68
C ARG B 349 29.75 -4.94 -32.49
N MET B 350 29.65 -6.24 -32.67
CA MET B 350 29.98 -7.19 -31.63
C MET B 350 31.46 -7.16 -31.25
N ALA B 351 32.31 -6.98 -32.24
CA ALA B 351 33.71 -6.84 -32.02
C ALA B 351 33.97 -5.58 -31.22
N ALA B 352 33.20 -4.55 -31.52
CA ALA B 352 33.29 -3.32 -30.79
C ALA B 352 32.90 -3.51 -29.30
N LEU B 353 31.81 -4.20 -29.04
CA LEU B 353 31.42 -4.52 -27.71
C LEU B 353 32.45 -5.38 -27.01
N GLU B 354 32.97 -6.37 -27.71
CA GLU B 354 33.93 -7.31 -27.18
C GLU B 354 35.21 -6.62 -26.83
N ALA B 355 35.59 -5.65 -27.64
CA ALA B 355 36.77 -4.87 -27.42
C ALA B 355 36.71 -4.04 -26.16
N LEU B 356 35.54 -3.50 -25.88
CA LEU B 356 35.28 -2.66 -24.75
C LEU B 356 34.85 -3.34 -23.46
N PHE B 357 34.65 -4.64 -23.49
CA PHE B 357 34.05 -5.41 -22.44
C PHE B 357 35.09 -6.21 -21.71
N PRO B 358 34.95 -6.31 -20.41
CA PRO B 358 33.96 -5.58 -19.63
C PRO B 358 34.40 -4.17 -19.31
N ALA B 359 33.51 -3.36 -18.80
CA ALA B 359 33.89 -2.05 -18.40
C ALA B 359 34.89 -2.06 -17.22
N VAL B 360 35.84 -1.15 -17.27
CA VAL B 360 36.88 -1.00 -16.29
C VAL B 360 36.24 -0.70 -14.97
N THR B 361 35.10 -0.05 -15.05
CA THR B 361 34.30 0.38 -13.94
C THR B 361 33.81 -0.72 -13.03
N ALA B 362 33.41 -1.86 -13.55
CA ALA B 362 33.05 -2.96 -12.71
C ALA B 362 34.04 -4.12 -12.73
N SER B 363 35.23 -3.88 -13.27
CA SER B 363 36.25 -4.92 -13.33
C SER B 363 37.53 -4.59 -12.58
N GLY B 364 38.51 -4.02 -13.25
CA GLY B 364 39.76 -3.69 -12.64
C GLY B 364 40.79 -2.97 -13.48
N ILE B 365 41.83 -2.51 -12.82
CA ILE B 365 42.99 -1.98 -13.48
C ILE B 365 44.25 -2.71 -13.02
N PRO B 366 44.96 -3.40 -13.89
CA PRO B 366 44.64 -3.61 -15.29
C PRO B 366 43.52 -4.58 -15.46
N LYS B 367 42.83 -4.47 -16.58
CA LYS B 367 41.68 -5.27 -16.83
C LYS B 367 41.91 -6.76 -16.76
N ALA B 368 42.97 -7.25 -17.34
CA ALA B 368 43.17 -8.67 -17.38
C ALA B 368 43.33 -9.24 -15.98
N ALA B 369 44.15 -8.57 -15.18
CA ALA B 369 44.38 -8.93 -13.81
C ALA B 369 43.16 -8.78 -12.93
N GLY B 370 42.40 -7.73 -13.16
CA GLY B 370 41.18 -7.52 -12.44
C GLY B 370 40.13 -8.57 -12.70
N VAL B 371 39.94 -8.94 -13.94
CA VAL B 371 39.01 -9.98 -14.28
C VAL B 371 39.39 -11.34 -13.70
N GLU B 372 40.66 -11.68 -13.74
CA GLU B 372 41.15 -12.92 -13.20
C GLU B 372 40.92 -13.01 -11.69
N ALA B 373 41.14 -11.90 -11.02
CA ALA B 373 40.94 -11.72 -9.59
C ALA B 373 39.49 -11.85 -9.16
N ILE B 374 38.58 -11.37 -9.99
CA ILE B 374 37.17 -11.49 -9.76
C ILE B 374 36.78 -12.96 -9.73
N PHE B 375 37.38 -13.78 -10.58
CA PHE B 375 37.08 -15.19 -10.61
C PHE B 375 37.38 -15.83 -9.29
N ARG B 376 38.54 -15.51 -8.74
CA ARG B 376 38.97 -15.94 -7.43
C ARG B 376 38.29 -15.36 -6.22
N LEU B 377 38.08 -14.05 -6.23
CA LEU B 377 37.63 -13.35 -5.06
C LEU B 377 36.21 -12.80 -5.07
N ASP B 378 35.43 -13.12 -6.08
CA ASP B 378 34.05 -12.75 -6.14
C ASP B 378 33.26 -13.99 -6.43
N GLU B 379 31.96 -13.95 -6.21
CA GLU B 379 31.09 -15.07 -6.45
C GLU B 379 30.73 -15.15 -7.91
N CYS B 380 31.09 -16.25 -8.50
CA CYS B 380 31.02 -16.41 -9.92
C CYS B 380 30.11 -17.56 -10.25
N PRO B 381 29.52 -17.54 -11.43
CA PRO B 381 29.59 -16.39 -12.30
C PRO B 381 28.72 -15.21 -11.88
N ARG B 382 29.11 -14.04 -12.32
CA ARG B 382 28.38 -12.82 -12.14
C ARG B 382 27.04 -12.77 -12.83
N GLY B 383 26.97 -13.34 -14.01
CA GLY B 383 25.84 -13.24 -14.87
C GLY B 383 25.58 -11.84 -15.29
N LEU B 384 24.38 -11.39 -15.04
CA LEU B 384 23.96 -10.10 -15.44
C LEU B 384 24.76 -8.98 -14.80
N TYR B 385 25.12 -9.11 -13.54
CA TYR B 385 25.82 -8.07 -12.87
C TYR B 385 27.20 -7.77 -13.45
N SER B 386 27.41 -6.51 -13.73
CA SER B 386 28.59 -5.97 -14.33
C SER B 386 28.74 -6.34 -15.80
N GLY B 387 27.67 -6.87 -16.39
CA GLY B 387 27.65 -7.16 -17.81
C GLY B 387 27.05 -6.00 -18.58
N ALA B 388 26.07 -6.29 -19.43
CA ALA B 388 25.38 -5.26 -20.17
C ALA B 388 24.01 -5.64 -20.66
N VAL B 389 23.14 -4.67 -20.86
CA VAL B 389 21.84 -4.89 -21.44
C VAL B 389 21.88 -4.25 -22.81
N VAL B 390 21.46 -4.95 -23.83
CA VAL B 390 21.64 -4.49 -25.18
C VAL B 390 20.42 -4.31 -26.04
N MET B 391 20.46 -3.29 -26.85
CA MET B 391 19.52 -3.08 -27.90
C MET B 391 20.27 -2.96 -29.22
N LEU B 392 19.90 -3.78 -30.17
CA LEU B 392 20.53 -3.88 -31.48
C LEU B 392 19.55 -3.60 -32.60
N SER B 393 20.05 -3.05 -33.69
CA SER B 393 19.23 -2.66 -34.81
C SER B 393 19.70 -3.20 -36.11
N ALA B 394 18.76 -3.41 -37.02
CA ALA B 394 18.97 -3.98 -38.33
C ALA B 394 19.89 -3.13 -39.18
N ASP B 395 19.87 -1.84 -38.97
CA ASP B 395 20.69 -0.91 -39.69
C ASP B 395 22.14 -0.88 -39.22
N GLY B 396 22.49 -1.79 -38.32
CA GLY B 396 23.78 -1.80 -37.67
C GLY B 396 23.96 -1.13 -36.31
N GLY B 397 22.91 -0.60 -35.73
CA GLY B 397 22.94 -0.06 -34.40
C GLY B 397 23.19 -1.00 -33.23
N LEU B 398 23.89 -0.50 -32.24
CA LEU B 398 24.08 -1.19 -30.98
C LEU B 398 24.01 -0.20 -29.86
N ASP B 399 23.24 -0.50 -28.83
CA ASP B 399 23.33 0.26 -27.61
C ASP B 399 23.50 -0.67 -26.42
N ALA B 400 24.58 -0.51 -25.69
CA ALA B 400 24.88 -1.38 -24.58
C ALA B 400 25.14 -0.63 -23.29
N ALA B 401 24.35 -0.93 -22.29
CA ALA B 401 24.40 -0.25 -21.01
C ALA B 401 24.99 -1.11 -19.94
N LEU B 402 25.87 -0.57 -19.14
CA LEU B 402 26.54 -1.37 -18.15
C LEU B 402 25.62 -1.71 -16.97
N THR B 403 25.52 -2.99 -16.63
CA THR B 403 24.57 -3.44 -15.65
C THR B 403 25.05 -3.36 -14.21
N LEU B 404 24.62 -2.33 -13.53
CA LEU B 404 24.85 -2.05 -12.14
C LEU B 404 23.57 -1.42 -11.66
N ARG B 405 23.38 -1.36 -10.36
CA ARG B 405 22.16 -0.84 -9.75
C ARG B 405 20.89 -1.54 -10.21
N ALA B 406 20.98 -2.85 -10.15
CA ALA B 406 19.99 -3.79 -10.63
C ALA B 406 19.53 -4.80 -9.58
N ALA B 407 18.35 -5.32 -9.81
CA ALA B 407 17.72 -6.32 -9.01
C ALA B 407 17.39 -7.53 -9.87
N TYR B 408 17.52 -8.70 -9.30
CA TYR B 408 17.35 -9.92 -10.01
C TYR B 408 16.46 -10.91 -9.27
N GLN B 409 15.62 -11.61 -9.99
CA GLN B 409 14.94 -12.76 -9.48
C GLN B 409 15.08 -13.91 -10.43
N VAL B 410 15.68 -14.97 -9.95
CA VAL B 410 15.73 -16.24 -10.60
C VAL B 410 15.27 -17.35 -9.67
N GLY B 411 14.34 -18.16 -10.10
CA GLY B 411 13.73 -19.18 -9.28
C GLY B 411 13.03 -18.57 -8.10
N GLY B 412 13.27 -19.10 -6.93
CA GLY B 412 12.69 -18.51 -5.76
C GLY B 412 13.50 -17.38 -5.17
N ARG B 413 14.64 -17.09 -5.76
CA ARG B 413 15.59 -16.18 -5.19
C ARG B 413 15.56 -14.76 -5.75
N THR B 414 15.42 -13.82 -4.83
CA THR B 414 15.46 -12.41 -5.12
C THR B 414 16.68 -11.78 -4.49
N TRP B 415 17.43 -11.04 -5.26
CA TRP B 415 18.64 -10.47 -4.78
C TRP B 415 19.09 -9.17 -5.42
N LEU B 416 19.91 -8.49 -4.69
CA LEU B 416 20.59 -7.31 -5.15
C LEU B 416 22.09 -7.56 -5.14
N ARG B 417 22.83 -6.84 -5.94
CA ARG B 417 24.27 -6.95 -5.90
C ARG B 417 25.00 -5.61 -6.06
N ALA B 418 25.93 -5.29 -5.20
CA ALA B 418 26.77 -4.14 -5.36
C ALA B 418 28.19 -4.37 -4.91
N GLY B 419 29.07 -3.54 -5.35
CA GLY B 419 30.48 -3.70 -5.16
C GLY B 419 31.18 -2.40 -4.93
N ALA B 420 32.48 -2.47 -4.72
CA ALA B 420 33.34 -1.33 -4.56
C ALA B 420 34.66 -1.52 -5.24
N GLY B 421 35.26 -0.45 -5.72
CA GLY B 421 36.60 -0.49 -6.25
C GLY B 421 37.63 -0.52 -5.13
N ILE B 422 38.44 -1.55 -5.12
CA ILE B 422 39.45 -1.78 -4.12
C ILE B 422 40.81 -1.39 -4.63
N ILE B 423 41.47 -0.62 -3.80
CA ILE B 423 42.80 -0.12 -4.05
C ILE B 423 43.66 -0.40 -2.85
N GLU B 424 44.93 -0.11 -2.96
CA GLU B 424 45.88 -0.44 -1.96
C GLU B 424 45.52 0.21 -0.64
N GLU B 425 45.02 1.42 -0.73
CA GLU B 425 44.67 2.23 0.40
C GLU B 425 43.39 1.80 1.11
N SER B 426 42.66 0.89 0.49
CA SER B 426 41.34 0.51 0.91
C SER B 426 41.20 -0.20 2.23
N GLU B 427 40.15 0.13 2.95
CA GLU B 427 39.83 -0.48 4.20
C GLU B 427 38.56 -1.26 4.08
N PRO B 428 38.56 -2.49 4.54
CA PRO B 428 37.42 -3.38 4.37
C PRO B 428 36.13 -2.94 5.02
N GLU B 429 36.16 -2.43 6.23
CA GLU B 429 34.94 -1.93 6.82
C GLU B 429 34.40 -0.75 6.05
N ARG B 430 35.28 0.09 5.56
CA ARG B 430 34.87 1.20 4.75
C ARG B 430 34.28 0.79 3.42
N GLU B 431 34.86 -0.20 2.79
CA GLU B 431 34.31 -0.74 1.57
C GLU B 431 32.97 -1.42 1.74
N PHE B 432 32.76 -2.08 2.87
CA PHE B 432 31.51 -2.69 3.14
C PHE B 432 30.43 -1.62 3.24
N GLU B 433 30.76 -0.50 3.86
CA GLU B 433 29.85 0.62 3.92
C GLU B 433 29.54 1.22 2.56
N GLU B 434 30.51 1.25 1.67
CA GLU B 434 30.28 1.77 0.33
C GLU B 434 29.26 0.95 -0.43
N THR B 435 29.26 -0.35 -0.24
CA THR B 435 28.30 -1.18 -0.88
C THR B 435 26.90 -0.88 -0.40
N CYS B 436 26.78 -0.58 0.88
CA CYS B 436 25.50 -0.17 1.45
C CYS B 436 25.00 1.11 0.80
N GLU B 437 25.90 2.02 0.58
CA GLU B 437 25.63 3.25 -0.09
C GLU B 437 25.19 3.01 -1.54
N LYS B 438 25.88 2.10 -2.21
CA LYS B 438 25.55 1.68 -3.54
C LYS B 438 24.22 0.96 -3.70
N LEU B 439 23.88 0.11 -2.75
CA LEU B 439 22.64 -0.58 -2.68
C LEU B 439 21.43 0.30 -2.47
N SER B 440 21.66 1.46 -1.89
CA SER B 440 20.67 2.45 -1.52
C SER B 440 20.03 3.10 -2.73
N THR B 441 20.59 2.83 -3.88
CA THR B 441 20.00 3.09 -5.15
C THR B 441 18.73 2.26 -5.34
N LEU B 442 18.65 1.10 -4.74
CA LEU B 442 17.48 0.26 -4.80
C LEU B 442 16.76 -0.06 -3.46
N THR B 443 17.49 -0.11 -2.37
CA THR B 443 16.98 -0.61 -1.11
C THR B 443 15.76 0.15 -0.58
N PRO B 444 15.63 1.44 -0.79
CA PRO B 444 14.47 2.17 -0.31
C PRO B 444 13.26 2.01 -1.19
N TYR B 445 13.42 1.41 -2.36
CA TYR B 445 12.42 1.32 -3.40
C TYR B 445 11.81 0.00 -3.79
N LEU B 446 11.95 -1.01 -2.97
CA LEU B 446 11.43 -2.31 -3.29
C LEU B 446 9.96 -2.45 -2.96
N VAL B 447 9.15 -2.59 -3.98
CA VAL B 447 7.75 -2.78 -3.79
C VAL B 447 7.45 -4.27 -3.77
N ALA B 448 6.95 -4.73 -2.65
CA ALA B 448 6.56 -6.09 -2.47
C ALA B 448 5.45 -6.53 -3.40
N ARG B 449 5.56 -7.77 -3.86
CA ARG B 449 4.62 -8.36 -4.77
C ARG B 449 3.36 -8.61 -4.02
N GLN B 450 2.24 -8.16 -4.54
CA GLN B 450 1.01 -8.30 -3.77
C GLN B 450 -0.02 -9.18 -4.43
N SER C 15 19.74 6.67 26.80
CA SER C 15 19.73 6.81 25.36
C SER C 15 20.00 5.49 24.62
N SER C 16 19.28 5.24 23.54
CA SER C 16 19.34 4.03 22.76
C SER C 16 19.59 4.51 21.38
N SER C 17 20.03 3.65 20.51
CA SER C 17 20.31 4.07 19.16
C SER C 17 20.02 3.01 18.10
N ILE C 18 19.82 3.45 16.87
CA ILE C 18 19.53 2.62 15.74
C ILE C 18 20.26 3.31 14.63
N PRO C 19 21.01 2.59 13.82
CA PRO C 19 21.67 3.22 12.69
C PRO C 19 20.72 3.62 11.55
N MET C 20 21.11 4.62 10.79
CA MET C 20 20.26 5.16 9.75
C MET C 20 20.44 4.44 8.45
N PRO C 21 19.35 4.06 7.85
CA PRO C 21 19.39 3.41 6.56
C PRO C 21 19.93 4.32 5.47
N ALA C 22 20.77 3.80 4.61
CA ALA C 22 21.32 4.59 3.53
C ALA C 22 20.28 4.96 2.49
N GLY C 23 20.43 6.11 1.88
CA GLY C 23 19.54 6.54 0.84
C GLY C 23 18.26 7.19 1.32
N VAL C 24 18.16 7.37 2.61
CA VAL C 24 17.05 8.00 3.21
C VAL C 24 17.52 9.30 3.81
N ASN C 25 16.93 10.37 3.35
CA ASN C 25 17.11 11.68 3.93
C ASN C 25 16.59 11.81 5.37
N PRO C 26 17.37 12.37 6.26
CA PRO C 26 16.98 12.51 7.65
C PRO C 26 15.76 13.39 7.86
N ALA C 27 15.62 14.44 7.09
CA ALA C 27 14.45 15.27 7.11
C ALA C 27 13.18 14.56 6.70
N ASP C 28 13.26 13.75 5.68
CA ASP C 28 12.14 12.97 5.26
C ASP C 28 11.72 11.97 6.29
N LEU C 29 12.66 11.29 6.88
CA LEU C 29 12.39 10.37 7.96
C LEU C 29 11.88 10.96 9.26
N ALA C 30 12.44 12.07 9.70
CA ALA C 30 11.96 12.72 10.88
C ALA C 30 10.54 13.21 10.73
N ALA C 31 10.24 13.79 9.58
CA ALA C 31 8.91 14.24 9.26
C ALA C 31 7.90 13.11 9.16
N GLU C 32 8.31 12.00 8.58
CA GLU C 32 7.48 10.82 8.50
C GLU C 32 7.18 10.31 9.87
N LEU C 33 8.15 10.38 10.74
CA LEU C 33 8.02 9.91 12.10
C LEU C 33 7.10 10.77 12.90
N ALA C 34 7.14 12.08 12.73
CA ALA C 34 6.17 12.93 13.34
C ALA C 34 4.75 12.62 12.87
N ALA C 35 4.55 12.46 11.59
CA ALA C 35 3.25 12.11 11.14
C ALA C 35 2.78 10.77 11.67
N VAL C 36 3.62 9.75 11.59
CA VAL C 36 3.30 8.39 11.99
C VAL C 36 2.97 8.30 13.44
N VAL C 37 3.78 8.93 14.26
CA VAL C 37 3.52 9.00 15.66
C VAL C 37 2.27 9.74 16.08
N THR C 38 1.94 10.84 15.44
CA THR C 38 0.70 11.53 15.72
C THR C 38 -0.45 10.65 15.35
N GLU C 39 -0.25 9.88 14.31
CA GLU C 39 -1.28 8.98 13.88
C GLU C 39 -1.57 7.93 14.93
N SER C 40 -0.57 7.28 15.47
CA SER C 40 -0.82 6.37 16.53
C SER C 40 -1.23 6.93 17.90
N VAL C 41 -0.50 7.88 18.45
CA VAL C 41 -0.81 8.32 19.78
C VAL C 41 -1.54 9.63 19.92
N ASP C 42 -1.75 10.32 18.83
CA ASP C 42 -2.45 11.57 18.86
C ASP C 42 -1.87 12.60 19.81
N GLU C 43 -0.59 12.84 19.71
CA GLU C 43 0.11 13.74 20.60
C GLU C 43 0.67 14.94 19.89
N ASP C 44 0.88 16.00 20.65
CA ASP C 44 1.55 17.21 20.23
C ASP C 44 3.06 16.97 20.11
N TYR C 45 3.72 17.69 19.23
CA TYR C 45 5.13 17.57 18.98
C TYR C 45 5.76 18.83 18.42
N LEU C 46 7.06 18.93 18.57
CA LEU C 46 7.88 19.85 17.84
C LEU C 46 9.13 19.21 17.20
N LEU C 47 9.28 19.39 15.91
CA LEU C 47 10.46 18.98 15.21
C LEU C 47 11.35 20.16 14.90
N TYR C 48 12.55 20.15 15.43
CA TYR C 48 13.55 21.14 15.19
C TYR C 48 14.78 20.60 14.49
N GLU C 49 15.16 21.23 13.40
CA GLU C 49 16.38 20.91 12.70
C GLU C 49 17.52 21.88 13.07
N CYS C 50 18.55 21.34 13.69
CA CYS C 50 19.72 22.09 14.09
C CYS C 50 21.03 21.33 13.81
N ASP C 51 21.84 21.88 12.91
CA ASP C 51 23.17 21.35 12.59
C ASP C 51 23.22 19.88 12.22
N GLY C 52 22.37 19.49 11.31
CA GLY C 52 22.27 18.13 10.85
C GLY C 52 21.55 17.18 11.77
N GLN C 53 20.94 17.68 12.82
CA GLN C 53 20.14 16.87 13.69
C GLN C 53 18.72 17.31 13.60
N TRP C 54 17.86 16.35 13.40
CA TRP C 54 16.46 16.59 13.45
C TRP C 54 15.94 16.05 14.75
N VAL C 55 15.56 16.94 15.64
CA VAL C 55 15.13 16.55 16.96
C VAL C 55 13.63 16.61 17.04
N LEU C 56 13.03 15.45 17.28
CA LEU C 56 11.61 15.35 17.46
C LEU C 56 11.29 15.26 18.92
N ALA C 57 10.67 16.30 19.43
CA ALA C 57 10.22 16.36 20.78
C ALA C 57 8.76 15.95 20.81
N ALA C 58 8.50 14.75 21.27
CA ALA C 58 7.20 14.15 21.12
C ALA C 58 6.50 13.99 22.45
N GLY C 59 5.24 14.41 22.49
CA GLY C 59 4.47 14.36 23.73
C GLY C 59 4.82 15.53 24.62
N VAL C 60 3.85 16.03 25.36
CA VAL C 60 4.06 17.18 26.24
C VAL C 60 3.96 16.83 27.71
N GLN C 61 5.11 16.53 28.32
CA GLN C 61 5.16 16.26 29.72
C GLN C 61 4.71 17.40 30.64
N ALA C 62 5.22 18.58 30.39
CA ALA C 62 4.79 19.77 31.09
C ALA C 62 4.82 20.96 30.17
N MET C 63 3.90 21.89 30.30
CA MET C 63 3.93 23.08 29.48
C MET C 63 4.03 24.41 30.23
N VAL C 64 4.89 25.29 29.74
CA VAL C 64 4.96 26.65 30.20
C VAL C 64 4.30 27.59 29.21
N GLU C 65 3.22 28.21 29.63
CA GLU C 65 2.59 29.21 28.80
C GLU C 65 2.86 30.57 29.38
N LEU C 66 3.61 31.38 28.68
CA LEU C 66 3.82 32.74 29.08
C LEU C 66 2.98 33.73 28.27
N ASP C 67 2.12 34.41 28.98
CA ASP C 67 1.24 35.40 28.42
C ASP C 67 1.64 36.73 28.99
N SER C 68 1.08 37.78 28.46
CA SER C 68 1.36 39.13 28.86
C SER C 68 0.98 39.40 30.30
N ASP C 69 -0.08 38.77 30.75
CA ASP C 69 -0.60 38.92 32.07
C ASP C 69 -0.37 37.80 33.06
N GLU C 70 0.03 36.63 32.62
CA GLU C 70 0.16 35.47 33.47
C GLU C 70 1.18 34.46 32.94
N LEU C 71 1.76 33.68 33.82
CA LEU C 71 2.55 32.51 33.51
C LEU C 71 1.84 31.27 34.01
N ARG C 72 1.64 30.30 33.14
CA ARG C 72 1.02 29.04 33.52
C ARG C 72 1.89 27.86 33.29
N VAL C 73 1.87 26.94 34.23
CA VAL C 73 2.46 25.65 34.02
C VAL C 73 1.40 24.57 34.07
N ILE C 74 1.26 23.84 32.99
CA ILE C 74 0.21 22.86 32.83
C ILE C 74 0.78 21.49 32.73
N ARG C 75 0.46 20.68 33.72
CA ARG C 75 0.98 19.35 33.79
C ARG C 75 -0.10 18.34 34.15
N ASP C 76 -0.38 17.44 33.22
CA ASP C 76 -1.36 16.42 33.41
C ASP C 76 -2.75 16.96 33.68
N GLY C 77 -3.12 18.04 33.01
CA GLY C 77 -4.43 18.63 33.18
C GLY C 77 -4.55 19.55 34.38
N VAL C 78 -3.47 19.71 35.11
CA VAL C 78 -3.40 20.55 36.27
C VAL C 78 -2.66 21.82 35.89
N THR C 79 -3.31 22.97 36.05
CA THR C 79 -2.74 24.25 35.69
C THR C 79 -2.29 25.03 36.90
N ARG C 80 -1.02 25.40 36.93
CA ARG C 80 -0.52 26.30 37.93
C ARG C 80 -0.25 27.69 37.38
N ARG C 81 -0.88 28.68 37.99
CA ARG C 81 -0.80 30.04 37.56
C ARG C 81 0.11 30.90 38.38
N GLN C 82 0.86 31.75 37.70
CA GLN C 82 1.74 32.71 38.30
C GLN C 82 1.59 34.10 37.80
N GLN C 83 1.57 35.02 38.72
CA GLN C 83 1.74 36.41 38.42
C GLN C 83 3.21 36.69 38.17
N TRP C 84 3.52 37.52 37.21
CA TRP C 84 4.90 37.83 36.97
C TRP C 84 5.02 39.29 36.69
N SER C 85 6.18 39.82 36.94
CA SER C 85 6.49 41.20 36.71
C SER C 85 7.87 41.37 36.09
N GLY C 86 8.13 42.58 35.62
CA GLY C 86 9.33 42.94 34.93
C GLY C 86 9.61 42.33 33.57
N ARG C 87 10.79 41.78 33.39
CA ARG C 87 11.20 41.26 32.12
C ARG C 87 10.65 39.88 31.84
N PRO C 88 10.12 39.72 30.65
CA PRO C 88 9.51 38.49 30.22
C PRO C 88 10.53 37.39 30.21
N GLY C 89 11.76 37.73 29.89
CA GLY C 89 12.82 36.76 29.85
C GLY C 89 13.10 36.14 31.18
N ALA C 90 13.05 36.92 32.24
CA ALA C 90 13.20 36.41 33.57
C ALA C 90 12.10 35.49 33.97
N ALA C 91 10.88 35.84 33.62
CA ALA C 91 9.76 34.99 33.92
C ALA C 91 9.84 33.66 33.20
N LEU C 92 10.15 33.69 31.92
CA LEU C 92 10.28 32.50 31.13
C LEU C 92 11.41 31.62 31.60
N GLY C 93 12.54 32.24 31.85
CA GLY C 93 13.73 31.54 32.25
C GLY C 93 13.61 30.79 33.54
N GLU C 94 13.02 31.40 34.53
CA GLU C 94 12.81 30.73 35.77
C GLU C 94 11.92 29.52 35.65
N ALA C 95 10.83 29.63 34.92
CA ALA C 95 9.92 28.52 34.66
C ALA C 95 10.52 27.40 33.84
N VAL C 96 11.26 27.78 32.84
CA VAL C 96 11.98 26.85 32.02
C VAL C 96 13.07 26.10 32.76
N ASP C 97 13.76 26.76 33.68
CA ASP C 97 14.82 26.16 34.43
C ASP C 97 14.28 25.03 35.26
N ARG C 98 13.08 25.21 35.73
CA ARG C 98 12.39 24.19 36.45
C ARG C 98 12.07 22.97 35.63
N LEU C 99 11.67 23.17 34.40
CA LEU C 99 11.38 22.06 33.50
C LEU C 99 12.61 21.22 33.24
N LEU C 100 13.73 21.88 33.03
CA LEU C 100 15.00 21.28 32.73
C LEU C 100 15.63 20.55 33.90
N LEU C 101 15.11 20.74 35.10
CA LEU C 101 15.50 19.93 36.22
C LEU C 101 15.02 18.52 36.04
N GLU C 102 13.98 18.33 35.25
CA GLU C 102 13.37 17.01 35.12
C GLU C 102 13.59 16.34 33.80
N THR C 103 13.89 17.10 32.76
CA THR C 103 14.23 16.58 31.46
C THR C 103 15.40 17.34 30.86
N ASP C 104 16.15 16.72 29.99
CA ASP C 104 17.35 17.32 29.42
C ASP C 104 17.15 18.49 28.46
N GLN C 105 15.99 18.55 27.85
CA GLN C 105 15.72 19.50 26.81
C GLN C 105 14.31 20.07 26.84
N ALA C 106 14.18 21.31 26.39
CA ALA C 106 12.91 21.95 26.24
C ALA C 106 12.77 22.64 24.91
N PHE C 107 11.55 22.67 24.40
CA PHE C 107 11.29 23.12 23.07
C PHE C 107 10.15 24.09 23.04
N GLY C 108 10.14 24.96 22.07
CA GLY C 108 9.05 25.88 22.00
C GLY C 108 9.14 26.95 20.97
N TRP C 109 8.25 27.91 21.11
CA TRP C 109 8.23 29.09 20.32
C TRP C 109 8.14 30.36 21.16
N VAL C 110 8.69 31.42 20.63
CA VAL C 110 8.66 32.70 21.26
C VAL C 110 8.02 33.68 20.31
N ALA C 111 7.03 34.39 20.79
CA ALA C 111 6.35 35.37 20.03
C ALA C 111 7.16 36.63 19.77
N PHE C 112 6.83 37.34 18.71
CA PHE C 112 7.42 38.63 18.38
C PHE C 112 7.21 39.52 19.61
N GLU C 113 6.10 39.30 20.27
CA GLU C 113 5.63 40.10 21.36
C GLU C 113 6.49 39.99 22.62
N PHE C 114 7.29 38.96 22.68
CA PHE C 114 8.25 38.72 23.74
C PHE C 114 9.24 39.86 23.78
N GLY C 115 9.52 40.45 22.64
CA GLY C 115 10.48 41.51 22.55
C GLY C 115 10.00 42.93 22.77
N VAL C 116 8.72 43.15 22.94
CA VAL C 116 8.18 44.48 23.14
C VAL C 116 8.50 45.19 24.41
N HIS C 117 8.63 44.47 25.50
CA HIS C 117 8.77 45.03 26.81
C HIS C 117 10.03 45.87 26.84
N ARG C 118 11.02 45.43 26.09
CA ARG C 118 12.32 46.03 26.05
C ARG C 118 12.19 47.47 25.60
N TYR C 119 11.21 47.71 24.77
CA TYR C 119 11.01 49.00 24.16
C TYR C 119 9.86 49.76 24.77
N GLY C 120 9.45 49.36 25.95
CA GLY C 120 8.40 50.03 26.66
C GLY C 120 6.98 49.94 26.14
N LEU C 121 6.67 48.95 25.30
CA LEU C 121 5.39 48.83 24.64
C LEU C 121 4.44 47.76 25.14
N GLN C 122 4.77 47.11 26.23
CA GLN C 122 4.01 45.99 26.74
C GLN C 122 2.57 46.33 27.10
N GLN C 123 2.38 47.56 27.52
CA GLN C 123 1.10 48.05 27.90
C GLN C 123 0.10 48.10 26.76
N ARG C 124 0.59 48.12 25.53
CA ARG C 124 -0.19 47.98 24.31
C ARG C 124 -0.84 46.61 24.08
N LEU C 125 -0.32 45.59 24.73
CA LEU C 125 -0.86 44.26 24.54
C LEU C 125 -2.17 44.05 25.22
N ALA C 126 -3.05 43.37 24.53
CA ALA C 126 -4.29 42.94 25.08
C ALA C 126 -4.02 41.87 26.09
N PRO C 127 -4.97 41.68 26.96
CA PRO C 127 -4.87 40.66 27.99
C PRO C 127 -4.80 39.32 27.30
N HIS C 128 -4.12 38.37 27.90
CA HIS C 128 -3.89 37.08 27.35
C HIS C 128 -3.17 37.05 26.01
N THR C 129 -2.22 37.93 25.80
CA THR C 129 -1.39 37.88 24.62
C THR C 129 -0.22 36.92 24.86
N PRO C 130 -0.10 35.91 24.02
CA PRO C 130 1.00 34.97 24.15
C PRO C 130 2.36 35.58 23.88
N LEU C 131 3.31 35.29 24.73
CA LEU C 131 4.68 35.66 24.51
C LEU C 131 5.59 34.47 24.20
N ALA C 132 5.31 33.32 24.79
CA ALA C 132 6.01 32.07 24.56
C ALA C 132 5.26 30.78 24.98
N ARG C 133 5.51 29.70 24.31
CA ARG C 133 5.14 28.38 24.76
C ARG C 133 6.33 27.46 24.72
N VAL C 134 6.77 26.99 25.86
CA VAL C 134 7.90 26.11 25.92
C VAL C 134 7.53 24.90 26.70
N PHE C 135 7.82 23.73 26.18
CA PHE C 135 7.49 22.49 26.83
C PHE C 135 8.61 21.49 26.96
N SER C 136 8.49 20.65 27.96
CA SER C 136 9.34 19.50 28.05
C SER C 136 8.58 18.30 27.54
N PRO C 137 9.17 17.65 26.56
CA PRO C 137 8.60 16.47 25.92
C PRO C 137 8.63 15.21 26.76
N ARG C 138 7.73 14.31 26.46
CA ARG C 138 7.80 12.98 27.00
C ARG C 138 8.96 12.14 26.44
N THR C 139 9.16 12.25 25.14
CA THR C 139 10.11 11.49 24.38
C THR C 139 10.86 12.37 23.41
N ARG C 140 12.11 12.07 23.16
CA ARG C 140 12.87 12.66 22.11
C ARG C 140 13.45 11.63 21.13
N ILE C 141 13.32 11.88 19.85
CA ILE C 141 13.95 11.06 18.86
C ILE C 141 14.80 11.94 17.98
N MET C 142 16.05 11.58 17.77
CA MET C 142 16.93 12.40 16.99
C MET C 142 17.35 11.68 15.73
N VAL C 143 17.10 12.31 14.61
CA VAL C 143 17.43 11.76 13.34
C VAL C 143 18.53 12.56 12.70
N SER C 144 19.59 11.88 12.35
CA SER C 144 20.72 12.47 11.67
C SER C 144 21.09 11.53 10.57
N GLU C 145 22.00 11.94 9.73
CA GLU C 145 22.43 11.16 8.61
C GLU C 145 23.06 9.88 9.10
N LYS C 146 23.77 9.96 10.20
CA LYS C 146 24.31 8.83 10.89
C LYS C 146 23.40 7.85 11.64
N GLU C 147 22.51 8.30 12.49
CA GLU C 147 21.80 7.41 13.37
C GLU C 147 20.48 7.99 13.80
N ILE C 148 19.70 7.18 14.48
CA ILE C 148 18.48 7.56 15.15
C ILE C 148 18.69 7.31 16.64
N ARG C 149 18.53 8.33 17.45
CA ARG C 149 18.68 8.21 18.87
C ARG C 149 17.38 8.36 19.61
N LEU C 150 17.15 7.51 20.58
CA LEU C 150 15.92 7.48 21.30
C LEU C 150 16.11 7.83 22.74
N PHE C 151 15.35 8.79 23.23
CA PHE C 151 15.33 9.13 24.62
C PHE C 151 13.95 8.95 25.23
N ASP C 152 13.89 8.18 26.29
CA ASP C 152 12.65 7.95 26.99
C ASP C 152 11.50 7.49 26.12
N ALA C 153 11.74 6.54 25.25
CA ALA C 153 10.71 6.05 24.36
C ALA C 153 9.95 4.89 24.97
N GLY C 154 8.65 5.03 25.05
CA GLY C 154 7.78 3.99 25.50
C GLY C 154 7.46 3.05 24.38
N ILE C 155 6.67 2.06 24.67
CA ILE C 155 6.36 1.01 23.76
C ILE C 155 5.64 1.41 22.49
N ARG C 156 4.67 2.29 22.57
CA ARG C 156 3.98 2.74 21.40
C ARG C 156 4.91 3.45 20.45
N HIS C 157 5.73 4.29 21.02
CA HIS C 157 6.74 5.02 20.33
C HIS C 157 7.80 4.15 19.72
N ARG C 158 8.21 3.13 20.46
CA ARG C 158 9.15 2.17 19.97
C ARG C 158 8.62 1.37 18.83
N GLU C 159 7.38 0.94 18.91
CA GLU C 159 6.70 0.26 17.85
C GLU C 159 6.49 1.07 16.61
N ALA C 160 6.26 2.34 16.77
CA ALA C 160 6.08 3.26 15.66
C ALA C 160 7.30 3.43 14.82
N ILE C 161 8.43 3.56 15.48
CA ILE C 161 9.70 3.64 14.83
C ILE C 161 9.95 2.36 14.09
N ASP C 162 9.61 1.23 14.68
CA ASP C 162 9.83 -0.03 14.05
C ASP C 162 9.07 -0.19 12.76
N ARG C 163 7.81 0.16 12.77
CA ARG C 163 6.98 0.12 11.60
C ARG C 163 7.45 1.04 10.53
N LEU C 164 7.84 2.22 10.93
CA LEU C 164 8.33 3.22 10.04
C LEU C 164 9.62 2.82 9.35
N LEU C 165 10.54 2.27 10.11
CA LEU C 165 11.76 1.77 9.54
C LEU C 165 11.56 0.63 8.58
N ALA C 166 10.51 -0.12 8.77
CA ALA C 166 10.22 -1.27 7.97
C ALA C 166 9.53 -0.94 6.66
N THR C 167 9.06 0.27 6.52
CA THR C 167 8.22 0.57 5.41
C THR C 167 8.81 1.47 4.34
N GLY C 168 9.42 2.55 4.70
CA GLY C 168 9.90 3.46 3.71
C GLY C 168 8.96 4.63 3.52
N VAL C 169 9.53 5.78 3.29
CA VAL C 169 8.79 7.00 3.29
C VAL C 169 7.79 7.09 2.18
N ARG C 170 6.73 7.82 2.44
CA ARG C 170 5.68 8.06 1.52
C ARG C 170 6.19 8.89 0.38
N GLU C 171 5.66 8.72 -0.80
CA GLU C 171 5.91 9.67 -1.83
C GLU C 171 5.11 10.91 -1.50
N VAL C 172 5.66 12.06 -1.83
CA VAL C 172 4.97 13.30 -1.62
C VAL C 172 4.07 13.57 -2.80
N PRO C 173 2.83 13.85 -2.54
CA PRO C 173 1.86 14.10 -3.58
C PRO C 173 2.22 15.40 -4.24
N GLN C 174 1.65 15.63 -5.39
CA GLN C 174 1.81 16.86 -6.09
C GLN C 174 1.21 18.02 -5.33
N SER C 175 1.87 19.15 -5.36
CA SER C 175 1.45 20.33 -4.66
C SER C 175 0.23 21.00 -5.27
N ARG C 176 -0.44 21.81 -4.48
CA ARG C 176 -1.57 22.61 -4.93
C ARG C 176 -1.26 24.08 -4.77
N SER C 177 -1.52 24.81 -5.82
CA SER C 177 -1.16 26.18 -5.92
C SER C 177 -2.11 27.13 -5.24
N VAL C 178 -1.62 28.33 -4.99
CA VAL C 178 -2.36 29.33 -4.29
C VAL C 178 -2.15 30.72 -4.89
N ASP C 179 -3.15 31.57 -4.76
CA ASP C 179 -3.06 32.89 -5.30
C ASP C 179 -2.56 33.88 -4.27
N VAL C 180 -1.46 34.53 -4.57
CA VAL C 180 -0.91 35.52 -3.70
C VAL C 180 -1.07 36.93 -4.25
N SER C 181 -1.75 37.05 -5.37
CA SER C 181 -1.97 38.32 -6.05
C SER C 181 -2.80 39.37 -5.32
N ASP C 182 -3.77 38.97 -4.51
CA ASP C 182 -4.64 39.87 -3.78
C ASP C 182 -3.96 40.66 -2.64
N ASP C 183 -4.47 41.82 -2.33
CA ASP C 183 -3.95 42.58 -1.23
C ASP C 183 -5.05 43.11 -0.32
N PRO C 184 -5.68 42.20 0.38
CA PRO C 184 -6.78 42.51 1.28
C PRO C 184 -6.43 43.37 2.47
N SER C 185 -5.20 43.32 2.94
CA SER C 185 -4.80 44.08 4.09
C SER C 185 -4.23 45.42 3.73
N GLY C 186 -4.28 45.77 2.47
CA GLY C 186 -3.69 46.99 2.03
C GLY C 186 -2.23 47.21 2.30
N PHE C 187 -1.40 46.24 1.95
CA PHE C 187 0.02 46.27 2.16
C PHE C 187 0.64 47.46 1.42
N ARG C 188 0.17 47.71 0.23
CA ARG C 188 0.67 48.79 -0.57
C ARG C 188 0.43 50.13 0.04
N ARG C 189 -0.77 50.35 0.55
CA ARG C 189 -1.06 51.58 1.27
C ARG C 189 -0.23 51.76 2.52
N ARG C 190 -0.09 50.70 3.30
CA ARG C 190 0.70 50.70 4.51
C ARG C 190 2.18 50.95 4.29
N VAL C 191 2.72 50.43 3.18
CA VAL C 191 4.10 50.68 2.77
C VAL C 191 4.28 52.15 2.47
N ALA C 192 3.33 52.70 1.75
CA ALA C 192 3.33 54.10 1.38
C ALA C 192 3.32 55.01 2.61
N VAL C 193 2.57 54.64 3.64
CA VAL C 193 2.59 55.40 4.84
C VAL C 193 3.93 55.36 5.52
N ALA C 194 4.51 54.18 5.60
CA ALA C 194 5.79 53.96 6.23
C ALA C 194 6.92 54.71 5.55
N VAL C 195 6.86 54.75 4.23
CA VAL C 195 7.81 55.46 3.42
C VAL C 195 7.77 56.95 3.72
N ASP C 196 6.61 57.52 3.92
CA ASP C 196 6.46 58.89 4.36
C ASP C 196 7.03 59.12 5.72
N GLU C 197 6.80 58.20 6.61
CA GLU C 197 7.33 58.35 7.96
C GLU C 197 8.83 58.36 7.97
N ILE C 198 9.43 57.54 7.11
CA ILE C 198 10.86 57.46 6.96
C ILE C 198 11.44 58.75 6.39
N ALA C 199 10.75 59.30 5.40
CA ALA C 199 11.10 60.56 4.79
C ALA C 199 11.04 61.66 5.82
N ALA C 200 10.09 61.57 6.73
CA ALA C 200 9.96 62.52 7.78
C ALA C 200 10.94 62.20 8.86
N GLY C 201 11.76 61.18 8.65
CA GLY C 201 12.75 60.84 9.64
C GLY C 201 12.32 60.17 10.92
N ARG C 202 11.16 59.56 10.96
CA ARG C 202 10.73 58.84 12.15
C ARG C 202 11.64 57.65 12.50
N TYR C 203 12.10 56.94 11.48
CA TYR C 203 13.01 55.81 11.57
C TYR C 203 13.66 55.60 10.19
N HIS C 204 14.78 54.91 10.17
CA HIS C 204 15.40 54.47 8.96
C HIS C 204 14.73 53.35 8.17
N LYS C 205 14.35 52.30 8.86
CA LYS C 205 13.82 51.11 8.24
C LYS C 205 12.76 50.44 9.10
N VAL C 206 11.78 49.83 8.48
CA VAL C 206 10.84 48.95 9.14
C VAL C 206 10.43 47.81 8.24
N ILE C 207 10.11 46.68 8.82
CA ILE C 207 9.63 45.55 8.07
C ILE C 207 8.13 45.39 8.27
N LEU C 208 7.38 45.36 7.20
CA LEU C 208 5.96 45.22 7.23
C LEU C 208 5.57 43.97 6.46
N SER C 209 4.47 43.36 6.83
CA SER C 209 4.06 42.08 6.33
C SER C 209 2.63 42.03 5.90
N ARG C 210 2.26 40.92 5.28
CA ARG C 210 0.90 40.62 4.92
C ARG C 210 0.65 39.12 5.00
N CYS C 211 -0.57 38.77 5.31
CA CYS C 211 -0.99 37.39 5.41
C CYS C 211 -1.66 36.92 4.13
N VAL C 212 -1.44 35.69 3.73
CA VAL C 212 -2.16 35.13 2.62
C VAL C 212 -2.87 33.88 3.06
N GLU C 213 -4.18 33.84 2.92
CA GLU C 213 -4.95 32.65 3.21
C GLU C 213 -4.76 31.53 2.23
N VAL C 214 -4.70 30.32 2.75
CA VAL C 214 -4.70 29.15 1.95
C VAL C 214 -6.09 28.55 2.10
N PRO C 215 -6.77 28.34 1.01
CA PRO C 215 -8.18 28.03 1.05
C PRO C 215 -8.45 26.57 1.09
N PHE C 216 -7.41 25.81 1.36
CA PHE C 216 -7.52 24.40 1.56
C PHE C 216 -6.64 23.94 2.71
N ALA C 217 -7.03 22.88 3.38
CA ALA C 217 -6.18 22.37 4.44
C ALA C 217 -4.92 21.74 3.84
N ILE C 218 -3.80 21.90 4.49
CA ILE C 218 -2.59 21.32 3.98
C ILE C 218 -2.07 20.25 4.91
N ASP C 219 -1.34 19.31 4.36
CA ASP C 219 -0.72 18.33 5.19
C ASP C 219 0.62 18.91 5.60
N PHE C 220 0.74 19.22 6.88
CA PHE C 220 1.93 19.88 7.36
C PHE C 220 3.25 19.14 7.27
N PRO C 221 3.33 17.87 7.69
CA PRO C 221 4.55 17.09 7.53
C PRO C 221 4.99 16.81 6.08
N LEU C 222 4.05 16.50 5.21
CA LEU C 222 4.33 16.38 3.81
C LEU C 222 4.74 17.68 3.16
N THR C 223 4.14 18.77 3.57
CA THR C 223 4.48 20.08 3.07
C THR C 223 5.91 20.44 3.44
N TYR C 224 6.27 20.14 4.69
CA TYR C 224 7.59 20.40 5.20
C TYR C 224 8.63 19.61 4.44
N ARG C 225 8.31 18.38 4.11
CA ARG C 225 9.22 17.55 3.34
C ARG C 225 9.45 18.11 1.97
N LEU C 226 8.40 18.53 1.29
CA LEU C 226 8.53 19.12 -0.01
C LEU C 226 9.29 20.42 -0.02
N GLY C 227 8.99 21.32 0.90
CA GLY C 227 9.74 22.53 1.02
C GLY C 227 11.20 22.36 1.38
N ARG C 228 11.51 21.44 2.25
CA ARG C 228 12.88 21.21 2.66
C ARG C 228 13.74 20.75 1.49
N ARG C 229 13.17 20.03 0.56
CA ARG C 229 13.89 19.60 -0.60
C ARG C 229 14.35 20.81 -1.37
N HIS C 230 13.57 21.87 -1.33
CA HIS C 230 13.85 23.06 -2.08
C HIS C 230 14.33 24.28 -1.35
N ASN C 231 14.61 24.17 -0.07
CA ASN C 231 15.06 25.27 0.72
C ASN C 231 16.22 24.75 1.52
N THR C 232 17.26 25.54 1.73
CA THR C 232 18.28 25.13 2.68
C THR C 232 18.49 26.23 3.68
N PRO C 233 17.93 26.06 4.86
CA PRO C 233 17.75 27.10 5.84
C PRO C 233 18.73 27.00 6.97
N VAL C 234 18.87 28.04 7.75
CA VAL C 234 19.70 28.07 8.93
C VAL C 234 19.19 27.07 9.94
N ARG C 235 17.88 27.01 10.10
CA ARG C 235 17.23 26.07 10.99
C ARG C 235 15.91 25.77 10.37
N SER C 236 15.25 24.73 10.82
CA SER C 236 13.91 24.46 10.39
C SER C 236 13.04 23.83 11.47
N PHE C 237 11.73 23.96 11.32
CA PHE C 237 10.76 23.42 12.26
C PHE C 237 9.47 22.87 11.65
N LEU C 238 8.94 21.85 12.29
CA LEU C 238 7.58 21.43 12.14
C LEU C 238 6.93 21.10 13.47
N LEU C 239 5.80 21.70 13.78
CA LEU C 239 5.17 21.50 15.05
C LEU C 239 3.66 21.35 15.03
N GLN C 240 3.14 20.64 16.01
CA GLN C 240 1.77 20.70 16.38
C GLN C 240 1.69 20.85 17.86
N LEU C 241 1.44 22.05 18.29
CA LEU C 241 1.42 22.37 19.67
C LEU C 241 0.28 23.30 20.03
N GLY C 242 -0.57 22.82 20.91
CA GLY C 242 -1.66 23.59 21.48
C GLY C 242 -2.66 24.20 20.53
N GLY C 243 -3.03 23.51 19.49
CA GLY C 243 -3.86 24.02 18.46
C GLY C 243 -3.19 24.77 17.32
N ILE C 244 -1.88 24.85 17.34
CA ILE C 244 -1.13 25.48 16.30
C ILE C 244 -0.35 24.43 15.53
N ARG C 245 -0.50 24.45 14.23
CA ARG C 245 0.37 23.73 13.37
C ARG C 245 1.23 24.75 12.66
N ALA C 246 2.52 24.52 12.65
CA ALA C 246 3.43 25.34 11.92
C ALA C 246 4.62 24.58 11.36
N LEU C 247 5.11 25.06 10.24
CA LEU C 247 6.32 24.60 9.65
C LEU C 247 7.01 25.84 9.13
N GLY C 248 8.31 25.89 9.18
CA GLY C 248 9.05 26.98 8.60
C GLY C 248 10.50 26.73 8.29
N TYR C 249 11.06 27.55 7.43
CA TYR C 249 12.47 27.50 7.08
C TYR C 249 13.19 28.76 7.49
N SER C 250 13.71 28.76 8.70
CA SER C 250 14.30 29.92 9.32
C SER C 250 15.52 30.39 8.60
N PRO C 251 15.58 31.68 8.27
CA PRO C 251 16.68 32.21 7.51
C PRO C 251 17.78 32.82 8.33
N GLU C 252 17.66 32.86 9.65
CA GLU C 252 18.63 33.50 10.53
C GLU C 252 18.66 32.93 11.95
N LEU C 253 19.83 32.84 12.54
CA LEU C 253 19.96 32.49 13.92
C LEU C 253 19.97 33.72 14.83
N VAL C 254 18.95 33.85 15.65
CA VAL C 254 18.91 34.90 16.67
C VAL C 254 19.92 34.77 17.79
N THR C 255 19.99 33.60 18.40
CA THR C 255 20.99 33.32 19.39
C THR C 255 21.30 31.84 19.53
N ALA C 256 22.53 31.55 19.90
CA ALA C 256 22.91 30.27 20.42
C ALA C 256 23.75 30.47 21.67
N VAL C 257 23.41 29.81 22.77
CA VAL C 257 24.23 29.85 23.95
C VAL C 257 24.69 28.44 24.17
N ARG C 258 25.98 28.21 24.29
CA ARG C 258 26.48 26.89 24.57
C ARG C 258 26.56 26.65 26.03
N ALA C 259 26.83 25.40 26.38
CA ALA C 259 27.01 24.98 27.77
C ALA C 259 28.20 25.64 28.42
N ASP C 260 29.25 25.83 27.64
CA ASP C 260 30.50 26.45 28.09
C ASP C 260 30.33 27.93 28.26
N GLY C 261 29.18 28.46 27.90
CA GLY C 261 28.89 29.87 28.05
C GLY C 261 29.10 30.80 26.88
N VAL C 262 29.47 30.26 25.75
CA VAL C 262 29.71 31.06 24.60
C VAL C 262 28.42 31.46 23.89
N VAL C 263 28.22 32.75 23.70
CA VAL C 263 27.03 33.27 23.04
C VAL C 263 27.33 33.73 21.64
N ILE C 264 26.51 33.33 20.70
CA ILE C 264 26.70 33.66 19.30
C ILE C 264 25.42 34.23 18.74
N THR C 265 25.54 35.21 17.89
CA THR C 265 24.47 35.72 17.07
C THR C 265 25.01 35.98 15.69
N GLU C 266 24.20 35.73 14.68
CA GLU C 266 24.60 35.89 13.29
C GLU C 266 23.60 36.65 12.44
N PRO C 267 23.64 37.97 12.51
CA PRO C 267 22.83 38.77 11.62
C PRO C 267 23.26 38.71 10.15
N LEU C 268 22.28 38.67 9.27
CA LEU C 268 22.52 38.64 7.86
C LEU C 268 21.95 39.88 7.27
N ALA C 269 22.56 40.36 6.20
CA ALA C 269 22.13 41.56 5.55
C ALA C 269 22.41 41.45 4.10
N GLY C 270 21.44 41.73 3.27
CA GLY C 270 21.66 41.71 1.85
C GLY C 270 21.38 40.39 1.23
N THR C 271 21.00 40.44 -0.03
CA THR C 271 20.56 39.27 -0.74
C THR C 271 20.51 39.50 -2.25
N GLY C 277 20.63 32.44 -11.21
CA GLY C 277 21.31 31.72 -12.27
C GLY C 277 22.77 31.64 -11.96
N PRO C 278 23.30 30.43 -11.88
CA PRO C 278 24.67 30.18 -11.44
C PRO C 278 25.77 30.17 -12.51
N ALA C 279 26.93 29.65 -12.13
CA ALA C 279 28.17 29.76 -12.87
C ALA C 279 28.71 31.12 -12.57
N ILE C 280 29.57 31.63 -13.45
CA ILE C 280 30.28 32.89 -13.24
C ILE C 280 29.36 34.09 -13.19
N ASP C 281 28.09 33.91 -13.56
CA ASP C 281 27.07 34.95 -13.42
C ASP C 281 26.77 35.10 -11.96
N ARG C 282 26.91 34.02 -11.22
CA ARG C 282 26.90 34.04 -9.79
C ARG C 282 28.02 34.94 -9.39
N LEU C 283 27.94 36.20 -9.81
CA LEU C 283 28.98 37.17 -9.50
C LEU C 283 28.43 38.38 -8.77
N ALA C 284 27.13 38.38 -8.50
CA ALA C 284 26.53 39.48 -7.81
C ALA C 284 27.00 39.36 -6.38
N ARG C 285 28.01 38.52 -6.21
CA ARG C 285 28.82 38.49 -5.02
C ARG C 285 29.59 39.77 -4.94
N ASP C 286 30.10 40.21 -6.10
CA ASP C 286 30.80 41.49 -6.23
C ASP C 286 29.90 42.65 -5.96
N ASP C 287 28.69 42.60 -6.49
CA ASP C 287 27.72 43.66 -6.28
C ASP C 287 27.36 43.75 -4.83
N LEU C 288 27.15 42.60 -4.21
CA LEU C 288 26.80 42.57 -2.82
C LEU C 288 27.91 43.09 -1.93
N GLU C 289 29.13 42.70 -2.20
CA GLU C 289 30.25 43.12 -1.38
C GLU C 289 30.54 44.60 -1.49
N SER C 290 30.11 45.18 -2.60
CA SER C 290 30.35 46.58 -2.85
C SER C 290 29.14 47.49 -2.77
N ASN C 291 27.97 46.97 -2.40
CA ASN C 291 26.80 47.79 -2.34
C ASN C 291 26.72 48.57 -1.07
N SER C 292 26.82 49.87 -1.20
CA SER C 292 26.90 50.79 -0.08
C SER C 292 25.67 50.73 0.80
N LYS C 293 24.52 50.58 0.14
CA LYS C 293 23.25 50.44 0.83
C LYS C 293 23.26 49.24 1.77
N GLU C 294 23.61 48.07 1.24
CA GLU C 294 23.65 46.88 2.07
C GLU C 294 24.69 47.00 3.16
N ILE C 295 25.81 47.65 2.87
CA ILE C 295 26.93 47.75 3.77
C ILE C 295 26.68 48.55 5.04
N VAL C 296 26.05 49.70 4.86
CA VAL C 296 25.66 50.54 5.96
C VAL C 296 24.64 49.85 6.82
N GLU C 297 23.69 49.20 6.18
CA GLU C 297 22.66 48.46 6.88
C GLU C 297 23.15 47.32 7.73
N HIS C 298 24.05 46.53 7.20
CA HIS C 298 24.69 45.47 7.93
C HIS C 298 25.57 45.95 9.05
N ALA C 299 26.35 46.99 8.80
CA ALA C 299 27.23 47.54 9.81
C ALA C 299 26.47 48.08 11.00
N ILE C 300 25.35 48.71 10.75
CA ILE C 300 24.51 49.24 11.78
C ILE C 300 23.94 48.15 12.65
N SER C 301 23.45 47.11 11.98
CA SER C 301 22.95 45.95 12.65
C SER C 301 24.02 45.23 13.45
N VAL C 302 25.22 45.12 12.92
CA VAL C 302 26.29 44.43 13.61
C VAL C 302 26.63 45.18 14.87
N ARG C 303 26.64 46.49 14.76
CA ARG C 303 26.87 47.36 15.87
C ARG C 303 25.79 47.29 16.93
N SER C 304 24.55 47.23 16.50
CA SER C 304 23.45 47.06 17.38
C SER C 304 23.52 45.73 18.11
N SER C 305 23.82 44.66 17.42
CA SER C 305 23.99 43.37 18.03
C SER C 305 25.13 43.33 19.00
N LEU C 306 26.22 43.99 18.65
CA LEU C 306 27.38 44.02 19.50
C LEU C 306 27.08 44.73 20.79
N GLU C 307 26.35 45.82 20.68
CA GLU C 307 25.93 46.59 21.80
C GLU C 307 25.05 45.79 22.72
N GLU C 308 24.10 45.07 22.14
CA GLU C 308 23.20 44.22 22.89
C GLU C 308 23.84 43.07 23.60
N ILE C 309 24.68 42.35 22.92
CA ILE C 309 25.38 41.24 23.48
C ILE C 309 26.27 41.68 24.61
N THR C 310 26.76 42.89 24.51
CA THR C 310 27.69 43.45 25.46
C THR C 310 27.07 43.58 26.85
N ASP C 311 25.80 43.94 26.87
CA ASP C 311 25.08 44.14 28.09
C ASP C 311 25.01 42.88 28.89
N ILE C 312 25.09 41.73 28.23
CA ILE C 312 25.02 40.47 28.95
C ILE C 312 26.32 39.69 29.10
N ALA C 313 27.42 40.28 28.69
CA ALA C 313 28.67 39.53 28.58
C ALA C 313 29.69 39.86 29.62
N GLU C 314 30.60 38.93 29.88
CA GLU C 314 31.75 39.23 30.69
C GLU C 314 32.46 40.29 29.91
N PRO C 315 33.00 41.29 30.58
CA PRO C 315 33.61 42.39 29.84
C PRO C 315 34.87 41.98 29.11
N GLY C 316 34.94 42.40 27.86
CA GLY C 316 36.05 42.03 27.02
C GLY C 316 36.05 40.64 26.42
N SER C 317 34.91 39.94 26.48
CA SER C 317 34.73 38.69 25.75
C SER C 317 34.03 38.87 24.41
N ALA C 318 33.50 40.06 24.17
CA ALA C 318 32.67 40.32 23.02
C ALA C 318 33.43 40.77 21.78
N ALA C 319 33.18 40.10 20.67
CA ALA C 319 33.93 40.32 19.47
C ALA C 319 33.10 39.98 18.25
N VAL C 320 33.50 40.47 17.10
CA VAL C 320 32.89 40.11 15.86
C VAL C 320 33.89 39.24 15.19
N ILE C 321 33.50 38.02 14.82
CA ILE C 321 34.45 37.13 14.18
C ILE C 321 34.41 36.90 12.68
N ASP C 322 33.33 37.07 11.99
CA ASP C 322 33.47 36.92 10.57
C ASP C 322 32.78 38.04 9.90
N PHE C 323 33.34 39.23 10.03
CA PHE C 323 32.67 40.43 9.67
C PHE C 323 32.43 40.60 8.21
N MET C 324 31.18 40.81 7.88
CA MET C 324 30.81 41.18 6.56
C MET C 324 31.45 40.27 5.57
N THR C 325 31.38 38.99 5.82
CA THR C 325 31.77 37.99 4.86
C THR C 325 30.54 37.51 4.13
N VAL C 326 30.72 36.93 2.97
CA VAL C 326 29.58 36.46 2.22
C VAL C 326 29.22 35.06 2.62
N ARG C 327 27.97 34.85 2.95
CA ARG C 327 27.56 33.55 3.37
C ARG C 327 26.64 33.01 2.30
N GLU C 328 27.06 31.91 1.70
CA GLU C 328 26.30 31.24 0.67
C GLU C 328 25.51 30.16 1.36
N ARG C 329 24.21 30.16 1.15
CA ARG C 329 23.42 29.08 1.66
C ARG C 329 22.38 28.75 0.70
N GLY C 330 22.43 27.51 0.30
CA GLY C 330 21.57 27.02 -0.73
C GLY C 330 21.70 27.85 -1.96
N SER C 331 20.69 28.62 -2.32
CA SER C 331 20.73 29.34 -3.58
C SER C 331 20.82 30.83 -3.44
N VAL C 332 21.43 31.30 -2.36
CA VAL C 332 21.51 32.72 -2.16
C VAL C 332 22.78 33.14 -1.51
N GLN C 333 23.03 34.42 -1.62
CA GLN C 333 24.21 35.04 -1.09
C GLN C 333 23.72 36.12 -0.15
N HIS C 334 24.27 36.14 1.06
CA HIS C 334 23.96 37.13 2.06
C HIS C 334 25.25 37.68 2.55
N LEU C 335 25.21 38.84 3.15
CA LEU C 335 26.32 39.28 3.93
C LEU C 335 26.02 38.86 5.35
N GLY C 336 27.02 38.44 6.10
CA GLY C 336 26.80 38.06 7.46
C GLY C 336 27.97 38.31 8.34
N SER C 337 27.72 38.47 9.62
CA SER C 337 28.75 38.56 10.63
C SER C 337 28.40 37.66 11.78
N THR C 338 29.41 37.26 12.52
CA THR C 338 29.22 36.48 13.71
C THR C 338 29.67 37.29 14.89
N ILE C 339 28.79 37.53 15.82
CA ILE C 339 29.16 38.19 17.03
C ILE C 339 29.25 37.18 18.14
N ARG C 340 30.33 37.20 18.87
CA ARG C 340 30.54 36.23 19.92
C ARG C 340 30.87 36.92 21.21
N ALA C 341 30.49 36.31 22.33
CA ALA C 341 30.76 36.84 23.63
C ALA C 341 30.75 35.72 24.62
N ARG C 342 31.08 36.00 25.86
CA ARG C 342 30.87 35.02 26.91
C ARG C 342 29.90 35.53 27.96
N LEU C 343 28.94 34.70 28.28
CA LEU C 343 27.85 35.09 29.09
C LEU C 343 28.31 35.40 30.49
N ASP C 344 28.04 36.61 30.95
CA ASP C 344 28.37 37.03 32.30
C ASP C 344 27.57 36.24 33.30
N PRO C 345 28.22 35.88 34.38
CA PRO C 345 27.64 35.09 35.44
C PRO C 345 26.40 35.69 36.05
N SER C 346 26.14 36.97 35.85
CA SER C 346 24.98 37.58 36.44
C SER C 346 23.86 37.51 35.45
N SER C 347 24.15 36.87 34.34
CA SER C 347 23.27 36.79 33.20
C SER C 347 23.03 35.36 32.82
N ASP C 348 22.02 35.15 32.00
CA ASP C 348 21.50 33.86 31.65
C ASP C 348 21.01 33.89 30.23
N ARG C 349 20.58 32.74 29.75
CA ARG C 349 20.20 32.54 28.37
C ARG C 349 19.01 33.30 27.87
N MET C 350 17.97 33.39 28.69
CA MET C 350 16.77 34.13 28.38
C MET C 350 17.05 35.60 28.29
N ALA C 351 17.94 36.07 29.16
CA ALA C 351 18.41 37.43 29.11
C ALA C 351 19.16 37.71 27.83
N ALA C 352 19.93 36.74 27.38
CA ALA C 352 20.62 36.89 26.16
C ALA C 352 19.64 37.02 25.01
N LEU C 353 18.60 36.20 25.06
CA LEU C 353 17.56 36.17 24.07
C LEU C 353 16.75 37.42 24.02
N GLU C 354 16.39 37.94 25.17
CA GLU C 354 15.68 39.19 25.25
C GLU C 354 16.48 40.37 24.73
N ALA C 355 17.75 40.41 25.03
CA ALA C 355 18.63 41.46 24.66
C ALA C 355 18.74 41.55 23.15
N LEU C 356 18.68 40.40 22.50
CA LEU C 356 18.78 40.29 21.07
C LEU C 356 17.46 40.30 20.30
N PHE C 357 16.35 40.40 21.01
CA PHE C 357 15.03 40.22 20.46
C PHE C 357 14.32 41.55 20.40
N PRO C 358 13.54 41.80 19.37
CA PRO C 358 13.46 40.99 18.17
C PRO C 358 14.57 41.28 17.18
N ALA C 359 14.74 40.37 16.24
CA ALA C 359 15.71 40.54 15.20
C ALA C 359 15.43 41.77 14.32
N VAL C 360 16.47 42.49 14.01
CA VAL C 360 16.44 43.71 13.25
C VAL C 360 15.89 43.39 11.88
N THR C 361 16.16 42.17 11.49
CA THR C 361 15.87 41.64 10.21
C THR C 361 14.39 41.68 9.96
N ALA C 362 13.60 41.42 10.98
CA ALA C 362 12.17 41.50 10.83
C ALA C 362 11.51 42.57 11.66
N SER C 363 12.29 43.46 12.24
CA SER C 363 11.74 44.58 12.96
C SER C 363 11.98 46.00 12.43
N GLY C 364 13.12 46.58 12.71
CA GLY C 364 13.39 47.91 12.24
C GLY C 364 14.70 48.50 12.67
N ILE C 365 15.08 49.60 12.05
CA ILE C 365 16.16 50.45 12.52
C ILE C 365 15.67 51.88 12.64
N PRO C 366 15.74 52.48 13.82
CA PRO C 366 16.10 51.83 15.09
C PRO C 366 15.00 50.94 15.63
N LYS C 367 15.39 49.99 16.43
CA LYS C 367 14.50 48.95 16.85
C LYS C 367 13.34 49.48 17.63
N ALA C 368 13.53 50.41 18.53
CA ALA C 368 12.38 50.89 19.26
C ALA C 368 11.34 51.54 18.36
N ALA C 369 11.77 52.37 17.46
CA ALA C 369 10.87 53.01 16.52
C ALA C 369 10.26 52.04 15.57
N GLY C 370 11.05 51.06 15.19
CA GLY C 370 10.59 50.01 14.31
C GLY C 370 9.50 49.18 14.88
N VAL C 371 9.62 48.76 16.13
CA VAL C 371 8.62 47.99 16.80
C VAL C 371 7.33 48.75 17.01
N GLU C 372 7.44 50.01 17.36
CA GLU C 372 6.31 50.87 17.53
C GLU C 372 5.54 51.02 16.23
N ALA C 373 6.25 51.19 15.14
CA ALA C 373 5.63 51.29 13.85
C ALA C 373 4.88 50.03 13.45
N ILE C 374 5.42 48.88 13.82
CA ILE C 374 4.80 47.60 13.55
C ILE C 374 3.46 47.45 14.27
N PHE C 375 3.38 47.97 15.49
CA PHE C 375 2.15 47.94 16.24
C PHE C 375 1.08 48.70 15.48
N ARG C 376 1.44 49.86 14.95
CA ARG C 376 0.57 50.67 14.14
C ARG C 376 0.23 50.21 12.74
N LEU C 377 1.23 49.77 12.00
CA LEU C 377 1.06 49.55 10.59
C LEU C 377 1.04 48.09 10.11
N ASP C 378 1.20 47.16 11.03
CA ASP C 378 1.15 45.73 10.72
C ASP C 378 0.04 45.06 11.49
N GLU C 379 -0.36 43.89 11.08
CA GLU C 379 -1.36 43.14 11.79
C GLU C 379 -0.77 42.54 13.05
N CYS C 380 -1.32 42.91 14.18
CA CYS C 380 -0.79 42.54 15.48
C CYS C 380 -1.87 41.91 16.33
N PRO C 381 -1.49 41.02 17.21
CA PRO C 381 -0.14 40.54 17.36
C PRO C 381 0.32 39.61 16.25
N ARG C 382 1.61 39.66 16.03
CA ARG C 382 2.35 38.85 15.09
C ARG C 382 2.40 37.40 15.43
N GLY C 383 2.50 37.13 16.71
CA GLY C 383 2.70 35.80 17.20
C GLY C 383 3.98 35.20 16.77
N LEU C 384 3.86 34.06 16.14
CA LEU C 384 4.97 33.26 15.73
C LEU C 384 5.83 33.93 14.72
N TYR C 385 5.22 34.64 13.79
CA TYR C 385 5.93 35.31 12.75
C TYR C 385 6.80 36.40 13.28
N SER C 386 8.08 36.27 12.98
CA SER C 386 9.14 37.20 13.31
C SER C 386 9.58 37.07 14.76
N GLY C 387 9.04 36.07 15.40
CA GLY C 387 9.50 35.52 16.64
C GLY C 387 10.57 34.46 16.47
N ALA C 388 10.66 33.55 17.41
CA ALA C 388 11.59 32.45 17.35
C ALA C 388 11.05 31.07 17.74
N VAL C 389 11.64 30.05 17.17
CA VAL C 389 11.43 28.69 17.57
C VAL C 389 12.70 28.30 18.31
N VAL C 390 12.56 27.71 19.47
CA VAL C 390 13.66 27.49 20.39
C VAL C 390 13.92 26.06 20.90
N MET C 391 15.18 25.79 21.18
CA MET C 391 15.56 24.55 21.81
C MET C 391 16.52 24.80 22.98
N LEU C 392 16.23 24.26 24.13
CA LEU C 392 16.96 24.59 25.33
C LEU C 392 17.47 23.36 25.99
N SER C 393 18.61 23.47 26.63
CA SER C 393 19.29 22.34 27.22
C SER C 393 19.59 22.56 28.67
N ALA C 394 19.57 21.48 29.40
CA ALA C 394 19.71 21.51 30.83
C ALA C 394 21.06 22.02 31.23
N ASP C 395 22.01 21.92 30.32
CA ASP C 395 23.38 22.30 30.50
C ASP C 395 23.61 23.77 30.22
N GLY C 396 22.54 24.48 29.94
CA GLY C 396 22.58 25.87 29.64
C GLY C 396 22.47 26.27 28.20
N GLY C 397 22.33 25.28 27.33
CA GLY C 397 22.12 25.52 25.92
C GLY C 397 20.85 26.24 25.56
N LEU C 398 20.94 27.02 24.50
CA LEU C 398 19.82 27.63 23.86
C LEU C 398 20.07 27.73 22.38
N ASP C 399 19.13 27.33 21.58
CA ASP C 399 19.21 27.62 20.19
C ASP C 399 17.94 28.24 19.70
N ALA C 400 18.03 29.46 19.21
CA ALA C 400 16.87 30.17 18.75
C ALA C 400 16.97 30.62 17.32
N ALA C 401 16.02 30.18 16.53
CA ALA C 401 15.93 30.50 15.11
C ALA C 401 14.80 31.45 14.78
N LEU C 402 15.12 32.46 14.01
CA LEU C 402 14.14 33.44 13.61
C LEU C 402 13.04 32.92 12.67
N THR C 403 11.81 33.11 13.05
CA THR C 403 10.68 32.56 12.34
C THR C 403 10.19 33.46 11.21
N LEU C 404 10.66 33.16 10.02
CA LEU C 404 10.19 33.69 8.77
C LEU C 404 10.07 32.53 7.83
N ARG C 405 9.35 32.74 6.74
CA ARG C 405 9.08 31.73 5.76
C ARG C 405 8.39 30.51 6.32
N ALA C 406 7.34 30.78 7.04
CA ALA C 406 6.59 29.79 7.75
C ALA C 406 5.12 29.78 7.38
N ALA C 407 4.51 28.62 7.52
CA ALA C 407 3.09 28.42 7.33
C ALA C 407 2.41 28.06 8.64
N TYR C 408 1.20 28.53 8.81
CA TYR C 408 0.47 28.39 10.06
C TYR C 408 -0.94 27.85 9.86
N GLN C 409 -1.38 27.00 10.75
CA GLN C 409 -2.78 26.68 10.87
C GLN C 409 -3.26 26.75 12.28
N VAL C 410 -4.18 27.65 12.52
CA VAL C 410 -4.91 27.76 13.77
C VAL C 410 -6.41 27.81 13.52
N GLY C 411 -7.16 27.06 14.27
CA GLY C 411 -8.58 26.93 14.01
C GLY C 411 -8.83 26.39 12.63
N GLY C 412 -9.69 27.02 11.90
CA GLY C 412 -9.94 26.55 10.59
C GLY C 412 -9.13 27.30 9.59
N ARG C 413 -8.24 28.13 10.06
CA ARG C 413 -7.48 29.02 9.21
C ARG C 413 -6.08 28.57 8.92
N THR C 414 -5.76 28.53 7.66
CA THR C 414 -4.43 28.25 7.17
C THR C 414 -3.87 29.45 6.44
N TRP C 415 -2.72 29.91 6.84
CA TRP C 415 -2.16 31.08 6.23
C TRP C 415 -0.65 31.13 6.14
N LEU C 416 -0.17 32.02 5.30
CA LEU C 416 1.23 32.28 5.09
C LEU C 416 1.46 33.74 5.42
N ARG C 417 2.64 34.11 5.88
CA ARG C 417 2.94 35.52 6.11
C ARG C 417 4.32 35.93 5.62
N ALA C 418 4.42 37.01 4.87
CA ALA C 418 5.69 37.53 4.45
C ALA C 418 5.72 39.04 4.40
N GLY C 419 6.90 39.58 4.59
CA GLY C 419 7.14 40.98 4.68
C GLY C 419 8.31 41.45 3.87
N ALA C 420 8.51 42.76 3.87
CA ALA C 420 9.62 43.42 3.22
C ALA C 420 10.19 44.58 4.05
N GLY C 421 11.47 44.82 3.91
CA GLY C 421 12.11 45.94 4.52
C GLY C 421 11.86 47.17 3.70
N ILE C 422 11.31 48.17 4.37
CA ILE C 422 10.87 49.37 3.76
C ILE C 422 11.82 50.45 4.21
N ILE C 423 12.38 51.12 3.24
CA ILE C 423 13.30 52.19 3.49
C ILE C 423 12.83 53.32 2.63
N GLU C 424 13.55 54.42 2.66
CA GLU C 424 13.14 55.65 2.03
C GLU C 424 12.98 55.53 0.53
N GLU C 425 13.87 54.80 -0.12
CA GLU C 425 13.76 54.59 -1.55
C GLU C 425 12.61 53.67 -1.96
N SER C 426 12.02 52.98 -1.02
CA SER C 426 11.06 51.94 -1.32
C SER C 426 9.78 52.38 -2.02
N GLU C 427 9.30 51.54 -2.92
CA GLU C 427 8.12 51.72 -3.70
C GLU C 427 7.11 50.61 -3.39
N PRO C 428 5.83 50.94 -3.25
CA PRO C 428 4.86 49.96 -2.79
C PRO C 428 4.65 48.78 -3.70
N GLU C 429 4.55 48.97 -4.99
CA GLU C 429 4.39 47.86 -5.88
C GLU C 429 5.58 46.93 -5.88
N ARG C 430 6.80 47.44 -5.81
CA ARG C 430 7.97 46.61 -5.68
C ARG C 430 8.05 45.84 -4.37
N GLU C 431 7.66 46.46 -3.27
CA GLU C 431 7.63 45.77 -2.02
C GLU C 431 6.65 44.64 -2.07
N PHE C 432 5.53 44.84 -2.74
CA PHE C 432 4.54 43.83 -2.88
C PHE C 432 5.08 42.65 -3.67
N GLU C 433 5.76 42.94 -4.74
CA GLU C 433 6.40 41.88 -5.50
C GLU C 433 7.43 41.17 -4.66
N GLU C 434 8.13 41.88 -3.80
CA GLU C 434 9.13 41.27 -2.97
C GLU C 434 8.51 40.23 -2.07
N THR C 435 7.34 40.51 -1.54
CA THR C 435 6.63 39.60 -0.69
C THR C 435 6.22 38.32 -1.36
N CYS C 436 5.85 38.42 -2.62
CA CYS C 436 5.51 37.31 -3.47
C CYS C 436 6.71 36.41 -3.65
N GLU C 437 7.89 36.98 -3.73
CA GLU C 437 9.11 36.25 -3.85
C GLU C 437 9.41 35.41 -2.63
N LYS C 438 9.28 36.03 -1.49
CA LYS C 438 9.44 35.40 -0.23
C LYS C 438 8.42 34.33 0.01
N LEU C 439 7.22 34.56 -0.45
CA LEU C 439 6.14 33.61 -0.36
C LEU C 439 6.39 32.38 -1.17
N SER C 440 7.10 32.53 -2.26
CA SER C 440 7.38 31.45 -3.17
C SER C 440 8.37 30.47 -2.59
N THR C 441 8.90 30.77 -1.44
CA THR C 441 9.64 29.83 -0.66
C THR C 441 8.72 28.68 -0.24
N LEU C 442 7.43 28.95 -0.16
CA LEU C 442 6.44 27.99 0.25
C LEU C 442 5.34 27.71 -0.74
N THR C 443 4.99 28.68 -1.56
CA THR C 443 3.82 28.59 -2.40
C THR C 443 3.82 27.43 -3.41
N PRO C 444 4.96 27.09 -3.98
CA PRO C 444 5.02 25.98 -4.91
C PRO C 444 4.90 24.62 -4.27
N TYR C 445 5.02 24.57 -2.96
CA TYR C 445 5.22 23.35 -2.22
C TYR C 445 4.12 22.89 -1.27
N LEU C 446 2.91 23.35 -1.45
CA LEU C 446 1.87 23.08 -0.52
C LEU C 446 1.10 21.83 -0.84
N VAL C 447 1.20 20.85 0.03
CA VAL C 447 0.55 19.58 -0.15
C VAL C 447 -0.76 19.55 0.60
N ALA C 448 -1.84 19.43 -0.13
CA ALA C 448 -3.17 19.39 0.45
C ALA C 448 -3.46 18.19 1.33
N ARG C 449 -4.22 18.47 2.38
CA ARG C 449 -4.91 17.51 3.21
C ARG C 449 -4.36 17.48 4.62
N ALA D 14 -5.23 -12.60 41.08
CA ALA D 14 -4.85 -12.04 42.37
C ALA D 14 -4.65 -10.54 42.23
N SER D 15 -5.37 -9.77 43.04
CA SER D 15 -5.41 -8.32 42.92
C SER D 15 -5.32 -7.59 44.23
N SER D 16 -4.74 -6.41 44.19
CA SER D 16 -4.66 -5.49 45.32
C SER D 16 -5.79 -4.48 45.29
N SER D 17 -6.10 -3.89 46.42
CA SER D 17 -7.27 -3.07 46.53
C SER D 17 -7.09 -1.83 47.37
N ILE D 18 -7.95 -0.86 47.13
CA ILE D 18 -8.05 0.30 47.98
C ILE D 18 -9.45 0.88 47.97
N PRO D 19 -9.81 1.56 49.04
CA PRO D 19 -11.15 2.15 49.19
C PRO D 19 -11.38 3.33 48.28
N MET D 20 -12.60 3.55 47.87
CA MET D 20 -12.94 4.74 47.12
C MET D 20 -13.23 5.93 48.02
N PRO D 21 -12.67 7.07 47.66
CA PRO D 21 -12.85 8.31 48.40
C PRO D 21 -14.24 8.83 48.26
N ALA D 22 -14.67 9.58 49.26
CA ALA D 22 -16.06 9.94 49.40
C ALA D 22 -16.59 10.80 48.30
N GLY D 23 -15.84 11.78 47.86
CA GLY D 23 -16.38 12.82 47.01
C GLY D 23 -16.47 12.57 45.52
N VAL D 24 -16.06 11.39 45.09
CA VAL D 24 -15.81 11.21 43.67
C VAL D 24 -16.57 10.10 42.97
N ASN D 25 -17.15 10.45 41.84
CA ASN D 25 -17.82 9.53 40.98
C ASN D 25 -16.82 8.58 40.39
N PRO D 26 -17.16 7.32 40.31
CA PRO D 26 -16.25 6.33 39.73
C PRO D 26 -16.00 6.61 38.27
N ALA D 27 -16.99 7.11 37.55
CA ALA D 27 -16.80 7.37 36.16
C ALA D 27 -15.77 8.45 35.91
N ASP D 28 -15.83 9.50 36.69
CA ASP D 28 -14.89 10.58 36.55
C ASP D 28 -13.49 10.16 36.87
N LEU D 29 -13.32 9.43 37.94
CA LEU D 29 -12.03 8.92 38.34
C LEU D 29 -11.41 7.94 37.40
N ALA D 30 -12.19 7.04 36.83
CA ALA D 30 -11.69 6.10 35.85
C ALA D 30 -11.22 6.77 34.57
N ALA D 31 -11.98 7.74 34.10
CA ALA D 31 -11.62 8.53 32.95
C ALA D 31 -10.35 9.35 33.17
N GLU D 32 -10.17 9.88 34.35
CA GLU D 32 -8.96 10.58 34.68
C GLU D 32 -7.76 9.65 34.66
N LEU D 33 -7.91 8.46 35.21
CA LEU D 33 -6.84 7.52 35.21
C LEU D 33 -6.48 7.11 33.82
N ALA D 34 -7.47 6.94 33.00
CA ALA D 34 -7.23 6.56 31.66
C ALA D 34 -6.50 7.65 30.90
N ALA D 35 -6.86 8.89 31.14
CA ALA D 35 -6.15 9.99 30.57
C ALA D 35 -4.74 10.10 31.08
N VAL D 36 -4.57 10.29 32.36
CA VAL D 36 -3.26 10.62 32.91
C VAL D 36 -2.25 9.49 32.84
N VAL D 37 -2.64 8.33 33.30
CA VAL D 37 -1.75 7.21 33.44
C VAL D 37 -1.33 6.60 32.15
N THR D 38 -2.21 6.47 31.20
CA THR D 38 -1.83 5.91 29.95
C THR D 38 -0.92 6.78 29.14
N GLU D 39 -1.12 8.07 29.18
CA GLU D 39 -0.24 8.99 28.51
C GLU D 39 1.16 9.01 29.09
N SER D 40 1.23 8.99 30.40
CA SER D 40 2.48 8.93 31.10
C SER D 40 3.26 7.68 30.87
N VAL D 41 2.64 6.54 30.80
CA VAL D 41 3.37 5.33 30.52
C VAL D 41 3.43 4.96 29.04
N ASP D 42 2.81 5.76 28.19
CA ASP D 42 2.72 5.53 26.75
C ASP D 42 2.00 4.27 26.29
N GLU D 43 0.76 4.18 26.66
CA GLU D 43 -0.02 3.02 26.30
C GLU D 43 -1.46 3.28 25.87
N ASP D 44 -1.92 2.38 25.03
CA ASP D 44 -3.28 2.29 24.60
C ASP D 44 -4.17 1.76 25.71
N TYR D 45 -5.45 2.03 25.62
CA TYR D 45 -6.38 1.65 26.64
C TYR D 45 -7.79 1.45 26.13
N LEU D 46 -8.55 0.65 26.84
CA LEU D 46 -9.98 0.64 26.75
C LEU D 46 -10.65 0.64 28.12
N LEU D 47 -11.64 1.51 28.27
CA LEU D 47 -12.40 1.56 29.50
C LEU D 47 -13.84 1.17 29.24
N TYR D 48 -14.31 0.19 29.98
CA TYR D 48 -15.65 -0.33 29.84
C TYR D 48 -16.43 -0.23 31.13
N GLU D 49 -17.65 0.26 31.07
CA GLU D 49 -18.52 0.27 32.22
C GLU D 49 -19.61 -0.81 32.06
N CYS D 50 -19.58 -1.79 32.95
CA CYS D 50 -20.59 -2.82 33.05
C CYS D 50 -21.06 -2.93 34.50
N ASP D 51 -22.32 -2.63 34.74
CA ASP D 51 -22.95 -2.86 36.05
C ASP D 51 -22.26 -2.27 37.25
N GLY D 52 -21.99 -0.99 37.21
CA GLY D 52 -21.36 -0.31 38.32
C GLY D 52 -19.86 -0.49 38.45
N GLN D 53 -19.25 -1.14 37.49
CA GLN D 53 -17.83 -1.28 37.50
C GLN D 53 -17.30 -0.62 36.26
N TRP D 54 -16.23 0.12 36.43
CA TRP D 54 -15.51 0.71 35.34
C TRP D 54 -14.21 -0.02 35.20
N VAL D 55 -14.03 -0.73 34.13
CA VAL D 55 -12.85 -1.51 33.99
C VAL D 55 -11.94 -0.81 33.02
N LEU D 56 -10.74 -0.48 33.47
CA LEU D 56 -9.76 0.09 32.62
C LEU D 56 -8.76 -0.95 32.26
N ALA D 57 -8.74 -1.32 31.01
CA ALA D 57 -7.71 -2.19 30.51
C ALA D 57 -6.60 -1.36 29.88
N ALA D 58 -5.47 -1.30 30.54
CA ALA D 58 -4.35 -0.46 30.14
C ALA D 58 -3.15 -1.25 29.61
N GLY D 59 -2.67 -0.85 28.45
CA GLY D 59 -1.57 -1.51 27.80
C GLY D 59 -2.01 -2.64 26.90
N VAL D 60 -1.25 -2.95 25.89
CA VAL D 60 -1.56 -4.06 25.05
C VAL D 60 -0.48 -5.14 25.14
N GLN D 61 -0.72 -6.17 25.93
CA GLN D 61 0.09 -7.38 25.91
C GLN D 61 0.03 -8.21 24.61
N ALA D 62 -1.16 -8.44 24.06
CA ALA D 62 -1.28 -9.01 22.75
C ALA D 62 -2.49 -8.46 22.04
N MET D 63 -2.43 -8.41 20.72
CA MET D 63 -3.50 -7.87 19.92
C MET D 63 -3.98 -8.77 18.80
N VAL D 64 -5.28 -9.02 18.76
CA VAL D 64 -5.87 -9.73 17.63
C VAL D 64 -6.53 -8.80 16.67
N GLU D 65 -6.12 -8.86 15.43
CA GLU D 65 -6.76 -8.06 14.42
C GLU D 65 -7.46 -8.96 13.40
N LEU D 66 -8.76 -8.89 13.33
CA LEU D 66 -9.47 -9.66 12.35
C LEU D 66 -10.01 -8.78 11.27
N ASP D 67 -9.54 -9.02 10.06
CA ASP D 67 -9.97 -8.33 8.89
C ASP D 67 -10.80 -9.24 8.02
N SER D 68 -11.35 -8.68 6.98
CA SER D 68 -12.13 -9.40 6.01
C SER D 68 -11.27 -10.39 5.25
N ASP D 69 -10.07 -9.98 4.89
CA ASP D 69 -9.17 -10.85 4.20
C ASP D 69 -8.08 -11.51 5.03
N GLU D 70 -7.79 -11.01 6.21
CA GLU D 70 -6.66 -11.53 6.94
C GLU D 70 -6.85 -11.59 8.44
N LEU D 71 -6.16 -12.49 9.11
CA LEU D 71 -6.14 -12.50 10.55
C LEU D 71 -4.71 -12.29 11.02
N ARG D 72 -4.53 -11.37 11.95
CA ARG D 72 -3.23 -11.00 12.43
C ARG D 72 -3.25 -11.06 13.91
N VAL D 73 -2.22 -11.69 14.45
CA VAL D 73 -1.96 -11.64 15.85
C VAL D 73 -0.60 -11.02 16.05
N ILE D 74 -0.54 -9.98 16.87
CA ILE D 74 0.65 -9.18 17.02
C ILE D 74 1.09 -9.22 18.44
N ARG D 75 2.30 -9.71 18.66
CA ARG D 75 2.82 -9.94 20.02
C ARG D 75 4.33 -9.81 20.14
N ASP D 76 4.78 -8.95 21.02
CA ASP D 76 6.21 -8.84 21.18
C ASP D 76 6.84 -8.45 19.89
N GLY D 77 6.20 -7.55 19.17
CA GLY D 77 6.81 -7.07 17.96
C GLY D 77 6.87 -8.09 16.86
N VAL D 78 6.10 -9.15 16.98
CA VAL D 78 6.03 -10.08 15.90
C VAL D 78 4.62 -10.24 15.38
N THR D 79 4.44 -9.94 14.12
CA THR D 79 3.15 -10.06 13.49
C THR D 79 3.00 -11.39 12.78
N ARG D 80 2.02 -12.19 13.20
CA ARG D 80 1.66 -13.44 12.55
C ARG D 80 0.39 -13.31 11.71
N ARG D 81 0.46 -13.60 10.43
CA ARG D 81 -0.67 -13.49 9.53
C ARG D 81 -1.27 -14.79 8.99
N GLN D 82 -2.55 -15.04 9.24
CA GLN D 82 -3.24 -16.19 8.70
C GLN D 82 -4.39 -15.83 7.77
N GLN D 83 -4.48 -16.45 6.60
CA GLN D 83 -5.65 -16.31 5.77
C GLN D 83 -6.72 -17.11 6.44
N TRP D 84 -7.98 -16.73 6.28
CA TRP D 84 -9.05 -17.44 6.97
C TRP D 84 -10.29 -17.51 6.12
N SER D 85 -11.15 -18.46 6.42
CA SER D 85 -12.41 -18.66 5.72
C SER D 85 -13.32 -19.37 6.68
N GLY D 86 -14.59 -19.52 6.34
CA GLY D 86 -15.52 -20.01 7.32
C GLY D 86 -15.98 -18.86 8.17
N ARG D 87 -16.65 -19.14 9.27
CA ARG D 87 -17.20 -18.12 10.13
C ARG D 87 -16.13 -17.26 10.80
N PRO D 88 -16.37 -15.96 10.80
CA PRO D 88 -15.50 -14.97 11.44
C PRO D 88 -15.42 -15.11 12.96
N GLY D 89 -16.51 -15.54 13.56
CA GLY D 89 -16.55 -15.86 14.96
C GLY D 89 -15.63 -17.00 15.30
N ALA D 90 -15.54 -17.97 14.42
CA ALA D 90 -14.65 -19.05 14.67
C ALA D 90 -13.25 -18.52 14.68
N ALA D 91 -12.92 -17.75 13.67
CA ALA D 91 -11.58 -17.24 13.58
C ALA D 91 -11.27 -16.36 14.76
N LEU D 92 -12.19 -15.48 15.10
CA LEU D 92 -11.94 -14.56 16.18
C LEU D 92 -11.79 -15.30 17.46
N GLY D 93 -12.68 -16.25 17.69
CA GLY D 93 -12.71 -16.97 18.93
C GLY D 93 -11.47 -17.78 19.19
N GLU D 94 -10.95 -18.36 18.14
CA GLU D 94 -9.77 -19.18 18.25
C GLU D 94 -8.59 -18.33 18.70
N ALA D 95 -8.41 -17.20 18.03
CA ALA D 95 -7.41 -16.25 18.40
C ALA D 95 -7.60 -15.66 19.78
N VAL D 96 -8.82 -15.30 20.14
CA VAL D 96 -9.07 -14.71 21.43
C VAL D 96 -8.80 -15.63 22.58
N ASP D 97 -9.11 -16.90 22.37
CA ASP D 97 -8.99 -17.93 23.35
C ASP D 97 -7.55 -18.08 23.75
N ARG D 98 -6.69 -17.95 22.76
CA ARG D 98 -5.27 -18.02 22.96
C ARG D 98 -4.81 -16.85 23.82
N LEU D 99 -5.44 -15.70 23.64
CA LEU D 99 -5.14 -14.54 24.44
C LEU D 99 -5.43 -14.84 25.88
N LEU D 100 -6.49 -15.56 26.08
CA LEU D 100 -7.04 -15.66 27.39
C LEU D 100 -6.41 -16.75 28.19
N LEU D 101 -5.52 -17.52 27.56
CA LEU D 101 -4.68 -18.48 28.26
C LEU D 101 -3.70 -17.76 29.17
N GLU D 102 -3.15 -16.67 28.70
CA GLU D 102 -2.24 -15.86 29.49
C GLU D 102 -2.93 -14.88 30.40
N THR D 103 -4.07 -14.35 30.03
CA THR D 103 -4.65 -13.31 30.86
C THR D 103 -6.12 -13.54 31.17
N ASP D 104 -6.59 -13.03 32.28
CA ASP D 104 -7.95 -13.16 32.72
C ASP D 104 -9.01 -12.50 31.83
N GLN D 105 -8.72 -11.31 31.34
CA GLN D 105 -9.69 -10.56 30.54
C GLN D 105 -9.15 -10.05 29.21
N ALA D 106 -10.02 -9.90 28.23
CA ALA D 106 -9.70 -9.32 26.95
C ALA D 106 -10.77 -8.31 26.59
N PHE D 107 -10.39 -7.25 25.91
CA PHE D 107 -11.29 -6.18 25.54
C PHE D 107 -11.11 -5.76 24.09
N GLY D 108 -12.14 -5.20 23.53
CA GLY D 108 -12.12 -4.84 22.14
C GLY D 108 -13.39 -4.29 21.58
N TRP D 109 -13.42 -4.23 20.27
CA TRP D 109 -14.55 -3.77 19.52
C TRP D 109 -14.75 -4.68 18.32
N VAL D 110 -15.98 -4.73 17.86
CA VAL D 110 -16.36 -5.53 16.76
C VAL D 110 -17.10 -4.62 15.81
N ALA D 111 -16.74 -4.67 14.56
CA ALA D 111 -17.37 -3.88 13.54
C ALA D 111 -18.73 -4.42 13.13
N PHE D 112 -19.53 -3.56 12.53
CA PHE D 112 -20.82 -3.92 12.00
C PHE D 112 -20.62 -5.00 10.96
N GLU D 113 -19.51 -4.91 10.24
CA GLU D 113 -19.13 -5.76 9.13
C GLU D 113 -18.89 -7.21 9.51
N PHE D 114 -18.69 -7.45 10.79
CA PHE D 114 -18.54 -8.77 11.40
C PHE D 114 -19.80 -9.57 11.20
N GLY D 115 -20.93 -8.87 11.25
CA GLY D 115 -22.24 -9.42 11.12
C GLY D 115 -22.72 -9.87 9.77
N VAL D 116 -22.02 -9.50 8.72
CA VAL D 116 -22.37 -9.84 7.34
C VAL D 116 -22.25 -11.29 6.86
N HIS D 117 -21.28 -12.00 7.40
CA HIS D 117 -20.90 -13.29 6.93
C HIS D 117 -22.00 -14.28 7.12
N ARG D 118 -22.84 -14.00 8.11
CA ARG D 118 -23.93 -14.82 8.52
C ARG D 118 -24.88 -14.95 7.34
N TYR D 119 -24.96 -13.88 6.57
CA TYR D 119 -25.87 -13.75 5.49
C TYR D 119 -25.27 -13.95 4.13
N GLY D 120 -24.04 -14.43 4.06
CA GLY D 120 -23.36 -14.66 2.83
C GLY D 120 -22.99 -13.42 2.07
N LEU D 121 -22.89 -12.30 2.77
CA LEU D 121 -22.62 -11.05 2.13
C LEU D 121 -21.16 -10.60 2.17
N GLN D 122 -20.24 -11.47 2.56
CA GLN D 122 -18.82 -11.14 2.71
C GLN D 122 -18.05 -10.75 1.46
N GLN D 123 -18.49 -11.19 0.31
CA GLN D 123 -17.91 -10.88 -0.98
C GLN D 123 -18.03 -9.39 -1.26
N ARG D 124 -18.96 -8.76 -0.59
CA ARG D 124 -19.23 -7.38 -0.86
C ARG D 124 -18.44 -6.39 -0.02
N LEU D 125 -17.69 -6.90 0.94
CA LEU D 125 -16.66 -6.17 1.62
C LEU D 125 -15.47 -5.88 0.72
N ALA D 126 -14.94 -4.67 0.84
CA ALA D 126 -13.68 -4.31 0.27
C ALA D 126 -12.60 -5.03 1.03
N PRO D 127 -11.45 -5.19 0.39
CA PRO D 127 -10.33 -5.87 1.01
C PRO D 127 -9.82 -5.05 2.14
N HIS D 128 -9.23 -5.72 3.10
CA HIS D 128 -8.76 -5.09 4.29
C HIS D 128 -9.85 -4.37 5.07
N THR D 129 -11.04 -4.92 5.16
CA THR D 129 -12.08 -4.36 5.99
C THR D 129 -11.93 -4.91 7.39
N PRO D 130 -11.75 -4.07 8.39
CA PRO D 130 -11.67 -4.53 9.77
C PRO D 130 -12.94 -5.14 10.24
N LEU D 131 -12.86 -6.26 10.92
CA LEU D 131 -14.00 -6.87 11.54
C LEU D 131 -13.97 -6.78 13.04
N ALA D 132 -12.81 -6.98 13.65
CA ALA D 132 -12.65 -6.84 15.08
C ALA D 132 -11.22 -6.57 15.53
N ARG D 133 -11.08 -5.90 16.66
CA ARG D 133 -9.83 -5.71 17.34
C ARG D 133 -10.02 -6.05 18.78
N VAL D 134 -9.32 -7.05 19.26
CA VAL D 134 -9.47 -7.49 20.61
C VAL D 134 -8.10 -7.63 21.21
N PHE D 135 -7.92 -7.16 22.42
CA PHE D 135 -6.62 -7.18 23.02
C PHE D 135 -6.63 -7.62 24.46
N SER D 136 -5.52 -8.16 24.91
CA SER D 136 -5.33 -8.39 26.32
C SER D 136 -4.35 -7.36 26.89
N PRO D 137 -4.78 -6.70 27.95
CA PRO D 137 -4.05 -5.63 28.58
C PRO D 137 -2.85 -6.07 29.41
N ARG D 138 -1.89 -5.18 29.60
CA ARG D 138 -0.90 -5.30 30.66
C ARG D 138 -1.36 -5.08 32.08
N THR D 139 -2.27 -4.16 32.30
CA THR D 139 -2.73 -3.78 33.61
C THR D 139 -4.24 -3.61 33.63
N ARG D 140 -4.90 -3.97 34.70
CA ARG D 140 -6.32 -3.69 34.81
C ARG D 140 -6.63 -2.96 36.07
N ILE D 141 -7.37 -1.88 35.96
CA ILE D 141 -7.82 -1.15 37.14
C ILE D 141 -9.32 -1.10 37.14
N MET D 142 -9.92 -1.48 38.25
CA MET D 142 -11.35 -1.56 38.31
C MET D 142 -11.91 -0.57 39.26
N VAL D 143 -12.75 0.31 38.75
CA VAL D 143 -13.17 1.42 39.54
C VAL D 143 -14.66 1.34 39.75
N SER D 144 -15.05 1.46 40.99
CA SER D 144 -16.38 1.18 41.37
C SER D 144 -16.65 2.05 42.52
N GLU D 145 -17.89 2.12 42.92
CA GLU D 145 -18.24 3.02 43.98
C GLU D 145 -17.53 2.71 45.30
N LYS D 146 -17.47 1.44 45.64
CA LYS D 146 -16.74 1.00 46.81
C LYS D 146 -15.26 1.11 46.76
N GLU D 147 -14.65 0.62 45.70
CA GLU D 147 -13.24 0.35 45.75
C GLU D 147 -12.52 0.39 44.40
N ILE D 148 -11.20 0.50 44.46
CA ILE D 148 -10.37 0.46 43.30
C ILE D 148 -9.53 -0.77 43.41
N ARG D 149 -9.55 -1.61 42.39
CA ARG D 149 -8.84 -2.84 42.42
C ARG D 149 -7.79 -2.83 41.33
N LEU D 150 -6.61 -3.31 41.67
CA LEU D 150 -5.53 -3.33 40.72
C LEU D 150 -5.07 -4.71 40.42
N PHE D 151 -4.90 -5.00 39.14
CA PHE D 151 -4.38 -6.26 38.70
C PHE D 151 -3.12 -6.05 37.88
N ASP D 152 -2.02 -6.64 38.29
CA ASP D 152 -0.78 -6.58 37.53
C ASP D 152 -0.37 -5.15 37.28
N ALA D 153 -0.57 -4.28 38.27
CA ALA D 153 -0.16 -2.90 38.14
C ALA D 153 1.28 -2.67 38.64
N GLY D 154 2.15 -2.29 37.73
CA GLY D 154 3.56 -2.08 37.99
C GLY D 154 3.83 -0.82 38.75
N ILE D 155 5.08 -0.53 39.06
CA ILE D 155 5.37 0.56 39.97
C ILE D 155 4.89 1.89 39.45
N ARG D 156 5.18 2.15 38.19
CA ARG D 156 4.81 3.38 37.55
C ARG D 156 3.31 3.57 37.51
N HIS D 157 2.56 2.49 37.29
CA HIS D 157 1.12 2.63 37.32
C HIS D 157 0.61 3.04 38.69
N ARG D 158 1.16 2.44 39.71
CA ARG D 158 0.84 2.81 41.06
C ARG D 158 1.26 4.22 41.44
N GLU D 159 2.46 4.61 41.06
CA GLU D 159 2.95 5.92 41.44
C GLU D 159 2.03 6.97 40.84
N ALA D 160 1.68 6.76 39.59
CA ALA D 160 0.72 7.59 38.88
C ALA D 160 -0.70 7.54 39.42
N ILE D 161 -1.12 6.40 39.91
CA ILE D 161 -2.43 6.34 40.47
C ILE D 161 -2.44 7.15 41.74
N ASP D 162 -1.48 6.90 42.61
CA ASP D 162 -1.43 7.58 43.89
C ASP D 162 -1.32 9.04 43.58
N ARG D 163 -0.54 9.32 42.55
CA ARG D 163 -0.26 10.67 42.14
C ARG D 163 -1.55 11.34 41.76
N LEU D 164 -2.42 10.60 41.08
CA LEU D 164 -3.78 11.05 40.81
C LEU D 164 -4.62 11.17 42.04
N LEU D 165 -4.45 10.24 42.95
CA LEU D 165 -5.41 10.11 44.03
C LEU D 165 -5.50 11.34 44.93
N ALA D 166 -4.36 11.86 45.33
CA ALA D 166 -4.30 13.08 46.10
C ALA D 166 -4.74 14.34 45.35
N THR D 167 -4.30 14.46 44.11
CA THR D 167 -4.58 15.65 43.34
C THR D 167 -6.05 15.80 43.21
N GLY D 168 -6.72 14.69 42.97
CA GLY D 168 -8.15 14.68 42.71
C GLY D 168 -8.41 14.83 41.24
N VAL D 169 -9.67 14.92 40.85
CA VAL D 169 -9.96 14.99 39.44
C VAL D 169 -10.09 16.42 38.99
N ARG D 170 -9.74 16.67 37.74
CA ARG D 170 -9.81 17.99 37.18
C ARG D 170 -11.25 18.40 36.98
N GLU D 171 -11.51 19.67 36.78
CA GLU D 171 -12.85 20.11 36.46
C GLU D 171 -13.06 20.10 34.97
N VAL D 172 -14.25 19.75 34.54
CA VAL D 172 -14.55 19.74 33.14
C VAL D 172 -14.77 21.15 32.63
N PRO D 173 -14.19 21.47 31.49
CA PRO D 173 -14.32 22.80 30.88
C PRO D 173 -15.68 22.99 30.23
N GLN D 174 -15.97 24.16 29.81
CA GLN D 174 -17.16 24.34 29.11
C GLN D 174 -16.95 23.63 27.82
N SER D 175 -18.05 23.36 27.21
CA SER D 175 -18.22 22.52 26.04
C SER D 175 -18.44 23.35 24.79
N ARG D 176 -17.88 22.90 23.67
CA ARG D 176 -18.02 23.62 22.40
C ARG D 176 -19.16 23.03 21.57
N SER D 177 -19.82 23.90 20.81
CA SER D 177 -20.91 23.49 19.97
C SER D 177 -20.57 23.10 18.58
N VAL D 178 -21.46 22.33 17.99
CA VAL D 178 -21.30 21.93 16.62
C VAL D 178 -22.63 21.99 15.92
N ASP D 179 -22.62 22.15 14.61
CA ASP D 179 -23.82 22.27 13.84
C ASP D 179 -24.06 21.01 13.03
N VAL D 180 -25.20 20.41 13.27
CA VAL D 180 -25.58 19.20 12.61
C VAL D 180 -26.60 19.41 11.50
N SER D 181 -26.83 20.66 11.13
CA SER D 181 -27.85 21.05 10.17
C SER D 181 -27.65 20.56 8.74
N ASP D 182 -26.41 20.43 8.31
CA ASP D 182 -26.11 20.09 6.94
C ASP D 182 -26.41 18.62 6.66
N ASP D 183 -26.65 18.31 5.40
CA ASP D 183 -26.85 16.95 4.97
C ASP D 183 -26.01 16.68 3.74
N PRO D 184 -24.71 16.67 3.90
CA PRO D 184 -23.75 16.36 2.85
C PRO D 184 -23.79 14.95 2.30
N SER D 185 -24.21 13.97 3.09
CA SER D 185 -24.29 12.59 2.66
C SER D 185 -25.62 12.21 2.06
N GLY D 186 -26.52 13.16 1.92
CA GLY D 186 -27.85 12.91 1.37
C GLY D 186 -28.73 11.92 2.06
N PHE D 187 -28.87 12.07 3.36
CA PHE D 187 -29.62 11.13 4.15
C PHE D 187 -31.02 11.14 3.67
N ARG D 188 -31.54 12.33 3.47
CA ARG D 188 -32.92 12.51 3.09
C ARG D 188 -33.20 11.85 1.77
N ARG D 189 -32.33 12.03 0.79
CA ARG D 189 -32.53 11.34 -0.44
C ARG D 189 -32.48 9.84 -0.23
N ARG D 190 -31.52 9.40 0.56
CA ARG D 190 -31.30 8.01 0.85
C ARG D 190 -32.47 7.37 1.58
N VAL D 191 -33.14 8.14 2.41
CA VAL D 191 -34.34 7.68 3.06
C VAL D 191 -35.48 7.41 2.07
N ALA D 192 -35.62 8.26 1.07
CA ALA D 192 -36.67 8.10 0.14
C ALA D 192 -36.46 6.81 -0.57
N VAL D 193 -35.23 6.53 -0.95
CA VAL D 193 -34.97 5.33 -1.71
C VAL D 193 -35.39 4.11 -0.92
N ALA D 194 -35.12 4.10 0.38
CA ALA D 194 -35.49 2.98 1.21
C ALA D 194 -37.01 2.81 1.33
N VAL D 195 -37.70 3.92 1.44
CA VAL D 195 -39.12 3.90 1.56
C VAL D 195 -39.70 3.30 0.31
N ASP D 196 -39.14 3.62 -0.83
CA ASP D 196 -39.65 3.04 -2.04
C ASP D 196 -39.44 1.57 -1.99
N GLU D 197 -38.27 1.15 -1.60
CA GLU D 197 -37.94 -0.24 -1.58
C GLU D 197 -38.84 -0.99 -0.62
N ILE D 198 -39.17 -0.38 0.49
CA ILE D 198 -40.08 -0.94 1.44
C ILE D 198 -41.50 -1.07 0.89
N ALA D 199 -41.91 -0.05 0.16
CA ALA D 199 -43.21 0.00 -0.45
C ALA D 199 -43.29 -1.15 -1.42
N ALA D 200 -42.16 -1.43 -2.04
CA ALA D 200 -42.07 -2.42 -3.07
C ALA D 200 -41.88 -3.77 -2.44
N GLY D 201 -41.82 -3.79 -1.12
CA GLY D 201 -41.80 -5.05 -0.41
C GLY D 201 -40.50 -5.78 -0.37
N ARG D 202 -39.40 -5.11 -0.68
CA ARG D 202 -38.07 -5.70 -0.55
C ARG D 202 -37.72 -6.04 0.87
N TYR D 203 -38.07 -5.19 1.81
CA TYR D 203 -37.91 -5.48 3.21
C TYR D 203 -38.89 -4.65 4.00
N HIS D 204 -39.19 -5.06 5.21
CA HIS D 204 -39.93 -4.27 6.18
C HIS D 204 -39.30 -3.01 6.83
N LYS D 205 -38.08 -3.10 7.33
CA LYS D 205 -37.43 -1.98 7.97
C LYS D 205 -35.92 -1.99 7.75
N VAL D 206 -35.32 -0.83 7.56
CA VAL D 206 -33.87 -0.68 7.50
C VAL D 206 -33.44 0.54 8.27
N ILE D 207 -32.26 0.48 8.87
CA ILE D 207 -31.78 1.63 9.62
C ILE D 207 -30.68 2.30 8.85
N LEU D 208 -30.84 3.58 8.58
CA LEU D 208 -29.89 4.33 7.82
C LEU D 208 -29.35 5.46 8.65
N SER D 209 -28.14 5.89 8.37
CA SER D 209 -27.42 6.81 9.21
C SER D 209 -26.67 7.87 8.47
N ARG D 210 -26.24 8.88 9.18
CA ARG D 210 -25.34 9.86 8.63
C ARG D 210 -24.22 10.23 9.57
N CYS D 211 -23.07 10.45 8.99
CA CYS D 211 -21.92 10.93 9.71
C CYS D 211 -21.95 12.44 9.80
N VAL D 212 -21.60 12.97 10.94
CA VAL D 212 -21.42 14.40 11.09
C VAL D 212 -20.01 14.68 11.50
N GLU D 213 -19.27 15.45 10.71
CA GLU D 213 -17.89 15.78 11.04
C GLU D 213 -17.81 16.88 12.12
N VAL D 214 -16.90 16.69 13.08
CA VAL D 214 -16.70 17.66 14.12
C VAL D 214 -15.45 18.39 13.71
N PRO D 215 -15.52 19.69 13.63
CA PRO D 215 -14.52 20.46 12.93
C PRO D 215 -13.38 20.88 13.80
N PHE D 216 -13.34 20.39 15.01
CA PHE D 216 -12.27 20.68 15.91
C PHE D 216 -11.97 19.43 16.65
N ALA D 217 -10.77 19.37 17.20
CA ALA D 217 -10.35 18.24 17.95
C ALA D 217 -10.92 18.24 19.34
N ILE D 218 -11.36 17.09 19.81
CA ILE D 218 -11.97 16.97 21.10
C ILE D 218 -11.11 16.20 22.09
N ASP D 219 -11.32 16.43 23.38
CA ASP D 219 -10.62 15.68 24.38
C ASP D 219 -11.54 14.54 24.77
N PHE D 220 -11.17 13.33 24.43
CA PHE D 220 -12.06 12.20 24.60
C PHE D 220 -12.42 11.84 26.03
N PRO D 221 -11.46 11.76 26.92
CA PRO D 221 -11.80 11.51 28.30
C PRO D 221 -12.64 12.59 28.93
N LEU D 222 -12.36 13.86 28.71
CA LEU D 222 -13.20 14.94 29.20
C LEU D 222 -14.60 15.00 28.59
N THR D 223 -14.69 14.77 27.29
CA THR D 223 -15.96 14.66 26.61
C THR D 223 -16.74 13.47 27.16
N TYR D 224 -16.05 12.39 27.51
CA TYR D 224 -16.70 11.27 28.11
C TYR D 224 -17.31 11.55 29.47
N ARG D 225 -16.57 12.21 30.34
CA ARG D 225 -17.07 12.54 31.65
C ARG D 225 -18.28 13.43 31.55
N LEU D 226 -18.23 14.42 30.70
CA LEU D 226 -19.33 15.35 30.60
C LEU D 226 -20.60 14.69 30.12
N GLY D 227 -20.51 13.94 29.05
CA GLY D 227 -21.64 13.23 28.52
C GLY D 227 -22.23 12.21 29.46
N ARG D 228 -21.38 11.55 30.22
CA ARG D 228 -21.79 10.51 31.13
C ARG D 228 -22.68 11.07 32.22
N ARG D 229 -22.45 12.32 32.61
CA ARG D 229 -23.24 13.02 33.60
C ARG D 229 -24.65 13.28 33.11
N HIS D 230 -24.85 13.29 31.82
CA HIS D 230 -26.15 13.57 31.29
C HIS D 230 -26.70 12.40 30.53
N ASN D 231 -26.12 11.23 30.73
CA ASN D 231 -26.54 10.06 30.01
C ASN D 231 -26.53 8.93 30.94
N THR D 232 -27.55 8.09 30.86
CA THR D 232 -27.53 6.89 31.68
C THR D 232 -27.80 5.69 30.78
N PRO D 233 -26.79 4.86 30.58
CA PRO D 233 -26.74 3.91 29.49
C PRO D 233 -26.62 2.49 29.93
N VAL D 234 -26.96 1.55 29.07
CA VAL D 234 -26.82 0.16 29.42
C VAL D 234 -25.35 -0.19 29.68
N ARG D 235 -24.47 0.26 28.79
CA ARG D 235 -23.02 0.14 28.94
C ARG D 235 -22.36 1.41 28.40
N SER D 236 -21.12 1.68 28.79
CA SER D 236 -20.37 2.78 28.20
C SER D 236 -18.90 2.46 28.01
N PHE D 237 -18.24 3.20 27.11
CA PHE D 237 -16.84 3.00 26.84
C PHE D 237 -16.07 4.25 26.48
N LEU D 238 -14.80 4.27 26.82
CA LEU D 238 -13.83 5.20 26.32
C LEU D 238 -12.56 4.48 25.92
N LEU D 239 -12.08 4.67 24.70
CA LEU D 239 -10.88 3.97 24.25
C LEU D 239 -9.87 4.74 23.40
N GLN D 240 -8.59 4.47 23.57
CA GLN D 240 -7.56 4.79 22.59
C GLN D 240 -6.83 3.54 22.18
N LEU D 241 -7.12 3.06 21.00
CA LEU D 241 -6.57 1.81 20.54
C LEU D 241 -6.22 1.80 19.06
N GLY D 242 -4.97 1.55 18.76
CA GLY D 242 -4.55 1.41 17.39
C GLY D 242 -4.84 2.57 16.48
N GLY D 243 -4.69 3.76 17.00
CA GLY D 243 -4.93 4.96 16.26
C GLY D 243 -6.35 5.44 16.27
N ILE D 244 -7.18 4.82 17.09
CA ILE D 244 -8.57 5.17 17.22
C ILE D 244 -8.88 5.67 18.59
N ARG D 245 -9.57 6.79 18.66
CA ARG D 245 -10.22 7.24 19.87
C ARG D 245 -11.72 7.09 19.72
N ALA D 246 -12.36 6.52 20.72
CA ALA D 246 -13.80 6.44 20.76
C ALA D 246 -14.39 6.50 22.16
N LEU D 247 -15.58 7.04 22.24
CA LEU D 247 -16.36 7.04 23.45
C LEU D 247 -17.81 6.79 23.09
N GLY D 248 -18.55 6.20 23.98
CA GLY D 248 -19.93 5.93 23.71
C GLY D 248 -20.81 5.64 24.89
N TYR D 249 -22.10 5.83 24.68
CA TYR D 249 -23.09 5.50 25.68
C TYR D 249 -24.05 4.51 25.07
N SER D 250 -23.71 3.26 25.18
CA SER D 250 -24.47 2.23 24.56
C SER D 250 -25.90 2.05 25.05
N PRO D 251 -26.85 2.02 24.12
CA PRO D 251 -28.26 1.91 24.46
C PRO D 251 -28.83 0.50 24.51
N GLU D 252 -28.06 -0.53 24.26
CA GLU D 252 -28.60 -1.86 24.23
C GLU D 252 -27.53 -2.89 24.46
N LEU D 253 -27.91 -4.06 24.93
CA LEU D 253 -26.93 -5.09 25.10
C LEU D 253 -27.13 -6.14 24.07
N VAL D 254 -26.14 -6.38 23.24
CA VAL D 254 -26.23 -7.46 22.28
C VAL D 254 -26.24 -8.84 22.91
N THR D 255 -25.25 -9.15 23.74
CA THR D 255 -25.19 -10.39 24.49
C THR D 255 -24.42 -10.30 25.76
N ALA D 256 -24.85 -11.05 26.75
CA ALA D 256 -24.05 -11.36 27.91
C ALA D 256 -24.05 -12.84 28.12
N VAL D 257 -22.89 -13.46 28.11
CA VAL D 257 -22.73 -14.87 28.32
C VAL D 257 -21.96 -15.10 29.61
N ARG D 258 -22.47 -15.92 30.52
CA ARG D 258 -21.75 -16.13 31.78
C ARG D 258 -20.82 -17.31 31.86
N ALA D 259 -20.18 -17.45 32.98
CA ALA D 259 -19.23 -18.51 33.16
C ALA D 259 -19.98 -19.83 33.22
N ASP D 260 -21.14 -19.79 33.82
CA ASP D 260 -21.97 -20.95 34.04
C ASP D 260 -22.74 -21.32 32.81
N GLY D 261 -22.58 -20.52 31.77
CA GLY D 261 -23.20 -20.78 30.50
C GLY D 261 -24.52 -20.12 30.16
N VAL D 262 -25.04 -19.27 31.02
CA VAL D 262 -26.24 -18.52 30.71
C VAL D 262 -26.02 -17.42 29.66
N VAL D 263 -26.93 -17.25 28.73
CA VAL D 263 -26.82 -16.23 27.72
C VAL D 263 -28.00 -15.30 27.83
N ILE D 264 -27.77 -14.02 27.71
CA ILE D 264 -28.84 -13.06 27.78
C ILE D 264 -28.76 -12.13 26.60
N THR D 265 -29.92 -11.72 26.12
CA THR D 265 -30.03 -10.65 25.13
C THR D 265 -31.25 -9.84 25.47
N GLU D 266 -31.17 -8.53 25.36
CA GLU D 266 -32.28 -7.67 25.78
C GLU D 266 -32.69 -6.63 24.77
N PRO D 267 -33.47 -7.01 23.78
CA PRO D 267 -33.83 -6.05 22.74
C PRO D 267 -34.78 -4.98 23.24
N LEU D 268 -34.65 -3.77 22.72
CA LEU D 268 -35.50 -2.68 23.17
C LEU D 268 -36.20 -2.05 22.00
N ALA D 269 -37.40 -1.52 22.22
CA ALA D 269 -38.16 -0.83 21.20
C ALA D 269 -39.00 0.17 21.89
N GLY D 270 -39.22 1.33 21.27
CA GLY D 270 -40.17 2.28 21.81
C GLY D 270 -39.85 3.74 21.96
N THR D 271 -39.26 4.08 23.09
CA THR D 271 -38.95 5.47 23.45
C THR D 271 -40.15 6.37 23.71
N ALA D 284 -47.83 11.72 35.01
CA ALA D 284 -47.28 12.48 33.89
C ALA D 284 -46.95 11.53 32.79
N ARG D 285 -46.44 10.38 33.17
CA ARG D 285 -46.23 9.32 32.24
C ARG D 285 -47.56 8.64 31.92
N ASP D 286 -47.91 8.73 30.64
CA ASP D 286 -49.11 8.15 30.09
C ASP D 286 -48.64 7.35 28.91
N ASP D 287 -48.13 6.18 29.22
CA ASP D 287 -47.43 5.28 28.32
C ASP D 287 -48.24 4.72 27.17
N LEU D 288 -47.62 4.66 26.00
CA LEU D 288 -48.19 3.85 24.96
C LEU D 288 -47.45 2.54 24.89
N GLU D 289 -47.98 1.56 25.60
CA GLU D 289 -47.71 0.15 25.45
C GLU D 289 -48.82 -0.34 24.57
N SER D 290 -49.61 0.60 24.10
CA SER D 290 -50.74 0.32 23.26
C SER D 290 -50.45 0.74 21.85
N ASN D 291 -49.21 1.04 21.55
CA ASN D 291 -48.93 1.47 20.20
C ASN D 291 -48.68 0.29 19.29
N SER D 292 -49.56 0.12 18.35
CA SER D 292 -49.57 -1.05 17.53
C SER D 292 -48.28 -1.13 16.80
N LYS D 293 -47.87 -0.01 16.24
CA LYS D 293 -46.68 0.06 15.41
C LYS D 293 -45.44 -0.30 16.17
N GLU D 294 -45.33 0.22 17.38
CA GLU D 294 -44.27 -0.12 18.30
C GLU D 294 -44.29 -1.58 18.74
N ILE D 295 -45.48 -2.10 19.03
CA ILE D 295 -45.64 -3.48 19.42
C ILE D 295 -45.27 -4.46 18.33
N VAL D 296 -45.60 -4.17 17.09
CA VAL D 296 -45.21 -5.04 16.00
C VAL D 296 -43.71 -5.13 15.81
N GLU D 297 -43.01 -4.01 15.89
CA GLU D 297 -41.57 -4.05 15.77
C GLU D 297 -40.93 -4.83 16.88
N HIS D 298 -41.35 -4.63 18.10
CA HIS D 298 -40.78 -5.35 19.22
C HIS D 298 -40.99 -6.87 19.17
N ALA D 299 -42.19 -7.30 18.84
CA ALA D 299 -42.48 -8.72 18.77
C ALA D 299 -41.70 -9.40 17.67
N ILE D 300 -41.57 -8.75 16.55
CA ILE D 300 -40.81 -9.29 15.46
C ILE D 300 -39.37 -9.42 15.88
N SER D 301 -38.90 -8.40 16.55
CA SER D 301 -37.55 -8.39 17.03
C SER D 301 -37.31 -9.45 18.07
N VAL D 302 -38.24 -9.62 18.98
CA VAL D 302 -38.11 -10.60 20.04
C VAL D 302 -38.07 -12.01 19.50
N ARG D 303 -38.91 -12.23 18.50
CA ARG D 303 -38.98 -13.49 17.80
C ARG D 303 -37.70 -13.78 17.07
N SER D 304 -37.10 -12.79 16.44
CA SER D 304 -35.83 -12.97 15.79
C SER D 304 -34.73 -13.33 16.75
N SER D 305 -34.66 -12.63 17.85
CA SER D 305 -33.64 -12.88 18.82
C SER D 305 -33.77 -14.29 19.35
N LEU D 306 -35.01 -14.71 19.60
CA LEU D 306 -35.32 -16.04 20.08
C LEU D 306 -34.94 -17.11 19.10
N GLU D 307 -35.24 -16.91 17.84
CA GLU D 307 -34.84 -17.88 16.86
C GLU D 307 -33.33 -18.01 16.83
N GLU D 308 -32.65 -16.89 16.85
CA GLU D 308 -31.21 -16.87 16.80
C GLU D 308 -30.52 -17.56 17.99
N ILE D 309 -30.94 -17.25 19.20
CA ILE D 309 -30.41 -17.83 20.39
C ILE D 309 -30.62 -19.33 20.46
N THR D 310 -31.75 -19.79 19.94
CA THR D 310 -32.09 -21.19 19.97
C THR D 310 -31.10 -22.02 19.18
N ASP D 311 -30.55 -21.42 18.15
CA ASP D 311 -29.57 -22.07 17.31
C ASP D 311 -28.31 -22.41 18.07
N ILE D 312 -28.02 -21.69 19.13
CA ILE D 312 -26.81 -21.96 19.88
C ILE D 312 -27.04 -22.46 21.30
N ALA D 313 -28.28 -22.72 21.65
CA ALA D 313 -28.63 -22.91 23.02
C ALA D 313 -28.99 -24.35 23.27
N GLU D 314 -28.81 -24.76 24.52
CA GLU D 314 -29.22 -26.08 24.96
C GLU D 314 -30.69 -26.26 24.67
N PRO D 315 -31.04 -27.35 24.01
CA PRO D 315 -32.44 -27.61 23.71
C PRO D 315 -33.27 -27.47 24.93
N GLY D 316 -34.33 -26.68 24.83
CA GLY D 316 -35.25 -26.52 25.92
C GLY D 316 -34.95 -25.35 26.82
N SER D 317 -33.82 -24.71 26.65
CA SER D 317 -33.43 -23.67 27.56
C SER D 317 -33.90 -22.30 27.19
N ALA D 318 -34.37 -22.10 25.97
CA ALA D 318 -34.69 -20.77 25.51
C ALA D 318 -36.08 -20.22 25.87
N ALA D 319 -36.08 -19.06 26.50
CA ALA D 319 -37.31 -18.41 26.92
C ALA D 319 -37.23 -16.90 26.95
N VAL D 320 -38.36 -16.25 26.86
CA VAL D 320 -38.48 -14.82 27.01
C VAL D 320 -38.91 -14.62 28.41
N ILE D 321 -38.12 -13.94 29.22
CA ILE D 321 -38.50 -13.80 30.60
C ILE D 321 -39.19 -12.53 31.09
N ASP D 322 -39.17 -11.42 30.37
CA ASP D 322 -40.03 -10.32 30.77
C ASP D 322 -40.63 -9.63 29.58
N PHE D 323 -41.62 -10.24 28.96
CA PHE D 323 -42.03 -9.83 27.66
C PHE D 323 -42.71 -8.49 27.62
N MET D 324 -42.22 -7.62 26.78
CA MET D 324 -42.85 -6.38 26.47
C MET D 324 -43.19 -5.57 27.70
N THR D 325 -42.26 -5.51 28.64
CA THR D 325 -42.43 -4.65 29.77
C THR D 325 -41.76 -3.31 29.53
N VAL D 326 -42.29 -2.27 30.12
CA VAL D 326 -41.67 -0.96 30.07
C VAL D 326 -40.53 -0.92 31.05
N ARG D 327 -39.36 -0.52 30.55
CA ARG D 327 -38.16 -0.44 31.36
C ARG D 327 -37.71 1.02 31.53
N GLU D 328 -37.25 1.36 32.72
CA GLU D 328 -36.93 2.73 33.05
C GLU D 328 -35.45 3.02 32.96
N GLN D 333 -37.72 5.93 28.83
CA GLN D 333 -38.26 4.60 28.94
C GLN D 333 -38.70 4.04 27.63
N HIS D 334 -38.46 2.75 27.43
CA HIS D 334 -39.00 1.99 26.30
C HIS D 334 -39.35 0.53 26.64
N LEU D 335 -40.12 -0.12 25.79
CA LEU D 335 -40.46 -1.53 25.97
C LEU D 335 -39.26 -2.39 25.75
N GLY D 336 -39.10 -3.41 26.56
CA GLY D 336 -38.01 -4.34 26.43
C GLY D 336 -38.42 -5.75 26.76
N SER D 337 -37.63 -6.72 26.31
CA SER D 337 -37.80 -8.12 26.68
C SER D 337 -36.46 -8.74 27.01
N THR D 338 -36.48 -9.74 27.85
CA THR D 338 -35.27 -10.42 28.20
C THR D 338 -35.34 -11.85 27.70
N ILE D 339 -34.40 -12.23 26.86
CA ILE D 339 -34.36 -13.53 26.25
C ILE D 339 -33.18 -14.29 26.78
N ARG D 340 -33.44 -15.48 27.28
CA ARG D 340 -32.50 -16.20 28.11
C ARG D 340 -32.41 -17.60 27.61
N ALA D 341 -31.28 -18.23 27.85
CA ALA D 341 -31.00 -19.53 27.32
C ALA D 341 -29.80 -20.03 28.06
N ARG D 342 -29.38 -21.26 27.80
CA ARG D 342 -28.15 -21.82 28.30
C ARG D 342 -27.34 -22.27 27.12
N LEU D 343 -26.06 -21.95 27.13
CA LEU D 343 -25.21 -22.24 26.00
C LEU D 343 -24.97 -23.71 25.84
N ASP D 344 -25.15 -24.18 24.63
CA ASP D 344 -24.98 -25.57 24.36
C ASP D 344 -23.52 -25.92 24.35
N PRO D 345 -23.17 -27.09 24.89
CA PRO D 345 -21.78 -27.53 25.01
C PRO D 345 -20.97 -27.46 23.73
N SER D 346 -21.64 -27.57 22.59
CA SER D 346 -20.99 -27.49 21.28
C SER D 346 -20.95 -26.10 20.74
N SER D 347 -21.40 -25.13 21.53
CA SER D 347 -21.34 -23.74 21.10
C SER D 347 -20.54 -22.92 22.07
N ASP D 348 -20.08 -21.79 21.60
CA ASP D 348 -19.15 -20.94 22.31
C ASP D 348 -19.67 -19.52 22.30
N ARG D 349 -19.02 -18.65 23.03
CA ARG D 349 -19.42 -17.27 23.15
C ARG D 349 -19.37 -16.47 21.85
N MET D 350 -18.36 -16.70 21.06
CA MET D 350 -18.28 -15.95 19.83
C MET D 350 -19.42 -16.40 18.96
N ALA D 351 -19.78 -17.65 19.05
CA ALA D 351 -20.91 -18.15 18.31
C ALA D 351 -22.22 -17.50 18.75
N ALA D 352 -22.36 -17.24 20.02
CA ALA D 352 -23.51 -16.52 20.50
C ALA D 352 -23.56 -15.11 19.96
N LEU D 353 -22.42 -14.44 19.95
CA LEU D 353 -22.31 -13.08 19.49
C LEU D 353 -22.64 -13.00 18.02
N GLU D 354 -22.12 -13.94 17.28
CA GLU D 354 -22.35 -14.07 15.87
C GLU D 354 -23.82 -14.32 15.54
N ALA D 355 -24.45 -15.21 16.28
CA ALA D 355 -25.87 -15.51 16.08
C ALA D 355 -26.75 -14.30 16.33
N LEU D 356 -26.34 -13.46 17.25
CA LEU D 356 -27.07 -12.28 17.62
C LEU D 356 -26.69 -10.96 16.93
N PHE D 357 -25.78 -11.02 15.99
CA PHE D 357 -25.17 -9.86 15.38
C PHE D 357 -25.54 -9.76 13.89
N PRO D 358 -25.76 -8.58 13.35
CA PRO D 358 -25.81 -7.33 14.09
C PRO D 358 -27.16 -7.12 14.72
N ALA D 359 -27.27 -6.23 15.68
CA ALA D 359 -28.54 -5.97 16.32
C ALA D 359 -29.56 -5.43 15.34
N VAL D 360 -30.79 -5.89 15.51
CA VAL D 360 -31.93 -5.51 14.69
C VAL D 360 -32.13 -4.02 14.87
N THR D 361 -31.76 -3.53 16.02
CA THR D 361 -31.94 -2.17 16.40
C THR D 361 -31.23 -1.24 15.44
N ALA D 362 -30.07 -1.63 14.96
CA ALA D 362 -29.36 -0.83 14.02
C ALA D 362 -29.18 -1.50 12.68
N SER D 363 -29.99 -2.48 12.38
CA SER D 363 -29.94 -3.02 11.03
C SER D 363 -31.18 -3.00 10.18
N GLY D 364 -31.98 -4.04 10.28
CA GLY D 364 -33.18 -4.12 9.49
C GLY D 364 -34.03 -5.33 9.77
N ILE D 365 -35.25 -5.29 9.28
CA ILE D 365 -36.13 -6.45 9.25
C ILE D 365 -36.71 -6.74 7.88
N PRO D 366 -36.46 -7.91 7.36
CA PRO D 366 -35.62 -8.93 7.97
C PRO D 366 -34.14 -8.63 7.87
N LYS D 367 -33.35 -9.21 8.77
CA LYS D 367 -31.96 -8.84 8.96
C LYS D 367 -31.11 -8.99 7.73
N ALA D 368 -31.25 -10.06 6.99
CA ALA D 368 -30.41 -10.21 5.84
C ALA D 368 -30.65 -9.09 4.83
N ALA D 369 -31.91 -8.82 4.57
CA ALA D 369 -32.32 -7.77 3.66
C ALA D 369 -31.97 -6.36 4.10
N GLY D 370 -32.06 -6.09 5.39
CA GLY D 370 -31.65 -4.82 5.90
C GLY D 370 -30.16 -4.59 5.74
N VAL D 371 -29.38 -5.60 6.06
CA VAL D 371 -27.96 -5.53 5.91
C VAL D 371 -27.57 -5.35 4.46
N GLU D 372 -28.25 -6.01 3.57
CA GLU D 372 -27.93 -5.81 2.18
C GLU D 372 -28.19 -4.39 1.80
N ALA D 373 -29.28 -3.84 2.30
CA ALA D 373 -29.72 -2.51 1.96
C ALA D 373 -28.73 -1.48 2.40
N ILE D 374 -28.18 -1.72 3.57
CA ILE D 374 -27.24 -0.85 4.24
C ILE D 374 -25.99 -0.72 3.39
N PHE D 375 -25.63 -1.80 2.72
CA PHE D 375 -24.48 -1.78 1.86
C PHE D 375 -24.67 -0.78 0.75
N ARG D 376 -25.85 -0.80 0.14
CA ARG D 376 -26.25 0.11 -0.91
C ARG D 376 -26.50 1.55 -0.53
N LEU D 377 -27.11 1.73 0.63
CA LEU D 377 -27.70 2.99 0.98
C LEU D 377 -27.09 3.76 2.13
N ASP D 378 -26.02 3.25 2.70
CA ASP D 378 -25.40 3.86 3.85
C ASP D 378 -23.94 3.94 3.54
N GLU D 379 -23.20 4.76 4.27
CA GLU D 379 -21.78 4.89 3.99
C GLU D 379 -21.04 3.77 4.66
N CYS D 380 -20.31 3.01 3.86
CA CYS D 380 -19.72 1.78 4.33
C CYS D 380 -18.25 1.79 4.09
N PRO D 381 -17.48 1.11 4.92
CA PRO D 381 -17.95 0.45 6.12
C PRO D 381 -18.32 1.38 7.26
N ARG D 382 -19.24 0.90 8.05
CA ARG D 382 -19.67 1.47 9.29
C ARG D 382 -18.64 1.46 10.38
N GLY D 383 -17.83 0.44 10.40
CA GLY D 383 -16.90 0.24 11.46
C GLY D 383 -17.53 0.06 12.81
N LEU D 384 -17.07 0.85 13.74
CA LEU D 384 -17.48 0.75 15.10
C LEU D 384 -18.95 1.01 15.28
N TYR D 385 -19.50 1.95 14.52
CA TYR D 385 -20.89 2.32 14.63
C TYR D 385 -21.79 1.17 14.24
N SER D 386 -22.71 0.83 15.15
CA SER D 386 -23.68 -0.25 15.04
C SER D 386 -23.07 -1.65 15.23
N GLY D 387 -21.81 -1.66 15.63
CA GLY D 387 -21.10 -2.82 16.07
C GLY D 387 -21.15 -2.89 17.56
N ALA D 388 -20.13 -3.44 18.17
CA ALA D 388 -20.09 -3.61 19.61
C ALA D 388 -18.73 -3.40 20.22
N VAL D 389 -18.77 -3.14 21.50
CA VAL D 389 -17.61 -3.05 22.32
C VAL D 389 -17.74 -4.19 23.28
N VAL D 390 -16.68 -4.96 23.46
CA VAL D 390 -16.75 -6.22 24.14
C VAL D 390 -15.76 -6.42 25.26
N MET D 391 -16.22 -7.16 26.26
CA MET D 391 -15.38 -7.59 27.35
C MET D 391 -15.43 -9.09 27.46
N LEU D 392 -14.28 -9.74 27.48
CA LEU D 392 -14.22 -11.18 27.48
C LEU D 392 -13.42 -11.75 28.63
N SER D 393 -13.91 -12.82 29.23
CA SER D 393 -13.25 -13.41 30.38
C SER D 393 -12.79 -14.82 30.09
N ALA D 394 -11.75 -15.26 30.78
CA ALA D 394 -11.16 -16.60 30.62
C ALA D 394 -12.08 -17.75 31.01
N ASP D 395 -12.88 -17.49 32.03
CA ASP D 395 -13.83 -18.44 32.54
C ASP D 395 -14.97 -18.59 31.56
N GLY D 396 -14.93 -17.78 30.51
CA GLY D 396 -15.90 -17.80 29.43
C GLY D 396 -16.98 -16.76 29.37
N GLY D 397 -16.91 -15.73 30.20
CA GLY D 397 -17.83 -14.61 30.13
C GLY D 397 -17.69 -13.72 28.91
N LEU D 398 -18.77 -13.07 28.50
CA LEU D 398 -18.75 -12.16 27.39
C LEU D 398 -19.74 -11.08 27.62
N ASP D 399 -19.37 -9.84 27.40
CA ASP D 399 -20.30 -8.76 27.44
C ASP D 399 -20.13 -7.91 26.21
N ALA D 400 -21.18 -7.75 25.44
CA ALA D 400 -21.14 -6.99 24.24
C ALA D 400 -22.21 -5.96 24.28
N ALA D 401 -21.83 -4.71 24.11
CA ALA D 401 -22.72 -3.59 24.14
C ALA D 401 -22.82 -3.01 22.74
N LEU D 402 -24.02 -2.65 22.31
CA LEU D 402 -24.24 -2.08 21.00
C LEU D 402 -23.68 -0.69 20.83
N THR D 403 -22.86 -0.47 19.82
CA THR D 403 -22.24 0.85 19.65
C THR D 403 -23.08 1.83 18.84
N LEU D 404 -23.73 2.71 19.58
CA LEU D 404 -24.51 3.81 19.11
C LEU D 404 -24.29 4.91 20.11
N ARG D 405 -24.63 6.12 19.74
CA ARG D 405 -24.41 7.29 20.57
C ARG D 405 -22.96 7.45 20.97
N ALA D 406 -22.11 7.43 19.96
CA ALA D 406 -20.69 7.40 20.09
C ALA D 406 -19.98 8.44 19.25
N ALA D 407 -18.79 8.78 19.67
CA ALA D 407 -17.90 9.66 18.96
C ALA D 407 -16.60 8.93 18.58
N TYR D 408 -16.09 9.25 17.41
CA TYR D 408 -14.92 8.64 16.84
C TYR D 408 -13.89 9.64 16.36
N GLN D 409 -12.62 9.34 16.60
CA GLN D 409 -11.52 9.97 15.96
C GLN D 409 -10.55 9.00 15.33
N VAL D 410 -10.42 9.08 14.02
CA VAL D 410 -9.45 8.33 13.26
C VAL D 410 -8.79 9.12 12.18
N GLY D 411 -7.49 9.06 12.15
CA GLY D 411 -6.73 9.60 11.06
C GLY D 411 -6.94 11.07 10.79
N GLY D 412 -7.05 11.83 11.85
CA GLY D 412 -7.24 13.25 11.75
C GLY D 412 -8.66 13.69 11.60
N ARG D 413 -9.57 12.73 11.48
CA ARG D 413 -11.00 13.01 11.36
C ARG D 413 -11.76 12.67 12.63
N THR D 414 -12.61 13.59 13.07
CA THR D 414 -13.42 13.41 14.24
C THR D 414 -14.85 13.44 13.77
N TRP D 415 -15.61 12.43 14.14
CA TRP D 415 -16.96 12.41 13.68
C TRP D 415 -17.97 11.77 14.59
N LEU D 416 -19.21 12.07 14.30
CA LEU D 416 -20.33 11.56 15.03
C LEU D 416 -21.15 10.88 13.99
N ARG D 417 -21.86 9.83 14.39
CA ARG D 417 -22.76 9.13 13.50
C ARG D 417 -24.12 8.78 14.14
N ALA D 418 -25.21 9.12 13.49
CA ALA D 418 -26.52 8.70 13.97
C ALA D 418 -27.49 8.30 12.88
N GLY D 419 -28.49 7.54 13.26
CA GLY D 419 -29.37 6.87 12.34
C GLY D 419 -30.80 6.74 12.79
N ALA D 420 -31.67 6.33 11.87
CA ALA D 420 -33.07 6.14 12.18
C ALA D 420 -33.66 4.95 11.46
N GLY D 421 -34.57 4.25 12.09
CA GLY D 421 -35.22 3.15 11.41
C GLY D 421 -36.28 3.61 10.43
N ILE D 422 -36.18 3.13 9.22
CA ILE D 422 -37.05 3.54 8.17
C ILE D 422 -38.04 2.44 7.88
N ILE D 423 -39.30 2.83 7.73
CA ILE D 423 -40.40 1.91 7.48
C ILE D 423 -41.23 2.57 6.44
N GLU D 424 -42.30 1.94 6.00
CA GLU D 424 -43.02 2.45 4.84
C GLU D 424 -43.58 3.84 5.04
N GLU D 425 -44.12 4.06 6.22
CA GLU D 425 -44.75 5.29 6.59
C GLU D 425 -43.76 6.45 6.66
N SER D 426 -42.49 6.08 6.72
CA SER D 426 -41.44 6.97 7.12
C SER D 426 -41.24 8.17 6.22
N GLU D 427 -40.96 9.32 6.81
CA GLU D 427 -40.75 10.55 6.05
C GLU D 427 -39.38 11.15 6.24
N PRO D 428 -38.77 11.58 5.15
CA PRO D 428 -37.36 11.93 5.18
C PRO D 428 -37.03 13.06 6.12
N GLU D 429 -37.80 14.13 6.11
CA GLU D 429 -37.55 15.25 6.99
C GLU D 429 -37.69 14.85 8.40
N ARG D 430 -38.68 14.03 8.68
CA ARG D 430 -38.88 13.63 10.03
C ARG D 430 -37.69 12.85 10.47
N GLU D 431 -37.20 12.01 9.58
CA GLU D 431 -36.13 11.09 9.89
C GLU D 431 -34.89 11.85 10.24
N PHE D 432 -34.65 12.90 9.48
CA PHE D 432 -33.49 13.70 9.67
C PHE D 432 -33.51 14.32 11.02
N GLU D 433 -34.68 14.73 11.45
CA GLU D 433 -34.84 15.30 12.75
C GLU D 433 -34.55 14.31 13.85
N GLU D 434 -34.90 13.06 13.62
CA GLU D 434 -34.64 11.99 14.58
C GLU D 434 -33.16 11.77 14.81
N THR D 435 -32.39 11.84 13.74
CA THR D 435 -30.95 11.75 13.86
C THR D 435 -30.43 12.90 14.66
N CYS D 436 -31.01 14.06 14.48
CA CYS D 436 -30.59 15.21 15.23
C CYS D 436 -30.87 14.95 16.67
N GLU D 437 -31.99 14.34 16.95
CA GLU D 437 -32.35 14.14 18.32
C GLU D 437 -31.33 13.23 18.94
N LYS D 438 -30.98 12.21 18.20
CA LYS D 438 -30.05 11.20 18.66
C LYS D 438 -28.66 11.74 18.87
N LEU D 439 -28.30 12.66 18.01
CA LEU D 439 -27.05 13.35 18.08
C LEU D 439 -26.93 14.16 19.35
N SER D 440 -28.06 14.61 19.87
CA SER D 440 -28.20 15.50 21.02
C SER D 440 -27.63 14.85 22.22
N THR D 441 -27.51 13.55 22.14
CA THR D 441 -26.92 12.77 23.19
C THR D 441 -25.47 13.20 23.39
N LEU D 442 -24.82 13.55 22.31
CA LEU D 442 -23.44 13.97 22.38
C LEU D 442 -23.14 15.45 22.15
N THR D 443 -23.92 16.10 21.30
CA THR D 443 -23.57 17.40 20.74
C THR D 443 -23.40 18.51 21.76
N PRO D 444 -24.18 18.50 22.82
CA PRO D 444 -24.02 19.46 23.89
C PRO D 444 -22.78 19.27 24.71
N TYR D 445 -22.16 18.11 24.63
CA TYR D 445 -21.11 17.74 25.58
C TYR D 445 -19.66 17.58 25.08
N LEU D 446 -19.33 18.20 23.97
CA LEU D 446 -18.01 18.07 23.39
C LEU D 446 -16.96 19.02 23.95
N VAL D 447 -16.01 18.49 24.68
CA VAL D 447 -14.89 19.28 25.16
C VAL D 447 -13.75 19.29 24.17
N ALA D 448 -13.45 20.46 23.65
CA ALA D 448 -12.39 20.64 22.68
C ALA D 448 -11.00 20.32 23.23
N ARG D 449 -10.11 19.96 22.32
CA ARG D 449 -8.68 19.83 22.57
C ARG D 449 -8.21 18.42 22.78
#